data_8T8F
#
_entry.id   8T8F
#
_cell.length_a   1.00
_cell.length_b   1.00
_cell.length_c   1.00
_cell.angle_alpha   90.00
_cell.angle_beta   90.00
_cell.angle_gamma   90.00
#
_symmetry.space_group_name_H-M   'P 1'
#
loop_
_entity.id
_entity.type
_entity.pdbx_description
1 polymer 'DNA repair protein KRE29'
2 polymer 'Non-structural maintenance of chromosome element 5'
3 polymer 'Structural maintenance of chromosomes protein 5'
4 polymer 'Structural maintenance of chromosomes protein 6'
5 polymer 'Non-structural maintenance of chromosome element 4'
#
loop_
_entity_poly.entity_id
_entity_poly.type
_entity_poly.pdbx_seq_one_letter_code
_entity_poly.pdbx_strand_id
1 'polypeptide(L)'
;MGSVNSSPNEEFETVPDSQISGFDSPLIPTSVGSYFRDDDDDEKVHPNFISDPENDSLNSDEEFSSLENSDLNLSGAKAE
SGDDFDPILKRTIISKRKAPSNNEDEEIVKTPRKLVNYVPLKIFNLGDSFDDTITTTVAKLQDLKKEILDSPRSNKSIVI
TSNTVAKSELQKSIKFSGSIPEIYLDVVTKETISDKYKDWHFISKNCHYEQLMDLEMKDTAYSFLFGSSRSQGKVPEFVH
LKCPSITNLLVLFGVNQEKCNSLKINYEKKENSRYDNLCTIFPVNKMLKFLMYFYSDDDNDDVREFFLKAFICLILDRKV
FNAMESDHRLCFKVLELFNEAHFINSYFEIVDKNDFFLHYRLLQIFPHLQSALLRRRFSEKQGRTETIQQNIIKEFNEFF
DCKNYKNLLYFILTMYGSKFIPFGPKCQVTEYFKDCILDISNETTNDVEISILKGILNLFSKIR
;
B
2 'polypeptide(L)'
;MDGALINSVLYVSPRNGAHYFVELTEKHLLAFEMLNSMCLLENYDHVLLFLECQFGKSHNLAVIPFDIILVLFTLSTLSE
YYKEPILRANDPYNTSRETLSRRALKLLQKYLAILKEFDSEQYNLYDLELLRCQFFLAIDTLTPKKQKWGFDRFRRTKSE
SGVTYRQNASVDPELDQAKTFKNPYRSYISCLEQRNTILGNRLLNLKLNEPGEFINMILWTLSNSLQESTPLFLSSHEIW
MPLLEILIDLFSCRQDYFIQHEVAQNVSKSLFVQRLSESPLAVFFESLNTRNFANRFSEYVFLNCDYKLPSDNYATPVHP
VYNGENTIVDTYIPTIKCSPLYKSQKSLALRRKLIGSCFKLLLRVPDGHRLITPRIVADDVIQGISRTLASFNDILQFKK
FFMTENLSQESYFIPLLAEGTLSEILKDTQECVVILTLVENLSDGVSFCNEVIGLVKSKCFAFTEQCSQASYEEAVLNIE
KCDVCLLVLLRYLLHLIGTEAILDAKEQLEMLHAIEKNDSGRRQWAKALNLGNDPPLLYPIVSQMFGVHDKSVIIE
;
C
3 'polypeptide(L)'
;MTSLIDLGRYVERTHHGEDTEPRSKRVKIAKPDLSSFQPGSIIKIRLQDFVTYTLTEFNLSPSLNMIIGPNGSGKSTFVC
AVCLGLAGKPEYIGRSKKVEDFIKNGQDVSKIEITLKNSPNVTDIEYIDARDETIKITRIITRSKRRSDYLINDYQVSES
VVKTLVAQLNIQLDNLCQFLSQERVEEFARLKSVKLLVETIRSIDASLLDVLDELRELQGNEQSLQKDLDFKKAKIVHLR
QESDKLRKSVESLRDFQNKKGEIELHSQLLPYVKVKDHKEKLNIYKEEYERAKANLRAILKDKKPFANTKKTLENQVEEL
TEKCSLKTDEFLKAKEKINEIFEKLNTIRDEVIKKKNQNEYYRGRTKKLQATIISTKEDFLRSQEILAQTHLPEKSVFED
IDIKRKEIINKEGEIRDLISEIDAKANAINHEMRSIQRQAESKTKSLTTTDKIGILNQDQDLKEVRDAVLMVREHPEMKD
KILEPPIMTVSAINAQFAAYLAQCVDYNTSKALTVVDSDSYKLFANPILDKFKVNLRELSSADTTPPVPAETVRDLGFEG
YLSDFITGDKRVMKMLCQTSKIHTIPVSRRELTPAQIKKLITPRPNGKILFKRIIHGNRLVDIKQSAYGSKQVFPTDVSI
KQTNFYQGSIMSNEQKIRIENEIINLKNEYNDRKSTLDALSNQKSGYRHELSELASKNDDINREAHQLNEIRKKYTMRKS
TIETLREKLDQLKREARKDVSQKIKDIDDQIQQLLLKQRHLLSKMASSMKSLKNCQKELISTQILQFEAQNMDVSMNDVI
GFFNEREADLKSQYEDKKKFVKEMRDTPEFQSWMREIRSYDQDTKEKLNKVAEKYEEEGNFNLSFVQDVLDKLESEIAMV
NHDESAVTILDQVTAELRELEHTVPQQSKDLETIKAKLKEDHAVLEPKLDDIVSKISARFARLFNNVGSAGAVRLEKPKD
YAEWKIEIMVKFRDNAPLKKLDSHTQSGGERAVSTVLYMIALQEFTSAPFRVVDQINQGMDSRNERIVHKAMVENACAEN
TSQYFLITPKLLTGLHYHEKMRIHCVMAGSWIPNPSEDPKMIHFGETSNYSFD
;
D
4 'polypeptide(L)'
;MISTTISGKRPIEQVDDELLSLTAQQENEEQQQQRKRRRHQFAPMTQFNSNTLDEDSGFRSSSDVATADQDNFLEESPSG
YIKKVILRNFMCHEHFELELGSRLNFIVGNNGSGKSAILTAITIGLGAKASETNRGSSLKDLIREGCYSAKIILHLDNSK
YGAYQQGIFGNEIIVERIIKRDGPASFSLRSENGKEISNKKKDIQTVVDYFSVPVSNPMCFLSQDAARSFLTASTSQDKY
SHFMKGTLLQEITENLLYASAIHDSAQENMALHLENLKSLKAEYEDAKKLLRELNQTSDLNERKMLLQAKSLWIDVAHNT
DACKNLENEISGIQQKVDEVTEKIRNRQEKIERYTSDGTTIEAQIDAKVIYVNEKDSEHQNARELLRDVKSRFEKEKSNQ
AEAQSNIDQGRKKVDALNKTIAHLEEELTKEMGGDKDQMRQELEQLEKANEKLREVNNSLVVSLQDVKNEERDIQHERES
ELRTISRSIQNKKVELQNIAKGNDTFLMNFDRNMDRLLRTIEQRKNEFETPAIGPLGSLVTIRKGFEKWTRSIQRAISSS
LNAFVVSNPKDNRLFRDIMRSCGIRSNIPIVTYCLSQFDYSKGRAHGNYPTIVDALEFSKPEIECLFVDLSRIERIVLIE
DKNEARNFLQRNPVNVNMALSLRDRRSGFQLSGGYRLDTVTYQDKIRLKVNSSSDNGTQYLKDLIEQETKELQNIRDRYE
EKLSEVRSRLKEIDGRLKSTKNEMRKTNFRMTELKMNVGKVVDTGILNSKINERKNQEQAIASYEAAKEELGLKIEQIAQ
EAQPIKEQYDSTKLALVEAQDELQQLKEDINSRQSKIQKYKDDTIYYEDKKKVYLENIKKIEVNVAALKEGIQRQIQNAC
AFCSKERIENVDLPDTQEEIKRELDKVSRMIQKAEKSLGLSQEEVIALFEKCRNKYKEGQKKYMEIDEALNRLHNSLKAR
DQNYKNAEKGTCFDADMDFRASLKVRKFSGNLSFIKDTKSLEIYILTTNDEKARNVDTLSGGEKSFSQMALLLATWKPMR
SRIIALDQFDVFMDQVNRKIGTTLIVKKLKDIARTQTIIITPQDIGKIADIDSSGVSIHRMRDPERQNNSNFYN
;
E
5 'polypeptide(L)'
;MSSTVISRKRRNSTVTEPDSSGETRKQKKSRSDEKSSSSKDGDPQLEFKVLQGYRDLESEMHKGRAQVTRTGDIGVAMDN
LNAVDSLFNKVIGIKNNGLFAHDARAMVSISELAQISVRNLKFDDSRSMVNLENIVNSLKRYMLKEHFKLNNIAENRNDL
TLAADEQSAADQQEESDGDIDRTPDDNHTDKATSSFKATSMRHSYLQQFSHYNEFSQFNWFRIGALYNTISKNAPITDHL
MGPLSIEKKPRVLTQRRRNNDQVGEKITAEKITQHSLNSTQQETTPEQVKKCFKKLSKKLGPEGSINLFKFIIDPNSFSR
SIENLFYTSFLIKEGKLLMEHDEEGLPTIKIKQSISHTDSRSKEIERQRRRAAHQNHIIFQMDMPTWRKLIKKYNITSPF
LD
;
G
#
# COMPACT_ATOMS: atom_id res chain seq x y z
N LYS A 196 -22.61 -22.25 -2.26
CA LYS A 196 -22.25 -21.17 -1.34
C LYS A 196 -21.93 -21.74 0.03
N TYR A 197 -22.94 -22.33 0.67
CA TYR A 197 -22.79 -22.96 1.98
C TYR A 197 -23.13 -24.45 1.92
N LYS A 198 -23.43 -24.97 0.74
CA LYS A 198 -24.02 -26.30 0.61
C LYS A 198 -23.28 -27.06 -0.48
N ASP A 199 -22.36 -27.94 -0.09
CA ASP A 199 -21.40 -28.56 -1.01
C ASP A 199 -21.23 -30.06 -0.72
N TRP A 200 -22.35 -30.79 -0.69
CA TRP A 200 -22.36 -32.26 -0.73
C TRP A 200 -21.98 -33.02 0.54
N HIS A 201 -21.39 -32.34 1.53
CA HIS A 201 -21.44 -32.77 2.93
C HIS A 201 -21.50 -34.29 3.11
N PHE A 202 -20.53 -35.02 2.53
CA PHE A 202 -20.68 -36.47 2.33
C PHE A 202 -21.04 -37.19 3.62
N ILE A 203 -20.49 -36.74 4.75
CA ILE A 203 -20.88 -37.26 6.06
C ILE A 203 -22.13 -36.49 6.49
N SER A 204 -23.23 -37.21 6.66
CA SER A 204 -24.50 -36.62 7.04
C SER A 204 -24.87 -36.89 8.50
N LYS A 205 -24.82 -38.15 8.93
CA LYS A 205 -25.14 -38.50 10.30
C LYS A 205 -23.93 -38.22 11.21
N ASN A 206 -24.17 -38.34 12.52
CA ASN A 206 -23.10 -38.17 13.48
C ASN A 206 -22.18 -39.39 13.48
N CYS A 207 -20.99 -39.22 14.04
CA CYS A 207 -19.98 -40.26 14.06
C CYS A 207 -20.12 -41.11 15.31
N HIS A 208 -19.68 -42.36 15.22
CA HIS A 208 -19.76 -43.32 16.33
C HIS A 208 -18.45 -43.23 17.10
N TYR A 209 -18.39 -42.25 18.00
CA TYR A 209 -17.12 -41.85 18.61
C TYR A 209 -16.56 -42.87 19.59
N GLU A 210 -17.40 -43.55 20.37
CA GLU A 210 -16.87 -44.49 21.35
C GLU A 210 -16.20 -45.69 20.68
N GLN A 211 -16.87 -46.30 19.70
CA GLN A 211 -16.27 -47.43 19.00
C GLN A 211 -15.05 -46.99 18.21
N LEU A 212 -15.06 -45.79 17.64
CA LEU A 212 -13.90 -45.28 16.94
C LEU A 212 -12.72 -45.08 17.89
N MET A 213 -12.98 -44.57 19.09
CA MET A 213 -11.90 -44.40 20.07
C MET A 213 -11.36 -45.75 20.52
N ASP A 214 -12.24 -46.73 20.73
CA ASP A 214 -11.77 -48.07 21.07
C ASP A 214 -10.91 -48.66 19.96
N LEU A 215 -11.31 -48.44 18.71
CA LEU A 215 -10.56 -49.01 17.60
C LEU A 215 -9.25 -48.26 17.39
N GLU A 216 -9.19 -46.96 17.76
CA GLU A 216 -7.90 -46.30 17.90
C GLU A 216 -7.03 -46.99 18.94
N MET A 217 -7.61 -47.27 20.10
CA MET A 217 -6.84 -47.88 21.18
C MET A 217 -6.28 -49.22 20.75
N LYS A 218 -7.01 -49.94 19.89
CA LYS A 218 -6.49 -51.18 19.33
C LYS A 218 -5.42 -50.92 18.26
N ASP A 219 -5.63 -49.93 17.39
CA ASP A 219 -4.74 -49.74 16.24
C ASP A 219 -3.41 -49.12 16.64
N THR A 220 -3.40 -48.26 17.66
CA THR A 220 -2.20 -47.50 17.99
C THR A 220 -1.03 -48.40 18.40
N ALA A 221 -1.28 -49.66 18.77
CA ALA A 221 -0.22 -50.63 19.02
C ALA A 221 0.05 -51.49 17.80
N TYR A 222 -0.59 -51.20 16.66
CA TYR A 222 -0.46 -51.99 15.44
C TYR A 222 0.64 -51.45 14.52
N SER A 223 1.38 -50.45 14.99
CA SER A 223 2.35 -49.77 14.15
C SER A 223 3.77 -50.27 14.32
N PHE A 224 4.14 -50.75 15.52
CA PHE A 224 5.50 -51.20 15.76
C PHE A 224 5.64 -52.72 15.89
N LEU A 225 4.58 -53.48 15.59
CA LEU A 225 4.67 -54.92 15.44
C LEU A 225 4.53 -55.38 13.99
N PHE A 226 3.90 -54.57 13.14
CA PHE A 226 3.98 -54.68 11.67
C PHE A 226 4.32 -53.28 11.16
N GLY A 227 4.10 -53.07 9.87
CA GLY A 227 4.50 -51.85 9.22
C GLY A 227 4.98 -52.10 7.82
N SER A 228 5.39 -53.34 7.53
CA SER A 228 5.70 -53.78 6.18
C SER A 228 4.81 -54.93 5.73
N SER A 229 4.68 -55.97 6.55
CA SER A 229 3.78 -57.07 6.24
C SER A 229 2.34 -56.69 6.53
N ARG A 230 1.43 -57.21 5.70
CA ARG A 230 0.00 -56.95 5.87
C ARG A 230 -0.60 -57.87 6.92
N GLU A 237 -5.37 -58.58 8.80
CA GLU A 237 -5.50 -57.69 9.95
C GLU A 237 -6.63 -58.15 10.86
N PHE A 238 -6.30 -58.35 12.14
CA PHE A 238 -7.29 -58.71 13.15
C PHE A 238 -7.53 -57.59 14.15
N VAL A 239 -6.83 -56.47 14.02
CA VAL A 239 -7.05 -55.32 14.91
C VAL A 239 -8.45 -54.75 14.70
N HIS A 240 -9.00 -54.91 13.50
CA HIS A 240 -10.33 -54.39 13.17
C HIS A 240 -11.20 -55.53 12.68
N LEU A 241 -12.20 -55.90 13.48
CA LEU A 241 -13.20 -56.88 13.08
C LEU A 241 -14.61 -56.39 13.39
N LYS A 242 -14.74 -55.28 14.13
CA LYS A 242 -16.04 -54.65 14.34
C LYS A 242 -16.61 -54.06 13.06
N CYS A 243 -15.78 -53.91 12.01
CA CYS A 243 -16.22 -53.45 10.70
C CYS A 243 -15.74 -54.47 9.69
N PRO A 244 -16.44 -55.60 9.57
CA PRO A 244 -15.98 -56.65 8.65
C PRO A 244 -15.94 -56.21 7.20
N SER A 245 -16.79 -55.27 6.81
CA SER A 245 -16.85 -54.79 5.43
C SER A 245 -16.66 -53.28 5.39
N ILE A 246 -16.36 -52.79 4.19
CA ILE A 246 -16.15 -51.35 3.99
C ILE A 246 -17.40 -50.56 4.36
N THR A 247 -18.58 -51.11 4.05
CA THR A 247 -19.82 -50.42 4.37
C THR A 247 -19.99 -50.26 5.88
N ASN A 248 -19.56 -51.26 6.66
CA ASN A 248 -19.64 -51.15 8.11
C ASN A 248 -18.76 -50.01 8.62
N LEU A 249 -17.54 -49.90 8.09
CA LEU A 249 -16.66 -48.80 8.49
C LEU A 249 -17.27 -47.46 8.12
N LEU A 250 -17.83 -47.36 6.92
CA LEU A 250 -18.44 -46.09 6.51
C LEU A 250 -19.64 -45.75 7.37
N VAL A 251 -20.43 -46.74 7.76
CA VAL A 251 -21.57 -46.51 8.64
C VAL A 251 -21.11 -46.03 10.01
N LEU A 252 -20.08 -46.68 10.56
CA LEU A 252 -19.50 -46.21 11.82
C LEU A 252 -18.97 -44.78 11.69
N PHE A 253 -18.53 -44.40 10.50
CA PHE A 253 -18.04 -43.05 10.29
C PHE A 253 -19.14 -42.00 10.46
N GLY A 254 -20.38 -42.35 10.11
CA GLY A 254 -21.47 -41.40 10.14
C GLY A 254 -22.15 -41.29 8.80
N VAL A 255 -21.91 -42.26 7.92
CA VAL A 255 -22.51 -42.28 6.60
C VAL A 255 -23.76 -43.14 6.64
N ASN A 256 -24.74 -42.82 5.79
CA ASN A 256 -26.02 -43.51 5.80
C ASN A 256 -25.93 -44.79 4.97
N GLN A 257 -27.07 -45.44 4.78
CA GLN A 257 -27.12 -46.71 4.07
C GLN A 257 -26.81 -46.51 2.59
N GLU A 258 -26.46 -47.61 1.92
CA GLU A 258 -26.13 -47.66 0.50
C GLU A 258 -24.95 -46.73 0.18
N LYS A 259 -24.26 -46.23 1.20
CA LYS A 259 -23.15 -45.32 1.01
C LYS A 259 -22.05 -45.64 2.01
N LEU A 263 -23.38 -44.10 -3.67
CA LEU A 263 -22.05 -43.59 -3.97
C LEU A 263 -22.03 -42.83 -5.30
N LYS A 264 -22.91 -41.85 -5.44
CA LYS A 264 -23.03 -41.14 -6.71
C LYS A 264 -23.71 -39.79 -6.49
N ILE A 265 -23.42 -38.85 -7.38
CA ILE A 265 -24.08 -37.56 -7.43
C ILE A 265 -24.87 -37.46 -8.73
N ASN A 266 -26.18 -37.21 -8.61
CA ASN A 266 -27.07 -37.21 -9.75
C ASN A 266 -27.99 -35.98 -9.84
N TYR A 267 -28.11 -35.18 -8.78
CA TYR A 267 -28.60 -33.81 -8.79
C TYR A 267 -30.12 -33.66 -8.88
N GLU A 268 -30.90 -34.73 -8.79
CA GLU A 268 -32.35 -34.55 -8.87
C GLU A 268 -32.93 -33.98 -7.59
N LYS A 269 -32.40 -34.39 -6.43
CA LYS A 269 -32.96 -33.99 -5.15
C LYS A 269 -32.17 -32.89 -4.46
N LYS A 270 -31.53 -32.00 -5.24
CA LYS A 270 -30.67 -30.96 -4.69
C LYS A 270 -29.59 -31.60 -3.79
N GLU A 271 -29.00 -32.68 -4.31
CA GLU A 271 -28.11 -33.51 -3.49
C GLU A 271 -26.89 -32.73 -3.03
N ASN A 272 -26.22 -32.04 -3.94
CA ASN A 272 -25.09 -31.20 -3.55
C ASN A 272 -25.56 -29.80 -3.18
N SER A 273 -26.61 -29.77 -2.36
CA SER A 273 -27.10 -28.52 -1.78
C SER A 273 -27.56 -28.74 -0.34
N ARG A 274 -27.12 -29.82 0.29
CA ARG A 274 -27.48 -30.08 1.68
C ARG A 274 -26.80 -29.06 2.58
N TYR A 275 -27.52 -28.62 3.61
CA TYR A 275 -27.06 -27.54 4.48
C TYR A 275 -26.03 -28.08 5.47
N ASP A 276 -25.74 -27.26 6.49
CA ASP A 276 -24.67 -27.59 7.44
C ASP A 276 -24.83 -28.99 8.02
N ASN A 277 -25.95 -29.24 8.68
CA ASN A 277 -26.20 -30.51 9.35
C ASN A 277 -25.07 -30.83 10.32
N LEU A 278 -24.99 -30.01 11.36
CA LEU A 278 -23.81 -29.94 12.22
C LEU A 278 -23.75 -31.22 13.06
N CYS A 279 -23.16 -32.24 12.45
CA CYS A 279 -22.76 -33.46 13.14
C CYS A 279 -21.24 -33.52 13.19
N THR A 280 -20.71 -33.76 14.38
CA THR A 280 -19.26 -33.80 14.55
C THR A 280 -18.67 -34.96 13.75
N ILE A 281 -17.55 -34.70 13.09
CA ILE A 281 -16.89 -35.66 12.22
C ILE A 281 -15.54 -36.02 12.83
N PHE A 282 -14.95 -37.05 12.29
CA PHE A 282 -13.75 -37.58 12.89
C PHE A 282 -12.51 -37.04 12.14
N PRO A 283 -11.36 -36.96 12.82
CA PRO A 283 -10.15 -36.48 12.13
C PRO A 283 -9.77 -37.32 10.92
N VAL A 284 -9.15 -36.66 9.94
CA VAL A 284 -9.05 -37.19 8.58
C VAL A 284 -7.83 -38.08 8.39
N ASN A 285 -6.69 -37.72 8.99
CA ASN A 285 -5.46 -38.46 8.75
C ASN A 285 -5.55 -39.89 9.24
N LYS A 286 -6.17 -40.09 10.41
CA LYS A 286 -6.57 -41.39 10.94
C LYS A 286 -7.72 -42.02 10.17
N MET A 287 -8.59 -41.20 9.59
CA MET A 287 -9.66 -41.71 8.73
C MET A 287 -9.07 -42.47 7.55
N LEU A 288 -8.11 -41.88 6.86
CA LEU A 288 -7.42 -42.58 5.79
C LEU A 288 -6.66 -43.80 6.33
N LYS A 289 -6.20 -43.74 7.58
CA LYS A 289 -5.43 -44.85 8.12
C LYS A 289 -6.29 -46.11 8.24
N PHE A 290 -7.51 -45.96 8.77
CA PHE A 290 -8.41 -47.12 8.71
C PHE A 290 -8.88 -47.48 7.31
N LEU A 291 -9.14 -46.51 6.43
CA LEU A 291 -9.58 -46.93 5.09
C LEU A 291 -8.52 -47.73 4.34
N MET A 292 -7.23 -47.40 4.50
CA MET A 292 -6.20 -48.07 3.73
C MET A 292 -6.14 -49.58 3.96
N TYR A 293 -6.69 -50.10 5.06
CA TYR A 293 -6.62 -51.53 5.33
C TYR A 293 -7.44 -52.37 4.36
N PHE A 294 -8.50 -51.81 3.78
CA PHE A 294 -9.40 -52.54 2.90
C PHE A 294 -8.90 -52.52 1.45
N TYR A 295 -7.61 -52.30 1.26
CA TYR A 295 -7.07 -52.16 -0.08
C TYR A 295 -7.22 -53.44 -0.88
N SER A 296 -6.74 -54.56 -0.34
CA SER A 296 -6.85 -55.88 -0.97
C SER A 296 -6.37 -55.84 -2.42
N ASP A 297 -5.07 -55.63 -2.58
CA ASP A 297 -4.49 -55.42 -3.91
C ASP A 297 -4.82 -56.57 -4.85
N ASP A 298 -4.62 -57.81 -4.40
CA ASP A 298 -4.88 -58.99 -5.22
C ASP A 298 -6.25 -59.53 -4.85
N ASP A 299 -7.29 -58.90 -5.40
CA ASP A 299 -8.66 -59.27 -5.09
C ASP A 299 -9.54 -58.91 -6.29
N ASN A 300 -10.85 -58.91 -6.08
CA ASN A 300 -11.79 -58.63 -7.15
C ASN A 300 -11.69 -57.18 -7.60
N ASP A 301 -12.06 -56.94 -8.87
CA ASP A 301 -12.04 -55.58 -9.39
C ASP A 301 -13.16 -54.73 -8.80
N ASP A 302 -14.32 -55.34 -8.55
CA ASP A 302 -15.48 -54.57 -8.08
C ASP A 302 -15.23 -53.96 -6.70
N VAL A 303 -14.63 -54.71 -5.78
CA VAL A 303 -14.37 -54.16 -4.46
C VAL A 303 -13.33 -53.05 -4.54
N ARG A 304 -12.34 -53.19 -5.41
CA ARG A 304 -11.35 -52.12 -5.60
C ARG A 304 -12.00 -50.87 -6.15
N GLU A 305 -12.91 -51.01 -7.11
CA GLU A 305 -13.62 -49.85 -7.64
C GLU A 305 -14.49 -49.21 -6.56
N PHE A 306 -15.18 -50.02 -5.75
CA PHE A 306 -15.98 -49.47 -4.67
C PHE A 306 -15.11 -48.70 -3.69
N PHE A 307 -13.93 -49.24 -3.37
CA PHE A 307 -13.01 -48.55 -2.46
C PHE A 307 -12.56 -47.22 -3.05
N LEU A 308 -12.23 -47.21 -4.35
CA LEU A 308 -11.81 -45.97 -4.99
C LEU A 308 -12.93 -44.93 -4.97
N LYS A 309 -14.16 -45.38 -5.24
CA LYS A 309 -15.31 -44.47 -5.21
C LYS A 309 -15.53 -43.91 -3.81
N ALA A 310 -15.43 -44.75 -2.78
CA ALA A 310 -15.58 -44.27 -1.42
C ALA A 310 -14.51 -43.26 -1.08
N PHE A 311 -13.27 -43.53 -1.47
CA PHE A 311 -12.17 -42.59 -1.25
C PHE A 311 -12.47 -41.25 -1.90
N ILE A 312 -12.88 -41.27 -3.17
CA ILE A 312 -13.14 -40.03 -3.90
C ILE A 312 -14.26 -39.25 -3.24
N CYS A 313 -15.35 -39.93 -2.88
CA CYS A 313 -16.50 -39.22 -2.34
C CYS A 313 -16.22 -38.70 -0.93
N LEU A 314 -15.30 -39.34 -0.20
CA LEU A 314 -14.95 -38.79 1.11
C LEU A 314 -13.91 -37.67 1.00
N ILE A 315 -13.21 -37.56 -0.13
CA ILE A 315 -12.27 -36.45 -0.28
C ILE A 315 -13.00 -35.12 -0.35
N LEU A 316 -13.99 -35.02 -1.24
CA LEU A 316 -14.43 -33.74 -1.80
C LEU A 316 -15.69 -33.19 -1.15
N ASP A 317 -15.84 -33.40 0.15
CA ASP A 317 -16.96 -32.83 0.90
C ASP A 317 -16.45 -31.78 1.88
N ARG A 318 -17.37 -30.88 2.26
CA ARG A 318 -16.99 -29.74 3.09
C ARG A 318 -16.41 -30.16 4.43
N LYS A 319 -17.07 -31.10 5.12
CA LYS A 319 -16.65 -31.43 6.48
C LYS A 319 -15.22 -31.95 6.50
N VAL A 320 -14.88 -32.85 5.58
CA VAL A 320 -13.55 -33.43 5.57
C VAL A 320 -12.51 -32.38 5.17
N PHE A 321 -12.77 -31.65 4.09
CA PHE A 321 -11.74 -30.76 3.56
C PHE A 321 -11.49 -29.58 4.48
N ASN A 322 -12.54 -29.00 5.06
CA ASN A 322 -12.39 -27.84 5.90
C ASN A 322 -11.64 -28.15 7.20
N ALA A 323 -11.44 -29.43 7.51
CA ALA A 323 -10.67 -29.85 8.67
C ALA A 323 -9.49 -30.72 8.24
N MET A 324 -8.87 -30.34 7.13
CA MET A 324 -7.71 -31.03 6.61
C MET A 324 -6.43 -30.54 7.30
N GLU A 325 -5.50 -31.47 7.50
CA GLU A 325 -4.19 -31.13 8.04
C GLU A 325 -3.28 -30.65 6.93
N SER A 326 -2.38 -29.73 7.29
CA SER A 326 -1.45 -29.17 6.32
C SER A 326 -0.39 -30.18 5.88
N ASP A 327 -0.29 -31.32 6.57
CA ASP A 327 0.71 -32.32 6.20
C ASP A 327 0.45 -32.87 4.80
N HIS A 328 -0.78 -33.32 4.55
CA HIS A 328 -1.19 -33.85 3.24
C HIS A 328 -0.22 -34.92 2.75
N ARG A 329 -0.09 -36.00 3.51
CA ARG A 329 0.73 -37.13 3.10
C ARG A 329 -0.09 -38.40 2.85
N LEU A 330 -1.14 -38.64 3.62
CA LEU A 330 -1.93 -39.86 3.47
C LEU A 330 -2.70 -39.87 2.15
N CYS A 331 -3.29 -38.73 1.77
CA CYS A 331 -4.09 -38.70 0.55
C CYS A 331 -3.25 -39.01 -0.67
N PHE A 332 -2.04 -38.49 -0.74
CA PHE A 332 -1.14 -38.84 -1.83
C PHE A 332 -0.79 -40.33 -1.80
N LYS A 333 -0.59 -40.88 -0.60
CA LYS A 333 -0.29 -42.31 -0.50
C LYS A 333 -1.42 -43.16 -1.06
N VAL A 334 -2.68 -42.77 -0.79
CA VAL A 334 -3.80 -43.44 -1.43
C VAL A 334 -3.79 -43.19 -2.94
N LEU A 335 -3.38 -41.99 -3.35
CA LEU A 335 -3.40 -41.63 -4.77
C LEU A 335 -2.46 -42.49 -5.59
N GLU A 336 -1.24 -42.73 -5.11
CA GLU A 336 -0.28 -43.50 -5.88
C GLU A 336 -0.72 -44.94 -6.09
N LEU A 337 -1.72 -45.40 -5.34
CA LEU A 337 -2.22 -46.76 -5.50
C LEU A 337 -2.95 -46.95 -6.84
N PHE A 338 -3.32 -45.87 -7.51
CA PHE A 338 -3.97 -45.92 -8.80
C PHE A 338 -3.20 -45.05 -9.78
N ASN A 339 -3.32 -45.37 -11.07
CA ASN A 339 -2.78 -44.50 -12.11
C ASN A 339 -3.81 -43.44 -12.49
N GLU A 340 -3.32 -42.34 -13.05
CA GLU A 340 -4.19 -41.21 -13.36
C GLU A 340 -5.24 -41.55 -14.42
N ALA A 341 -4.91 -42.43 -15.37
CA ALA A 341 -5.87 -42.77 -16.42
C ALA A 341 -7.12 -43.42 -15.85
N HIS A 342 -6.94 -44.48 -15.04
CA HIS A 342 -8.07 -45.12 -14.39
C HIS A 342 -8.67 -44.28 -13.26
N PHE A 343 -7.87 -43.43 -12.62
CA PHE A 343 -8.39 -42.53 -11.60
C PHE A 343 -9.29 -41.45 -12.20
N ILE A 344 -9.13 -41.13 -13.48
CA ILE A 344 -9.85 -40.01 -14.07
C ILE A 344 -10.91 -40.52 -15.03
N ASN A 345 -10.77 -41.75 -15.49
CA ASN A 345 -11.83 -42.37 -16.27
C ASN A 345 -12.91 -42.93 -15.35
N SER A 346 -12.53 -43.83 -14.46
CA SER A 346 -13.39 -44.26 -13.35
C SER A 346 -13.28 -43.27 -12.19
N TYR A 347 -13.48 -42.00 -12.51
CA TYR A 347 -13.23 -40.91 -11.58
C TYR A 347 -14.44 -40.72 -10.66
N PHE A 348 -14.43 -39.59 -9.96
CA PHE A 348 -15.63 -39.07 -9.34
C PHE A 348 -16.80 -39.19 -10.31
N GLU A 349 -17.97 -39.52 -9.80
CA GLU A 349 -19.13 -39.68 -10.65
C GLU A 349 -19.90 -38.37 -10.77
N ILE A 350 -19.19 -37.25 -10.71
CA ILE A 350 -19.78 -35.94 -10.86
C ILE A 350 -20.04 -35.66 -12.34
N VAL A 351 -21.13 -34.94 -12.62
CA VAL A 351 -21.37 -34.51 -13.98
C VAL A 351 -20.23 -33.59 -14.42
N ASP A 352 -19.64 -33.92 -15.57
CA ASP A 352 -18.45 -33.24 -16.04
C ASP A 352 -18.78 -31.87 -16.62
N LYS A 353 -19.81 -31.81 -17.46
CA LYS A 353 -20.21 -30.57 -18.10
C LYS A 353 -20.76 -29.55 -17.11
N ASN A 354 -21.87 -29.89 -16.45
CA ASN A 354 -22.60 -28.87 -15.70
C ASN A 354 -21.89 -28.45 -14.42
N ASP A 355 -21.15 -29.34 -13.77
CA ASP A 355 -20.58 -29.03 -12.46
C ASP A 355 -19.06 -28.97 -12.56
N PHE A 356 -18.52 -27.75 -12.64
CA PHE A 356 -17.10 -27.50 -12.42
C PHE A 356 -16.80 -27.05 -11.00
N PHE A 357 -17.82 -26.86 -10.16
CA PHE A 357 -17.60 -26.44 -8.79
C PHE A 357 -16.72 -27.42 -8.04
N LEU A 358 -16.95 -28.72 -8.22
CA LEU A 358 -16.10 -29.72 -7.61
C LEU A 358 -14.82 -29.97 -8.39
N HIS A 359 -14.74 -29.50 -9.64
CA HIS A 359 -13.46 -29.56 -10.35
C HIS A 359 -12.41 -28.72 -9.65
N TYR A 360 -12.79 -27.54 -9.15
CA TYR A 360 -11.85 -26.74 -8.39
C TYR A 360 -11.49 -27.41 -7.06
N ARG A 361 -12.47 -28.02 -6.39
CA ARG A 361 -12.19 -28.69 -5.14
C ARG A 361 -11.24 -29.86 -5.36
N LEU A 362 -11.28 -30.47 -6.54
CA LEU A 362 -10.32 -31.51 -6.85
C LEU A 362 -8.95 -30.93 -7.19
N LEU A 363 -8.90 -30.00 -8.15
CA LEU A 363 -7.60 -29.39 -8.47
C LEU A 363 -7.28 -28.23 -7.56
N GLN A 364 -7.56 -28.38 -6.28
CA GLN A 364 -6.89 -27.58 -5.25
C GLN A 364 -6.08 -28.40 -4.26
N ILE A 365 -6.14 -29.73 -4.30
CA ILE A 365 -5.29 -30.57 -3.47
C ILE A 365 -4.44 -31.53 -4.28
N PHE A 366 -4.84 -31.88 -5.50
CA PHE A 366 -4.06 -32.76 -6.38
C PHE A 366 -3.72 -31.99 -7.64
N PRO A 367 -2.84 -30.98 -7.52
CA PRO A 367 -2.65 -30.04 -8.64
C PRO A 367 -2.16 -30.69 -9.92
N HIS A 368 -1.49 -31.84 -9.82
CA HIS A 368 -0.98 -32.50 -11.02
C HIS A 368 -2.08 -33.16 -11.86
N LEU A 369 -3.31 -33.16 -11.39
CA LEU A 369 -4.45 -33.61 -12.20
C LEU A 369 -4.94 -32.51 -13.13
N GLN A 370 -4.28 -31.35 -13.10
CA GLN A 370 -4.69 -30.19 -13.88
C GLN A 370 -4.77 -30.52 -15.37
N SER A 371 -3.72 -31.10 -15.93
CA SER A 371 -3.70 -31.52 -17.32
C SER A 371 -4.24 -32.93 -17.50
N ALA A 372 -4.64 -33.59 -16.42
CA ALA A 372 -5.18 -34.94 -16.49
C ALA A 372 -6.68 -34.96 -16.72
N LEU A 373 -7.44 -34.12 -16.01
CA LEU A 373 -8.89 -34.15 -16.18
C LEU A 373 -9.37 -33.24 -17.31
N LEU A 374 -8.54 -32.32 -17.78
CA LEU A 374 -8.96 -31.43 -18.87
C LEU A 374 -9.19 -32.18 -20.18
N ARG A 375 -8.33 -33.14 -20.51
CA ARG A 375 -8.51 -33.94 -21.71
C ARG A 375 -9.52 -35.06 -21.49
N ARG A 376 -10.04 -35.21 -20.28
CA ARG A 376 -11.17 -36.08 -20.00
C ARG A 376 -12.50 -35.35 -20.19
N ARG A 377 -12.64 -34.17 -19.58
CA ARG A 377 -13.85 -33.38 -19.80
C ARG A 377 -13.93 -32.88 -21.23
N PHE A 378 -12.83 -32.33 -21.75
CA PHE A 378 -12.77 -31.88 -23.15
C PHE A 378 -12.00 -32.93 -23.94
N SER A 379 -12.74 -33.95 -24.37
CA SER A 379 -12.15 -35.04 -25.14
C SER A 379 -12.06 -34.68 -26.63
N THR A 387 -8.02 -29.03 -30.80
CA THR A 387 -9.47 -28.95 -30.84
C THR A 387 -10.04 -28.68 -29.45
N ILE A 388 -9.26 -29.00 -28.42
CA ILE A 388 -9.70 -28.76 -27.05
C ILE A 388 -9.73 -27.26 -26.77
N GLN A 389 -8.81 -26.51 -27.35
CA GLN A 389 -8.76 -25.07 -27.12
C GLN A 389 -10.05 -24.38 -27.56
N GLN A 390 -10.58 -24.77 -28.71
CA GLN A 390 -11.86 -24.23 -29.18
C GLN A 390 -13.05 -24.92 -28.51
N ASN A 391 -12.89 -26.16 -28.06
CA ASN A 391 -13.92 -26.76 -27.21
C ASN A 391 -14.16 -25.96 -25.94
N ILE A 392 -13.08 -25.42 -25.37
CA ILE A 392 -13.21 -24.63 -24.16
C ILE A 392 -14.05 -23.38 -24.42
N ILE A 393 -13.78 -22.69 -25.53
CA ILE A 393 -14.50 -21.46 -25.79
C ILE A 393 -15.95 -21.74 -26.12
N LYS A 394 -16.25 -22.82 -26.87
CA LYS A 394 -17.65 -23.12 -27.12
C LYS A 394 -18.37 -23.47 -25.82
N GLU A 395 -17.69 -24.16 -24.90
CA GLU A 395 -18.31 -24.40 -23.61
C GLU A 395 -18.53 -23.11 -22.83
N PHE A 396 -17.59 -22.17 -22.90
CA PHE A 396 -17.73 -20.83 -22.31
C PHE A 396 -18.94 -20.08 -22.83
N ASN A 397 -19.19 -20.15 -24.14
CA ASN A 397 -20.37 -19.48 -24.68
C ASN A 397 -21.66 -20.09 -24.15
N GLU A 398 -21.66 -21.39 -23.88
CA GLU A 398 -22.87 -22.02 -23.35
C GLU A 398 -23.22 -21.47 -21.97
N PHE A 399 -22.24 -21.36 -21.07
CA PHE A 399 -22.46 -20.75 -19.77
C PHE A 399 -22.62 -19.24 -19.84
N PHE A 400 -21.99 -18.59 -20.81
CA PHE A 400 -22.12 -17.15 -20.99
C PHE A 400 -23.49 -16.75 -21.49
N ASP A 401 -24.03 -17.47 -22.47
CA ASP A 401 -25.39 -17.24 -22.93
C ASP A 401 -26.37 -18.15 -22.19
N CYS A 402 -26.23 -18.19 -20.87
CA CYS A 402 -27.18 -18.89 -20.02
C CYS A 402 -27.44 -18.16 -18.71
N LYS A 403 -26.86 -16.97 -18.51
CA LYS A 403 -26.95 -16.24 -17.25
C LYS A 403 -26.47 -17.10 -16.09
N ASN A 404 -25.49 -17.96 -16.36
CA ASN A 404 -24.92 -18.84 -15.34
C ASN A 404 -23.63 -18.22 -14.80
N TYR A 405 -23.78 -17.08 -14.15
CA TYR A 405 -22.63 -16.35 -13.62
C TYR A 405 -21.96 -17.06 -12.46
N LYS A 406 -22.65 -17.96 -11.76
CA LYS A 406 -22.09 -18.66 -10.62
C LYS A 406 -21.30 -19.89 -11.01
N ASN A 407 -21.78 -20.67 -11.97
CA ASN A 407 -21.07 -21.87 -12.41
C ASN A 407 -19.89 -21.53 -13.32
N LEU A 408 -19.76 -20.27 -13.72
CA LEU A 408 -18.69 -19.85 -14.61
C LEU A 408 -17.43 -19.45 -13.86
N LEU A 409 -17.55 -19.03 -12.60
CA LEU A 409 -16.39 -18.59 -11.83
C LEU A 409 -15.37 -19.71 -11.66
N TYR A 410 -15.81 -20.85 -11.14
CA TYR A 410 -14.93 -22.00 -10.99
C TYR A 410 -14.47 -22.54 -12.32
N PHE A 411 -15.28 -22.37 -13.37
CA PHE A 411 -14.85 -22.70 -14.72
C PHE A 411 -13.65 -21.86 -15.15
N ILE A 412 -13.61 -20.60 -14.72
CA ILE A 412 -12.42 -19.79 -14.97
C ILE A 412 -11.26 -20.26 -14.11
N LEU A 413 -11.51 -20.51 -12.81
CA LEU A 413 -10.41 -20.81 -11.90
C LEU A 413 -9.78 -22.18 -12.15
N THR A 414 -10.48 -23.10 -12.81
CA THR A 414 -9.99 -24.47 -12.83
C THR A 414 -8.90 -24.71 -13.87
N MET A 415 -9.19 -24.53 -15.16
CA MET A 415 -8.30 -25.02 -16.20
C MET A 415 -7.10 -24.12 -16.44
N TYR A 416 -7.09 -22.91 -15.92
CA TYR A 416 -6.02 -21.98 -16.23
C TYR A 416 -4.70 -22.50 -15.67
N GLY A 417 -3.63 -22.33 -16.44
CA GLY A 417 -2.32 -22.86 -16.10
C GLY A 417 -1.96 -24.12 -16.82
N SER A 418 -2.91 -24.76 -17.50
CA SER A 418 -2.66 -25.99 -18.23
C SER A 418 -1.97 -25.67 -19.56
N LYS A 419 -1.77 -26.71 -20.38
CA LYS A 419 -1.15 -26.52 -21.68
C LYS A 419 -2.04 -25.76 -22.66
N PHE A 420 -3.36 -25.83 -22.51
CA PHE A 420 -4.27 -25.20 -23.45
C PHE A 420 -4.57 -23.75 -23.12
N ILE A 421 -4.68 -23.41 -21.83
CA ILE A 421 -4.94 -22.04 -21.43
C ILE A 421 -3.87 -21.58 -20.44
N PRO A 422 -2.70 -21.17 -20.92
CA PRO A 422 -1.65 -20.70 -20.01
C PRO A 422 -1.93 -19.29 -19.51
N PHE A 423 -0.99 -18.77 -18.73
CA PHE A 423 -1.07 -17.41 -18.24
C PHE A 423 -0.37 -16.48 -19.23
N GLY A 424 -0.14 -15.23 -18.81
CA GLY A 424 0.55 -14.27 -19.64
C GLY A 424 -0.39 -13.32 -20.35
N PRO A 425 0.16 -12.26 -20.93
CA PRO A 425 -0.68 -11.27 -21.63
C PRO A 425 -1.13 -11.74 -23.00
N LYS A 426 -0.93 -13.03 -23.29
CA LYS A 426 -1.32 -13.63 -24.57
C LYS A 426 -0.67 -12.92 -25.75
N GLU A 431 -7.43 -15.69 -26.54
CA GLU A 431 -8.22 -15.33 -25.36
C GLU A 431 -9.00 -14.04 -25.58
N TYR A 432 -10.32 -14.13 -25.35
CA TYR A 432 -11.21 -12.97 -25.36
C TYR A 432 -12.21 -13.03 -24.20
N PHE A 433 -11.90 -13.82 -23.17
CA PHE A 433 -12.81 -13.97 -22.04
C PHE A 433 -13.02 -12.63 -21.34
N LYS A 434 -11.93 -11.90 -21.11
CA LYS A 434 -12.01 -10.54 -20.59
C LYS A 434 -12.90 -9.65 -21.45
N ASP A 435 -12.89 -9.84 -22.76
CA ASP A 435 -13.74 -9.05 -23.64
C ASP A 435 -15.21 -9.33 -23.38
N CYS A 436 -15.56 -10.62 -23.27
CA CYS A 436 -16.95 -11.01 -23.06
C CYS A 436 -17.45 -10.63 -21.67
N ILE A 437 -16.56 -10.55 -20.69
CA ILE A 437 -16.95 -10.12 -19.35
C ILE A 437 -16.92 -8.60 -19.23
N LEU A 438 -16.22 -7.93 -20.14
CA LEU A 438 -16.22 -6.47 -20.22
C LEU A 438 -17.42 -5.90 -20.93
N ASP A 439 -17.96 -6.61 -21.92
CA ASP A 439 -19.17 -6.14 -22.58
C ASP A 439 -20.34 -6.06 -21.61
N ILE A 440 -20.60 -7.16 -20.89
CA ILE A 440 -21.73 -7.20 -19.97
C ILE A 440 -21.30 -6.75 -18.58
N SER A 441 -21.25 -5.43 -18.36
CA SER A 441 -21.08 -4.89 -17.02
C SER A 441 -21.89 -3.62 -16.81
N ASN A 442 -22.79 -3.27 -17.73
CA ASN A 442 -23.46 -1.98 -17.72
C ASN A 442 -24.42 -1.81 -16.55
N GLU A 443 -24.95 -2.90 -16.00
CA GLU A 443 -25.94 -2.78 -14.93
C GLU A 443 -25.34 -2.15 -13.68
N THR A 444 -24.12 -2.54 -13.31
CA THR A 444 -23.43 -2.09 -12.11
C THR A 444 -24.18 -2.63 -10.88
N THR A 445 -25.26 -3.38 -11.13
CA THR A 445 -26.08 -3.99 -10.08
C THR A 445 -26.46 -5.40 -10.49
N ASN A 446 -25.86 -5.92 -11.56
CA ASN A 446 -26.29 -7.19 -12.15
C ASN A 446 -26.11 -8.35 -11.18
N ASP A 447 -24.87 -8.64 -10.81
CA ASP A 447 -24.58 -9.85 -10.06
C ASP A 447 -23.37 -9.63 -9.18
N VAL A 448 -23.38 -10.29 -8.01
CA VAL A 448 -22.22 -10.27 -7.12
C VAL A 448 -21.05 -11.06 -7.66
N GLU A 449 -21.29 -12.00 -8.57
CA GLU A 449 -20.26 -12.92 -9.05
C GLU A 449 -19.67 -12.49 -10.39
N ILE A 450 -19.86 -11.22 -10.77
CA ILE A 450 -19.36 -10.76 -12.06
C ILE A 450 -18.14 -9.86 -11.93
N SER A 451 -17.97 -9.13 -10.83
CA SER A 451 -16.81 -8.28 -10.64
C SER A 451 -15.59 -9.03 -10.12
N ILE A 452 -15.80 -10.09 -9.34
CA ILE A 452 -14.69 -10.95 -8.94
C ILE A 452 -14.09 -11.64 -10.16
N LEU A 453 -14.93 -12.09 -11.08
CA LEU A 453 -14.49 -12.83 -12.25
C LEU A 453 -13.52 -12.02 -13.10
N LYS A 454 -13.84 -10.76 -13.38
CA LYS A 454 -12.94 -9.91 -14.16
C LYS A 454 -11.66 -9.57 -13.40
N GLY A 455 -11.71 -9.46 -12.07
CA GLY A 455 -10.49 -9.28 -11.30
C GLY A 455 -9.56 -10.46 -11.39
N ILE A 456 -10.09 -11.67 -11.32
CA ILE A 456 -9.26 -12.84 -11.51
C ILE A 456 -8.75 -12.90 -12.94
N LEU A 457 -9.59 -12.51 -13.90
CA LEU A 457 -9.18 -12.55 -15.30
C LEU A 457 -8.03 -11.59 -15.60
N ASN A 458 -8.08 -10.35 -15.10
CA ASN A 458 -7.00 -9.43 -15.38
C ASN A 458 -5.83 -9.59 -14.43
N LEU A 459 -6.02 -10.27 -13.30
CA LEU A 459 -4.88 -10.63 -12.47
C LEU A 459 -4.07 -11.77 -13.07
N PHE A 460 -4.74 -12.75 -13.67
CA PHE A 460 -4.07 -13.89 -14.28
C PHE A 460 -3.35 -13.51 -15.58
N SER A 461 -3.75 -12.41 -16.21
CA SER A 461 -3.08 -11.95 -17.42
C SER A 461 -1.68 -11.44 -17.13
N LYS A 462 -1.49 -10.83 -15.97
CA LYS A 462 -0.20 -10.23 -15.61
C LYS A 462 0.64 -11.17 -14.74
N ILE A 463 0.86 -12.39 -15.22
CA ILE A 463 1.67 -13.39 -14.51
C ILE A 463 2.44 -14.19 -15.55
N ARG A 464 3.73 -14.36 -15.33
CA ARG A 464 4.56 -15.12 -16.25
C ARG A 464 5.49 -16.06 -15.49
N GLY B 17 24.83 -8.48 0.57
CA GLY B 17 25.34 -9.79 0.19
C GLY B 17 26.27 -10.39 1.22
N ALA B 18 25.87 -10.33 2.49
CA ALA B 18 26.69 -10.84 3.58
C ALA B 18 26.90 -12.34 3.45
N HIS B 19 25.82 -13.12 3.54
CA HIS B 19 25.90 -14.56 3.39
C HIS B 19 24.55 -15.09 2.98
N TYR B 20 24.57 -16.12 2.13
CA TYR B 20 23.40 -16.78 1.55
C TYR B 20 22.47 -15.80 0.84
N PHE B 21 22.93 -14.56 0.64
CA PHE B 21 22.13 -13.56 -0.05
C PHE B 21 22.14 -13.83 -1.55
N VAL B 22 20.99 -13.59 -2.19
CA VAL B 22 20.83 -13.82 -3.62
C VAL B 22 20.32 -12.53 -4.26
N GLU B 23 21.00 -12.07 -5.30
CA GLU B 23 20.55 -10.93 -6.05
C GLU B 23 19.35 -11.32 -6.91
N LEU B 24 18.53 -10.31 -7.24
CA LEU B 24 17.23 -10.53 -7.87
C LEU B 24 17.34 -10.48 -9.39
N THR B 25 16.79 -11.50 -10.04
CA THR B 25 16.51 -11.43 -11.46
C THR B 25 15.25 -10.60 -11.70
N GLU B 26 15.16 -10.02 -12.90
CA GLU B 26 14.02 -9.17 -13.21
C GLU B 26 12.72 -9.96 -13.35
N LYS B 27 12.79 -11.24 -13.71
CA LYS B 27 11.59 -12.05 -13.87
C LYS B 27 10.92 -12.39 -12.55
N HIS B 28 11.61 -12.19 -11.43
CA HIS B 28 11.05 -12.43 -10.11
C HIS B 28 10.75 -11.14 -9.35
N LEU B 29 11.43 -10.05 -9.72
CA LEU B 29 11.13 -8.74 -9.15
C LEU B 29 9.68 -8.35 -9.40
N LEU B 30 9.19 -8.63 -10.62
CA LEU B 30 7.79 -8.38 -10.94
C LEU B 30 6.88 -9.07 -9.93
N ALA B 31 7.10 -10.37 -9.70
CA ALA B 31 6.25 -11.10 -8.77
C ALA B 31 6.35 -10.56 -7.35
N PHE B 32 7.55 -10.25 -6.87
CA PHE B 32 7.68 -9.81 -5.48
C PHE B 32 7.08 -8.42 -5.27
N GLU B 33 7.24 -7.52 -6.24
CA GLU B 33 6.56 -6.24 -6.10
C GLU B 33 5.05 -6.39 -6.25
N MET B 34 4.60 -7.28 -7.13
CA MET B 34 3.17 -7.54 -7.33
C MET B 34 2.51 -7.99 -6.04
N LEU B 35 3.07 -9.02 -5.41
CA LEU B 35 2.49 -9.56 -4.19
C LEU B 35 2.54 -8.53 -3.07
N ASN B 36 3.62 -7.77 -3.00
CA ASN B 36 3.77 -6.80 -1.92
C ASN B 36 2.74 -5.69 -2.06
N SER B 37 2.48 -5.23 -3.29
CA SER B 37 1.43 -4.23 -3.48
C SER B 37 0.06 -4.82 -3.16
N MET B 38 -0.19 -6.07 -3.57
CA MET B 38 -1.44 -6.73 -3.22
C MET B 38 -1.64 -6.76 -1.71
N CYS B 39 -0.59 -7.10 -0.96
CA CYS B 39 -0.68 -7.09 0.49
C CYS B 39 -0.88 -5.68 1.03
N LEU B 40 -0.30 -4.68 0.35
CA LEU B 40 -0.51 -3.29 0.75
C LEU B 40 -1.98 -2.90 0.64
N LEU B 41 -2.68 -3.39 -0.37
CA LEU B 41 -4.10 -3.12 -0.53
C LEU B 41 -4.99 -4.07 0.26
N GLU B 42 -4.47 -4.64 1.36
CA GLU B 42 -5.27 -5.37 2.36
C GLU B 42 -6.13 -6.48 1.76
N ASN B 43 -5.89 -6.85 0.51
CA ASN B 43 -6.61 -7.94 -0.16
C ASN B 43 -5.62 -9.11 -0.21
N TYR B 44 -5.72 -9.99 0.77
CA TYR B 44 -4.82 -11.13 0.86
C TYR B 44 -5.32 -12.36 0.10
N ASP B 45 -6.60 -12.38 -0.24
CA ASP B 45 -7.14 -13.51 -0.99
C ASP B 45 -6.43 -13.68 -2.33
N HIS B 46 -6.29 -12.59 -3.07
CA HIS B 46 -5.55 -12.64 -4.33
C HIS B 46 -4.09 -12.98 -4.10
N VAL B 47 -3.52 -12.55 -2.97
CA VAL B 47 -2.15 -12.89 -2.62
C VAL B 47 -2.00 -14.40 -2.55
N LEU B 48 -2.89 -15.07 -1.81
CA LEU B 48 -2.80 -16.52 -1.67
C LEU B 48 -3.13 -17.23 -2.98
N LEU B 49 -4.09 -16.69 -3.74
CA LEU B 49 -4.45 -17.29 -5.02
C LEU B 49 -3.32 -17.25 -6.02
N PHE B 50 -2.49 -16.20 -6.00
CA PHE B 50 -1.35 -16.15 -6.90
C PHE B 50 -0.42 -17.33 -6.67
N LEU B 51 -0.14 -17.64 -5.40
CA LEU B 51 0.72 -18.77 -5.10
C LEU B 51 0.04 -20.10 -5.40
N GLU B 52 -1.26 -20.21 -5.10
CA GLU B 52 -1.94 -21.48 -5.28
C GLU B 52 -2.18 -21.81 -6.76
N CYS B 53 -2.25 -20.80 -7.62
CA CYS B 53 -2.62 -21.05 -9.01
C CYS B 53 -1.48 -21.64 -9.84
N GLN B 54 -0.24 -21.55 -9.36
CA GLN B 54 0.91 -22.06 -10.12
C GLN B 54 1.86 -22.80 -9.21
N PHE B 55 1.32 -23.68 -8.36
CA PHE B 55 2.17 -24.44 -7.44
C PHE B 55 2.73 -25.69 -8.10
N GLY B 56 1.86 -26.61 -8.51
CA GLY B 56 2.30 -27.87 -9.08
C GLY B 56 2.16 -27.92 -10.59
N LYS B 57 2.03 -26.76 -11.23
CA LYS B 57 1.77 -26.73 -12.66
C LYS B 57 3.06 -26.82 -13.47
N SER B 58 3.98 -25.89 -13.27
CA SER B 58 5.18 -25.79 -14.10
C SER B 58 6.41 -25.71 -13.21
N HIS B 59 7.58 -25.73 -13.86
CA HIS B 59 8.86 -25.70 -13.16
C HIS B 59 9.38 -24.27 -13.03
N ASN B 60 8.53 -23.40 -12.48
CA ASN B 60 8.89 -22.01 -12.25
C ASN B 60 9.20 -21.70 -10.79
N LEU B 61 8.50 -22.34 -9.85
CA LEU B 61 8.78 -22.21 -8.42
C LEU B 61 8.70 -20.75 -7.98
N ALA B 62 7.47 -20.23 -8.02
CA ALA B 62 7.24 -18.85 -7.63
C ALA B 62 7.47 -18.68 -6.13
N VAL B 63 8.65 -18.17 -5.77
CA VAL B 63 9.02 -18.09 -4.37
C VAL B 63 8.36 -16.88 -3.73
N ILE B 64 8.07 -17.00 -2.44
CA ILE B 64 7.39 -15.93 -1.71
C ILE B 64 8.43 -14.98 -1.14
N PRO B 65 8.23 -13.66 -1.24
CA PRO B 65 9.18 -12.73 -0.62
C PRO B 65 9.24 -12.91 0.89
N PHE B 66 10.40 -12.62 1.46
CA PHE B 66 10.62 -12.79 2.89
C PHE B 66 9.67 -11.95 3.72
N ASP B 67 9.32 -10.75 3.27
CA ASP B 67 8.31 -9.96 3.96
C ASP B 67 6.92 -10.54 3.80
N ILE B 68 6.63 -11.17 2.65
CA ILE B 68 5.39 -11.89 2.47
C ILE B 68 5.42 -13.24 3.20
N ILE B 69 6.60 -13.73 3.55
CA ILE B 69 6.72 -14.82 4.51
C ILE B 69 6.20 -14.39 5.89
N LEU B 70 6.55 -13.18 6.31
CA LEU B 70 6.15 -12.69 7.62
C LEU B 70 4.64 -12.52 7.74
N VAL B 71 3.97 -12.01 6.71
CA VAL B 71 2.52 -11.83 6.80
C VAL B 71 1.80 -13.16 6.82
N LEU B 72 2.28 -14.16 6.07
CA LEU B 72 1.73 -15.50 6.20
C LEU B 72 1.95 -16.07 7.59
N PHE B 73 3.09 -15.76 8.21
CA PHE B 73 3.24 -16.06 9.63
C PHE B 73 2.17 -15.36 10.47
N THR B 74 1.68 -14.21 10.04
CA THR B 74 0.64 -13.48 10.73
C THR B 74 -0.76 -13.96 10.37
N LEU B 75 -1.01 -14.23 9.09
CA LEU B 75 -2.30 -14.76 8.68
C LEU B 75 -2.58 -16.10 9.33
N SER B 76 -1.55 -16.91 9.55
CA SER B 76 -1.74 -18.19 10.24
C SER B 76 -2.17 -17.99 11.69
N THR B 77 -1.73 -16.91 12.33
CA THR B 77 -2.01 -16.68 13.73
C THR B 77 -3.42 -16.17 13.97
N LEU B 78 -4.22 -16.13 12.92
CA LEU B 78 -5.59 -15.64 13.02
C LEU B 78 -6.57 -16.63 12.42
N SER B 79 -7.18 -17.43 13.29
CA SER B 79 -8.14 -18.44 12.88
C SER B 79 -9.56 -18.02 13.26
N GLU B 80 -10.54 -18.73 12.69
CA GLU B 80 -11.94 -18.36 12.83
C GLU B 80 -12.47 -18.55 14.25
N TYR B 81 -11.91 -19.50 15.01
CA TYR B 81 -12.53 -19.89 16.28
C TYR B 81 -12.57 -18.76 17.29
N TYR B 82 -11.72 -17.74 17.15
CA TYR B 82 -11.82 -16.56 17.99
C TYR B 82 -11.91 -15.25 17.22
N LYS B 83 -11.72 -15.26 15.89
CA LYS B 83 -12.11 -14.14 15.04
C LYS B 83 -12.80 -14.71 13.80
N GLU B 84 -14.11 -14.94 13.92
CA GLU B 84 -14.93 -15.27 12.76
C GLU B 84 -15.36 -14.02 11.99
N PRO B 85 -15.91 -12.98 12.65
CA PRO B 85 -16.43 -11.84 11.88
C PRO B 85 -15.38 -11.14 11.03
N ILE B 86 -14.14 -11.05 11.51
CA ILE B 86 -13.11 -10.33 10.76
C ILE B 86 -12.76 -11.09 9.48
N LEU B 87 -12.61 -12.41 9.58
CA LEU B 87 -12.28 -13.23 8.42
C LEU B 87 -13.36 -13.16 7.34
N ARG B 88 -14.62 -13.04 7.73
CA ARG B 88 -15.72 -12.85 6.80
C ARG B 88 -15.79 -11.43 6.25
N ALA B 89 -15.50 -10.42 7.09
CA ALA B 89 -15.55 -9.03 6.65
C ALA B 89 -14.42 -8.68 5.70
N ASN B 90 -13.29 -9.40 5.76
CA ASN B 90 -12.24 -9.19 4.76
C ASN B 90 -12.76 -9.54 3.37
N ASP B 91 -13.34 -10.73 3.23
CA ASP B 91 -13.89 -11.22 1.96
C ASP B 91 -15.17 -11.96 2.25
N PRO B 92 -16.33 -11.38 1.91
CA PRO B 92 -17.61 -12.01 2.22
C PRO B 92 -18.01 -13.14 1.30
N TYR B 93 -17.26 -13.42 0.24
CA TYR B 93 -17.65 -14.41 -0.74
C TYR B 93 -17.03 -15.78 -0.49
N ASN B 94 -15.78 -15.83 0.01
CA ASN B 94 -15.10 -17.07 0.34
C ASN B 94 -15.01 -17.99 -0.88
N THR B 95 -14.21 -17.53 -1.86
CA THR B 95 -14.17 -18.17 -3.17
C THR B 95 -13.78 -19.65 -3.07
N SER B 96 -12.71 -19.96 -2.34
CA SER B 96 -12.29 -21.35 -2.23
C SER B 96 -12.93 -22.07 -1.06
N ARG B 97 -13.89 -21.44 -0.39
CA ARG B 97 -14.63 -22.05 0.72
C ARG B 97 -13.69 -22.45 1.86
N GLU B 98 -12.68 -21.61 2.10
CA GLU B 98 -11.72 -21.85 3.16
C GLU B 98 -11.32 -20.52 3.75
N THR B 99 -10.82 -20.55 4.97
CA THR B 99 -10.36 -19.35 5.65
C THR B 99 -8.97 -18.97 5.16
N LEU B 100 -8.61 -17.70 5.39
CA LEU B 100 -7.27 -17.25 5.03
C LEU B 100 -6.18 -17.97 5.81
N SER B 101 -6.39 -18.20 7.11
CA SER B 101 -5.39 -18.83 7.96
C SER B 101 -5.03 -20.24 7.53
N ARG B 102 -6.01 -21.09 7.26
CA ARG B 102 -5.73 -22.46 6.85
C ARG B 102 -5.05 -22.54 5.49
N ARG B 103 -5.43 -21.68 4.55
CA ARG B 103 -4.72 -21.58 3.28
C ARG B 103 -3.29 -21.09 3.47
N ALA B 104 -3.08 -20.16 4.39
CA ALA B 104 -1.72 -19.71 4.70
C ALA B 104 -0.86 -20.88 5.20
N LEU B 105 -1.36 -21.63 6.18
CA LEU B 105 -0.60 -22.76 6.69
C LEU B 105 -0.37 -23.82 5.63
N LYS B 106 -1.37 -24.07 4.78
CA LYS B 106 -1.18 -25.01 3.69
C LYS B 106 -0.10 -24.56 2.73
N LEU B 107 -0.03 -23.25 2.46
CA LEU B 107 1.01 -22.71 1.61
C LEU B 107 2.39 -22.78 2.25
N LEU B 108 2.46 -22.56 3.56
CA LEU B 108 3.74 -22.65 4.25
C LEU B 108 4.28 -24.07 4.25
N GLN B 109 3.47 -25.05 4.64
CA GLN B 109 3.90 -26.44 4.65
C GLN B 109 4.19 -26.98 3.27
N LYS B 110 3.46 -26.54 2.24
CA LYS B 110 3.75 -26.95 0.87
C LYS B 110 5.10 -26.46 0.38
N TYR B 111 5.44 -25.21 0.64
CA TYR B 111 6.77 -24.71 0.35
C TYR B 111 7.82 -25.23 1.34
N LEU B 112 7.38 -25.77 2.48
CA LEU B 112 8.29 -26.35 3.46
C LEU B 112 8.86 -27.68 3.00
N ALA B 113 8.03 -28.56 2.45
CA ALA B 113 8.53 -29.83 1.93
C ALA B 113 9.42 -29.63 0.72
N ILE B 114 9.13 -28.66 -0.12
CA ILE B 114 9.98 -28.37 -1.28
C ILE B 114 11.35 -27.88 -0.84
N LEU B 115 11.40 -27.11 0.24
CA LEU B 115 12.68 -26.57 0.71
C LEU B 115 13.61 -27.69 1.15
N LYS B 116 13.10 -28.66 1.90
CA LYS B 116 13.94 -29.76 2.36
C LYS B 116 13.95 -30.93 1.37
N GLU B 117 14.14 -30.59 0.10
CA GLU B 117 14.47 -31.56 -0.93
C GLU B 117 15.63 -31.12 -1.78
N PHE B 118 15.72 -29.83 -2.10
CA PHE B 118 16.74 -29.27 -2.99
C PHE B 118 16.78 -30.07 -4.30
N ASP B 119 15.63 -30.65 -4.66
CA ASP B 119 15.53 -31.49 -5.85
C ASP B 119 15.58 -30.61 -7.08
N SER B 120 16.78 -30.42 -7.62
CA SER B 120 17.00 -29.54 -8.76
C SER B 120 16.69 -30.23 -10.09
N GLU B 121 16.28 -31.49 -10.06
CA GLU B 121 15.97 -32.22 -11.29
C GLU B 121 14.77 -31.63 -12.02
N GLN B 122 13.88 -30.94 -11.32
CA GLN B 122 12.74 -30.29 -11.93
C GLN B 122 12.75 -28.78 -11.76
N TYR B 123 13.17 -28.28 -10.59
CA TYR B 123 13.28 -26.84 -10.39
C TYR B 123 14.62 -26.34 -10.91
N ASN B 124 14.90 -25.06 -10.67
CA ASN B 124 16.16 -24.45 -11.02
C ASN B 124 16.95 -24.11 -9.76
N LEU B 125 18.28 -24.27 -9.84
CA LEU B 125 19.12 -24.05 -8.67
C LEU B 125 19.03 -22.62 -8.18
N TYR B 126 18.98 -21.65 -9.10
CA TYR B 126 18.86 -20.25 -8.71
C TYR B 126 17.58 -20.00 -7.90
N ASP B 127 16.46 -20.56 -8.37
CA ASP B 127 15.21 -20.40 -7.64
C ASP B 127 15.26 -21.06 -6.28
N LEU B 128 15.85 -22.25 -6.20
CA LEU B 128 15.94 -22.95 -4.92
C LEU B 128 16.80 -22.20 -3.92
N GLU B 129 17.94 -21.66 -4.38
CA GLU B 129 18.78 -20.84 -3.51
C GLU B 129 18.10 -19.55 -3.09
N LEU B 130 17.34 -18.92 -4.00
CA LEU B 130 16.57 -17.73 -3.62
C LEU B 130 15.54 -18.07 -2.55
N LEU B 131 14.88 -19.20 -2.68
CA LEU B 131 13.89 -19.62 -1.67
C LEU B 131 14.55 -19.79 -0.31
N ARG B 132 15.70 -20.44 -0.27
CA ARG B 132 16.43 -20.62 0.99
C ARG B 132 16.85 -19.27 1.57
N CYS B 133 17.32 -18.36 0.71
CA CYS B 133 17.69 -17.03 1.17
C CYS B 133 16.51 -16.31 1.79
N GLN B 134 15.35 -16.39 1.14
CA GLN B 134 14.16 -15.72 1.66
C GLN B 134 13.76 -16.30 3.01
N PHE B 135 13.74 -17.63 3.14
CA PHE B 135 13.39 -18.24 4.41
C PHE B 135 14.39 -17.86 5.51
N PHE B 136 15.69 -17.91 5.20
CA PHE B 136 16.69 -17.60 6.21
C PHE B 136 16.60 -16.14 6.65
N LEU B 137 16.39 -15.22 5.71
CA LEU B 137 16.20 -13.82 6.09
C LEU B 137 14.94 -13.65 6.93
N ALA B 138 13.87 -14.39 6.60
CA ALA B 138 12.65 -14.30 7.37
C ALA B 138 12.87 -14.76 8.81
N ILE B 139 13.62 -15.86 8.99
CA ILE B 139 13.83 -16.39 10.33
C ILE B 139 14.93 -15.70 11.09
N ASP B 140 15.84 -14.99 10.40
CA ASP B 140 16.92 -14.28 11.07
C ASP B 140 16.44 -13.05 11.82
N THR B 141 15.26 -12.53 11.49
CA THR B 141 14.71 -11.38 12.20
C THR B 141 14.27 -11.73 13.61
N LEU B 142 13.87 -12.98 13.84
CA LEU B 142 13.39 -13.42 15.15
C LEU B 142 14.59 -13.49 16.09
N THR B 143 14.79 -12.41 16.85
CA THR B 143 15.91 -12.32 17.79
C THR B 143 15.38 -12.35 19.22
N PRO B 144 15.50 -13.46 19.94
CA PRO B 144 14.87 -13.56 21.25
C PRO B 144 15.54 -12.66 22.28
N LYS B 145 14.72 -11.94 23.03
CA LYS B 145 15.19 -11.19 24.18
C LYS B 145 14.83 -11.94 25.46
N LYS B 146 15.35 -11.47 26.60
CA LYS B 146 15.14 -12.15 27.86
C LYS B 146 14.62 -11.16 28.90
N GLN B 147 13.61 -11.61 29.66
CA GLN B 147 13.06 -10.80 30.74
C GLN B 147 12.31 -11.68 31.75
N PHE B 181 11.97 -2.30 10.64
CA PHE B 181 12.08 -3.12 9.43
C PHE B 181 13.19 -2.62 8.51
N LYS B 182 14.04 -3.53 8.05
CA LYS B 182 15.12 -3.21 7.13
C LYS B 182 15.10 -4.24 6.02
N ASN B 183 14.65 -3.83 4.84
CA ASN B 183 14.68 -4.71 3.68
C ASN B 183 16.08 -4.66 3.05
N PRO B 184 16.83 -5.76 3.03
CA PRO B 184 18.12 -5.76 2.35
C PRO B 184 18.01 -5.51 0.86
N TYR B 185 16.85 -5.77 0.27
CA TYR B 185 16.65 -5.51 -1.15
C TYR B 185 16.48 -4.02 -1.41
N ARG B 186 16.76 -3.62 -2.65
CA ARG B 186 16.65 -2.23 -3.06
C ARG B 186 15.87 -2.03 -4.35
N SER B 187 15.54 -3.11 -5.07
CA SER B 187 14.85 -2.95 -6.34
C SER B 187 13.42 -2.47 -6.14
N TYR B 188 12.78 -2.87 -5.04
CA TYR B 188 11.40 -2.52 -4.79
C TYR B 188 11.26 -1.94 -3.39
N ILE B 189 10.21 -1.17 -3.21
CA ILE B 189 9.81 -0.70 -1.88
C ILE B 189 8.76 -1.67 -1.35
N SER B 190 8.94 -2.11 -0.11
CA SER B 190 8.18 -3.21 0.45
C SER B 190 7.10 -2.69 1.40
N CYS B 191 6.29 -3.62 1.90
CA CYS B 191 5.34 -3.33 2.96
C CYS B 191 6.04 -3.55 4.30
N LEU B 192 5.27 -3.53 5.38
CA LEU B 192 5.74 -3.62 6.76
C LEU B 192 6.64 -2.45 7.15
N GLU B 193 6.86 -1.50 6.25
CA GLU B 193 7.65 -0.32 6.54
C GLU B 193 6.81 0.79 7.15
N GLN B 194 5.53 0.90 6.77
CA GLN B 194 4.59 1.70 7.55
C GLN B 194 3.54 0.83 8.21
N ARG B 195 3.32 -0.39 7.74
CA ARG B 195 2.30 -1.26 8.29
C ARG B 195 2.88 -2.09 9.43
N ASN B 196 2.25 -1.99 10.59
CA ASN B 196 2.65 -2.74 11.77
C ASN B 196 1.69 -3.88 12.09
N THR B 197 0.40 -3.65 11.90
CA THR B 197 -0.65 -4.59 12.27
C THR B 197 -1.37 -5.09 11.03
N ILE B 198 -1.72 -6.39 11.03
CA ILE B 198 -2.50 -7.00 9.97
C ILE B 198 -3.77 -7.56 10.60
N LEU B 199 -4.88 -6.83 10.43
CA LEU B 199 -6.20 -7.29 10.85
C LEU B 199 -6.22 -7.67 12.33
N GLY B 200 -5.90 -6.70 13.18
CA GLY B 200 -5.93 -6.89 14.62
C GLY B 200 -4.67 -7.45 15.25
N ASN B 201 -4.27 -8.65 14.84
CA ASN B 201 -3.03 -9.23 15.34
C ASN B 201 -1.85 -8.44 14.82
N ARG B 202 -0.96 -8.04 15.72
CA ARG B 202 0.13 -7.13 15.35
C ARG B 202 1.07 -7.76 14.33
N LEU B 203 1.85 -8.75 14.74
CA LEU B 203 2.91 -9.31 13.91
C LEU B 203 3.59 -10.41 14.71
N LEU B 204 4.48 -11.15 14.04
CA LEU B 204 5.23 -12.20 14.73
C LEU B 204 6.65 -11.78 15.09
N ASN B 205 7.45 -11.40 14.10
CA ASN B 205 8.82 -10.97 14.40
C ASN B 205 8.83 -9.71 15.25
N LEU B 206 7.80 -8.88 15.15
CA LEU B 206 7.68 -7.72 16.02
C LEU B 206 7.05 -8.05 17.36
N LYS B 207 6.58 -9.28 17.56
CA LYS B 207 6.03 -9.69 18.84
C LYS B 207 6.93 -10.65 19.60
N LEU B 208 7.50 -11.66 18.94
CA LEU B 208 8.42 -12.56 19.63
C LEU B 208 9.71 -11.87 20.02
N ASN B 209 10.05 -10.74 19.37
CA ASN B 209 11.20 -9.96 19.80
C ASN B 209 10.93 -9.16 21.07
N GLU B 210 9.69 -9.10 21.52
CA GLU B 210 9.39 -8.42 22.77
C GLU B 210 9.95 -9.22 23.95
N PRO B 211 10.44 -8.52 24.98
CA PRO B 211 11.00 -9.23 26.14
C PRO B 211 9.95 -10.07 26.85
N GLY B 212 10.37 -11.22 27.36
CA GLY B 212 9.49 -12.09 28.12
C GLY B 212 8.34 -12.64 27.30
N GLU B 213 8.53 -12.78 25.99
CA GLU B 213 7.50 -13.36 25.13
C GLU B 213 7.98 -14.60 24.38
N PHE B 214 9.18 -14.59 23.81
CA PHE B 214 9.63 -15.76 23.08
C PHE B 214 9.89 -16.96 24.00
N ILE B 215 9.99 -16.74 25.30
CA ILE B 215 9.95 -17.86 26.23
C ILE B 215 8.51 -18.21 26.60
N ASN B 216 7.57 -17.29 26.40
CA ASN B 216 6.19 -17.51 26.82
C ASN B 216 5.44 -18.43 25.86
N MET B 217 5.67 -18.31 24.55
CA MET B 217 4.78 -18.98 23.60
C MET B 217 5.04 -20.47 23.49
N ILE B 218 6.30 -20.91 23.65
CA ILE B 218 6.56 -22.35 23.74
C ILE B 218 5.84 -22.94 24.94
N LEU B 219 5.92 -22.25 26.08
CA LEU B 219 5.18 -22.69 27.26
C LEU B 219 3.68 -22.74 27.00
N TRP B 220 3.15 -21.73 26.29
CA TRP B 220 1.74 -21.70 25.94
C TRP B 220 1.34 -22.92 25.13
N THR B 221 2.07 -23.20 24.04
CA THR B 221 1.69 -24.28 23.15
C THR B 221 1.93 -25.65 23.78
N LEU B 222 2.88 -25.77 24.71
CA LEU B 222 3.09 -27.05 25.35
C LEU B 222 2.10 -27.29 26.49
N SER B 223 1.69 -26.22 27.17
CA SER B 223 0.72 -26.38 28.26
C SER B 223 -0.68 -26.63 27.71
N ASN B 224 -1.08 -25.90 26.67
CA ASN B 224 -2.44 -26.00 26.17
C ASN B 224 -2.67 -27.18 25.23
N SER B 225 -1.61 -27.91 24.87
CA SER B 225 -1.80 -29.08 24.00
C SER B 225 -2.63 -30.15 24.70
N LEU B 226 -2.36 -30.39 25.98
CA LEU B 226 -3.13 -31.35 26.77
C LEU B 226 -4.21 -30.59 27.54
N GLN B 227 -5.22 -30.13 26.81
CA GLN B 227 -6.31 -29.37 27.38
C GLN B 227 -7.65 -29.93 26.92
N GLU B 228 -8.63 -29.87 27.83
CA GLU B 228 -9.98 -30.32 27.56
C GLU B 228 -10.91 -29.21 27.10
N SER B 229 -10.68 -27.98 27.56
CA SER B 229 -11.50 -26.86 27.14
C SER B 229 -11.22 -26.51 25.70
N THR B 230 -12.28 -26.32 24.91
CA THR B 230 -12.12 -25.99 23.49
C THR B 230 -11.36 -24.69 23.25
N PRO B 231 -11.66 -23.56 23.92
CA PRO B 231 -10.91 -22.33 23.61
C PRO B 231 -9.42 -22.46 23.89
N LEU B 232 -9.04 -23.22 24.91
CA LEU B 232 -7.63 -23.44 25.22
C LEU B 232 -6.99 -24.47 24.31
N PHE B 233 -7.69 -25.58 24.03
CA PHE B 233 -7.13 -26.62 23.18
C PHE B 233 -6.94 -26.14 21.75
N LEU B 234 -7.91 -25.43 21.19
CA LEU B 234 -7.78 -24.94 19.83
C LEU B 234 -6.64 -23.96 19.66
N SER B 235 -6.27 -23.25 20.73
CA SER B 235 -5.21 -22.25 20.66
C SER B 235 -3.86 -22.85 20.33
N SER B 236 -3.64 -24.14 20.60
CA SER B 236 -2.34 -24.75 20.34
C SER B 236 -2.48 -26.02 19.52
N HIS B 237 -3.57 -26.15 18.77
CA HIS B 237 -3.75 -27.32 17.92
C HIS B 237 -3.70 -26.93 16.45
N GLU B 238 -4.12 -25.70 16.14
CA GLU B 238 -4.14 -25.22 14.77
C GLU B 238 -3.40 -23.89 14.67
N ILE B 239 -2.97 -23.33 15.80
CA ILE B 239 -2.36 -22.01 15.85
C ILE B 239 -0.88 -22.10 16.21
N TRP B 240 -0.54 -22.85 17.26
CA TRP B 240 0.81 -22.85 17.80
C TRP B 240 1.49 -24.21 17.81
N MET B 241 0.80 -25.27 17.43
CA MET B 241 1.50 -26.53 17.20
C MET B 241 2.17 -26.52 15.83
N PRO B 242 1.43 -26.30 14.72
CA PRO B 242 2.08 -26.38 13.41
C PRO B 242 3.07 -25.27 13.13
N LEU B 243 2.78 -24.04 13.54
CA LEU B 243 3.76 -22.97 13.39
C LEU B 243 5.04 -23.27 14.13
N LEU B 244 4.94 -23.78 15.36
CA LEU B 244 6.14 -24.14 16.11
C LEU B 244 6.89 -25.28 15.45
N GLU B 245 6.18 -26.23 14.83
CA GLU B 245 6.87 -27.25 14.05
C GLU B 245 7.73 -26.65 12.95
N ILE B 246 7.17 -25.71 12.18
CA ILE B 246 7.92 -25.04 11.13
C ILE B 246 9.08 -24.24 11.72
N LEU B 247 8.86 -23.60 12.87
CA LEU B 247 9.92 -22.85 13.52
C LEU B 247 11.10 -23.76 13.87
N ILE B 248 10.81 -24.92 14.48
CA ILE B 248 11.88 -25.84 14.85
C ILE B 248 12.58 -26.35 13.60
N ASP B 249 11.82 -26.70 12.56
CA ASP B 249 12.46 -27.21 11.36
C ASP B 249 13.35 -26.18 10.67
N LEU B 250 12.93 -24.93 10.59
CA LEU B 250 13.78 -23.89 10.03
C LEU B 250 14.98 -23.59 10.91
N PHE B 251 14.82 -23.64 12.23
CA PHE B 251 15.98 -23.43 13.10
C PHE B 251 16.97 -24.58 12.98
N SER B 252 16.49 -25.78 12.65
CA SER B 252 17.35 -26.92 12.40
C SER B 252 18.03 -26.87 11.04
N CYS B 253 17.46 -26.15 10.07
CA CYS B 253 18.05 -26.03 8.74
C CYS B 253 18.99 -24.85 8.61
N ARG B 254 18.68 -23.72 9.24
CA ARG B 254 19.63 -22.63 9.33
C ARG B 254 20.90 -23.06 10.03
N GLN B 255 20.77 -23.95 11.03
CA GLN B 255 21.94 -24.53 11.66
C GLN B 255 22.73 -25.40 10.68
N ASP B 256 22.04 -26.25 9.92
CA ASP B 256 22.72 -27.11 8.96
C ASP B 256 23.48 -26.31 7.92
N TYR B 257 22.91 -25.21 7.44
CA TYR B 257 23.64 -24.33 6.56
C TYR B 257 24.75 -23.55 7.26
N PHE B 258 24.53 -23.19 8.52
CA PHE B 258 25.49 -22.39 9.27
C PHE B 258 26.77 -23.16 9.58
N ILE B 259 26.68 -24.48 9.77
CA ILE B 259 27.86 -25.25 10.14
C ILE B 259 28.87 -25.28 8.99
N GLN B 260 28.38 -25.53 7.77
CA GLN B 260 29.29 -25.62 6.64
C GLN B 260 29.80 -24.24 6.23
N HIS B 261 28.90 -23.36 5.83
CA HIS B 261 29.25 -22.01 5.40
C HIS B 261 29.13 -21.05 6.58
N GLU B 262 30.11 -21.14 7.47
CA GLU B 262 30.14 -20.32 8.67
C GLU B 262 30.21 -18.83 8.33
N ALA B 264 34.30 -22.02 8.24
CA ALA B 264 35.63 -21.94 8.83
C ALA B 264 36.29 -23.31 8.85
N GLN B 265 36.55 -23.86 7.67
CA GLN B 265 37.20 -25.15 7.57
C GLN B 265 38.64 -25.07 8.06
N ASN B 266 39.11 -26.16 8.68
CA ASN B 266 40.46 -26.24 9.24
C ASN B 266 40.68 -25.17 10.31
N VAL B 267 39.87 -25.24 11.36
CA VAL B 267 39.92 -24.30 12.46
C VAL B 267 40.15 -25.06 13.76
N SER B 268 40.72 -24.37 14.75
CA SER B 268 41.02 -24.98 16.02
C SER B 268 39.74 -25.43 16.72
N LYS B 269 39.83 -26.56 17.43
CA LYS B 269 38.66 -27.09 18.12
C LYS B 269 38.18 -26.14 19.21
N SER B 270 39.11 -25.54 19.96
CA SER B 270 38.73 -24.62 21.02
C SER B 270 38.05 -23.37 20.47
N LEU B 271 38.24 -23.09 19.18
CA LEU B 271 37.53 -22.01 18.51
C LEU B 271 36.35 -22.47 17.70
N PHE B 272 36.37 -23.71 17.20
CA PHE B 272 35.20 -24.27 16.54
C PHE B 272 34.05 -24.43 17.51
N VAL B 273 34.34 -24.84 18.74
CA VAL B 273 33.33 -24.89 19.78
C VAL B 273 32.82 -23.49 20.11
N GLN B 274 33.67 -22.47 20.02
CA GLN B 274 33.24 -21.10 20.20
C GLN B 274 32.38 -20.60 19.04
N ARG B 275 32.55 -21.18 17.86
CA ARG B 275 31.69 -20.90 16.71
C ARG B 275 30.32 -21.52 16.84
N LEU B 276 29.97 -22.03 18.02
CA LEU B 276 28.68 -22.63 18.28
C LEU B 276 27.89 -21.86 19.34
N SER B 277 28.50 -20.88 20.00
CA SER B 277 27.80 -20.07 20.98
C SER B 277 26.90 -19.03 20.34
N GLU B 278 27.25 -18.53 19.17
CA GLU B 278 26.42 -17.60 18.41
C GLU B 278 25.59 -18.31 17.35
N SER B 279 25.57 -19.65 17.36
CA SER B 279 24.83 -20.40 16.37
C SER B 279 23.33 -20.13 16.50
N PRO B 280 22.58 -20.23 15.40
CA PRO B 280 21.14 -19.96 15.49
C PRO B 280 20.42 -20.84 16.50
N LEU B 281 20.77 -22.12 16.60
CA LEU B 281 20.17 -22.94 17.65
C LEU B 281 20.62 -22.52 19.03
N ALA B 282 21.82 -21.96 19.17
CA ALA B 282 22.28 -21.47 20.46
C ALA B 282 21.47 -20.28 20.94
N VAL B 283 21.28 -19.27 20.08
CA VAL B 283 20.45 -18.13 20.46
C VAL B 283 19.00 -18.57 20.63
N PHE B 284 18.57 -19.59 19.89
CA PHE B 284 17.22 -20.11 20.07
C PHE B 284 17.02 -20.62 21.49
N PHE B 285 17.92 -21.47 21.96
CA PHE B 285 17.82 -21.99 23.32
C PHE B 285 18.23 -20.96 24.38
N GLU B 286 18.84 -19.85 23.98
CA GLU B 286 19.11 -18.79 24.94
C GLU B 286 17.84 -18.20 25.52
N SER B 287 16.69 -18.45 24.89
CA SER B 287 15.42 -17.96 25.42
C SER B 287 15.13 -18.51 26.81
N LEU B 288 15.63 -19.70 27.13
CA LEU B 288 15.42 -20.27 28.45
C LEU B 288 16.19 -19.45 29.49
N ASN B 289 15.46 -18.73 30.32
CA ASN B 289 16.05 -17.73 31.22
C ASN B 289 16.38 -18.35 32.59
N THR B 290 17.09 -19.47 32.55
CA THR B 290 17.52 -20.15 33.76
C THR B 290 18.90 -20.77 33.52
N ARG B 291 19.58 -21.08 34.61
CA ARG B 291 20.83 -21.84 34.59
C ARG B 291 20.69 -23.15 35.34
N ASN B 292 19.47 -23.66 35.42
CA ASN B 292 19.15 -24.91 36.12
C ASN B 292 18.61 -25.93 35.15
N PHE B 293 19.23 -26.01 33.96
CA PHE B 293 18.72 -26.86 32.90
C PHE B 293 18.71 -28.34 33.28
N ALA B 294 19.50 -28.73 34.28
CA ALA B 294 19.39 -30.08 34.82
C ALA B 294 18.07 -30.28 35.57
N ASN B 295 17.39 -29.19 35.91
CA ASN B 295 16.07 -29.26 36.53
C ASN B 295 15.10 -28.25 35.94
N ARG B 296 15.46 -27.61 34.83
CA ARG B 296 14.57 -26.68 34.15
C ARG B 296 14.17 -27.15 32.76
N PHE B 297 15.15 -27.43 31.89
CA PHE B 297 14.82 -27.90 30.54
C PHE B 297 14.08 -29.23 30.58
N SER B 298 14.27 -30.01 31.63
CA SER B 298 13.45 -31.19 31.88
C SER B 298 12.05 -30.84 32.35
N GLU B 299 11.80 -29.58 32.72
CA GLU B 299 10.49 -29.15 33.16
C GLU B 299 9.84 -28.11 32.26
N TYR B 300 10.55 -27.61 31.24
CA TYR B 300 9.89 -26.83 30.21
C TYR B 300 9.25 -27.70 29.13
N VAL B 301 9.94 -28.75 28.68
CA VAL B 301 9.38 -29.61 27.64
C VAL B 301 8.12 -30.30 28.13
N PHE B 302 8.15 -30.80 29.37
CA PHE B 302 6.99 -31.49 29.95
C PHE B 302 6.33 -30.53 30.95
N LEU B 303 5.43 -29.69 30.42
CA LEU B 303 4.76 -28.70 31.24
C LEU B 303 3.43 -29.23 31.79
N ASN B 304 2.53 -29.64 30.90
CA ASN B 304 1.22 -30.12 31.32
C ASN B 304 1.21 -31.61 31.60
N CYS B 305 2.31 -32.31 31.33
CA CYS B 305 2.40 -33.72 31.65
C CYS B 305 2.46 -33.92 33.16
N ASP B 306 2.01 -35.09 33.61
CA ASP B 306 1.89 -35.41 35.02
C ASP B 306 2.66 -36.69 35.31
N TYR B 307 3.95 -36.57 35.61
CA TYR B 307 4.73 -37.76 35.90
C TYR B 307 4.81 -38.05 37.41
N LYS B 308 5.60 -37.27 38.14
CA LYS B 308 5.55 -37.20 39.59
C LYS B 308 5.91 -35.80 40.06
N LEU B 309 5.42 -34.78 39.34
CA LEU B 309 6.03 -33.45 39.28
C LEU B 309 6.43 -32.94 40.66
N PRO B 310 7.74 -32.90 40.96
CA PRO B 310 8.22 -32.51 42.29
C PRO B 310 8.66 -31.06 42.40
N SER B 311 8.45 -30.23 41.38
CA SER B 311 8.96 -28.87 41.39
C SER B 311 8.16 -28.04 42.39
N ASP B 312 8.74 -27.83 43.58
CA ASP B 312 8.10 -26.98 44.58
C ASP B 312 7.96 -25.55 44.11
N ASN B 313 8.78 -25.13 43.14
CA ASN B 313 8.59 -23.84 42.51
C ASN B 313 7.25 -23.79 41.79
N TYR B 314 6.63 -22.63 41.79
CA TYR B 314 5.35 -22.46 41.12
C TYR B 314 5.50 -22.71 39.62
N ALA B 315 4.45 -23.28 39.04
CA ALA B 315 4.43 -23.48 37.59
C ALA B 315 4.54 -22.15 36.87
N THR B 316 5.24 -22.16 35.75
CA THR B 316 5.51 -20.92 35.03
C THR B 316 4.21 -20.26 34.61
N PRO B 317 4.08 -18.93 34.74
CA PRO B 317 2.85 -18.26 34.31
C PRO B 317 2.69 -18.34 32.80
N VAL B 318 1.51 -18.77 32.36
CA VAL B 318 1.23 -19.00 30.96
C VAL B 318 0.08 -18.09 30.55
N HIS B 319 0.31 -17.25 29.55
CA HIS B 319 -0.68 -16.31 29.06
C HIS B 319 -0.71 -16.32 27.53
N PRO B 320 -1.84 -16.00 26.92
CA PRO B 320 -1.90 -15.95 25.46
C PRO B 320 -1.06 -14.81 24.90
N VAL B 321 -0.54 -15.04 23.70
CA VAL B 321 0.26 -14.02 23.03
C VAL B 321 -0.63 -12.90 22.49
N TYR B 322 -1.77 -13.27 21.91
CA TYR B 322 -2.71 -12.31 21.35
C TYR B 322 -4.02 -12.36 22.13
N ASN B 323 -4.65 -11.19 22.28
CA ASN B 323 -5.85 -11.08 23.09
C ASN B 323 -7.03 -11.80 22.45
N GLY B 324 -7.83 -12.44 23.29
CA GLY B 324 -8.98 -13.18 22.82
C GLY B 324 -8.68 -14.57 22.29
N GLU B 325 -7.44 -15.04 22.43
CA GLU B 325 -7.08 -16.35 21.89
C GLU B 325 -7.86 -17.47 22.58
N ASN B 326 -7.96 -17.42 23.90
CA ASN B 326 -8.63 -18.48 24.66
C ASN B 326 -10.12 -18.17 24.85
N THR B 327 -10.79 -17.83 23.76
CA THR B 327 -12.22 -17.56 23.76
C THR B 327 -12.81 -18.07 22.46
N ILE B 328 -13.90 -18.82 22.55
CA ILE B 328 -14.58 -19.28 21.35
C ILE B 328 -15.58 -18.22 20.90
N VAL B 329 -15.71 -18.06 19.59
CA VAL B 329 -16.64 -17.10 19.03
C VAL B 329 -18.00 -17.78 18.93
N ASP B 330 -19.06 -16.98 19.12
CA ASP B 330 -20.41 -17.54 19.21
C ASP B 330 -20.83 -18.18 17.89
N THR B 331 -20.47 -17.56 16.77
CA THR B 331 -20.94 -17.99 15.46
C THR B 331 -20.08 -19.10 14.83
N TYR B 332 -19.34 -19.85 15.64
CA TYR B 332 -18.56 -20.98 15.15
C TYR B 332 -18.61 -22.10 16.19
N ILE B 333 -18.94 -23.31 15.73
CA ILE B 333 -19.03 -24.49 16.59
C ILE B 333 -17.95 -25.46 16.14
N PRO B 334 -17.14 -25.99 17.06
CA PRO B 334 -16.10 -26.95 16.66
C PRO B 334 -16.71 -28.22 16.09
N THR B 335 -15.96 -28.84 15.18
CA THR B 335 -16.46 -30.01 14.46
C THR B 335 -15.59 -31.24 14.71
N ILE B 336 -14.29 -31.04 14.90
CA ILE B 336 -13.37 -32.15 15.07
C ILE B 336 -13.44 -32.67 16.50
N LYS B 337 -13.68 -33.97 16.64
CA LYS B 337 -13.67 -34.64 17.93
C LYS B 337 -12.31 -35.29 18.11
N CYS B 338 -11.46 -34.70 18.95
CA CYS B 338 -10.12 -35.18 19.20
C CYS B 338 -10.12 -36.01 20.47
N SER B 339 -9.75 -37.28 20.34
CA SER B 339 -9.63 -38.15 21.50
C SER B 339 -8.46 -37.70 22.37
N PRO B 340 -8.57 -37.89 23.69
CA PRO B 340 -7.43 -37.57 24.57
C PRO B 340 -6.16 -38.34 24.22
N LEU B 341 -6.30 -39.57 23.74
CA LEU B 341 -5.14 -40.29 23.22
C LEU B 341 -4.58 -39.59 21.97
N TYR B 342 -5.45 -39.25 21.03
CA TYR B 342 -5.02 -38.45 19.90
C TYR B 342 -4.58 -37.06 20.35
N LYS B 343 -5.14 -36.55 21.45
CA LYS B 343 -4.70 -35.28 21.98
C LYS B 343 -3.24 -35.34 22.40
N SER B 344 -2.84 -36.42 23.07
CA SER B 344 -1.49 -36.51 23.59
C SER B 344 -0.55 -37.22 22.62
N GLN B 345 -1.06 -37.61 21.46
CA GLN B 345 -0.22 -38.31 20.51
C GLN B 345 0.47 -37.34 19.57
N LYS B 346 -0.14 -36.18 19.35
CA LYS B 346 0.47 -35.14 18.53
C LYS B 346 1.15 -34.05 19.36
N SER B 347 1.14 -34.18 20.70
CA SER B 347 1.79 -33.25 21.58
C SER B 347 3.17 -33.72 22.04
N LEU B 348 3.38 -35.03 22.15
CA LEU B 348 4.68 -35.58 22.47
C LEU B 348 5.54 -35.78 21.24
N ALA B 349 4.94 -35.95 20.05
CA ALA B 349 5.70 -35.92 18.82
C ALA B 349 6.30 -34.56 18.53
N LEU B 350 5.76 -33.50 19.13
CA LEU B 350 6.33 -32.17 19.10
C LEU B 350 7.31 -31.92 20.23
N ARG B 351 7.01 -32.42 21.43
CA ARG B 351 7.93 -32.29 22.54
C ARG B 351 9.25 -33.00 22.26
N ARG B 352 9.18 -34.22 21.72
CA ARG B 352 10.40 -34.96 21.37
C ARG B 352 11.16 -34.25 20.25
N LYS B 353 10.43 -33.70 19.27
CA LYS B 353 11.08 -33.01 18.17
C LYS B 353 11.77 -31.74 18.64
N LEU B 354 11.21 -31.07 19.66
CA LEU B 354 11.92 -29.98 20.33
C LEU B 354 13.12 -30.50 21.10
N ILE B 355 13.00 -31.66 21.75
CA ILE B 355 14.17 -32.28 22.37
C ILE B 355 15.17 -32.74 21.31
N GLY B 356 14.69 -33.25 20.17
CA GLY B 356 15.58 -33.71 19.13
C GLY B 356 16.46 -32.61 18.54
N SER B 357 16.03 -31.35 18.67
CA SER B 357 16.84 -30.23 18.25
C SER B 357 17.81 -29.76 19.33
N CYS B 358 17.77 -30.40 20.51
CA CYS B 358 18.68 -30.05 21.60
C CYS B 358 19.96 -30.88 21.62
N PHE B 359 19.87 -32.18 21.40
CA PHE B 359 21.05 -33.03 21.29
C PHE B 359 21.73 -32.90 19.94
N LYS B 360 21.07 -32.26 18.97
CA LYS B 360 21.65 -32.05 17.65
C LYS B 360 22.77 -31.03 17.65
N LEU B 361 22.66 -29.98 18.46
CA LEU B 361 23.81 -29.12 18.70
C LEU B 361 24.79 -29.77 19.68
N LEU B 362 24.26 -30.56 20.62
CA LEU B 362 25.10 -31.19 21.63
C LEU B 362 26.02 -32.25 21.06
N LEU B 363 25.64 -32.92 19.97
CA LEU B 363 26.55 -33.84 19.32
C LEU B 363 27.70 -33.10 18.65
N ARG B 364 27.45 -31.88 18.17
CA ARG B 364 28.50 -31.08 17.54
C ARG B 364 29.50 -30.53 18.54
N VAL B 365 29.13 -30.45 19.81
CA VAL B 365 30.08 -29.98 20.83
C VAL B 365 31.22 -31.00 20.95
N PRO B 366 32.48 -30.57 20.87
CA PRO B 366 33.59 -31.53 20.90
C PRO B 366 33.73 -32.17 22.27
N ASP B 367 34.42 -33.32 22.28
CA ASP B 367 34.66 -34.04 23.51
C ASP B 367 35.51 -33.27 24.50
N GLY B 368 36.39 -32.39 24.01
CA GLY B 368 37.30 -31.68 24.89
C GLY B 368 36.66 -30.56 25.67
N HIS B 369 36.10 -29.59 24.98
CA HIS B 369 35.50 -28.41 25.61
C HIS B 369 33.98 -28.59 25.67
N ARG B 370 33.32 -27.66 26.35
CA ARG B 370 31.88 -27.66 26.50
C ARG B 370 31.32 -26.36 25.94
N LEU B 371 30.08 -26.42 25.48
CA LEU B 371 29.46 -25.26 24.83
C LEU B 371 29.29 -24.11 25.81
N ILE B 372 29.45 -22.88 25.31
CA ILE B 372 29.63 -21.72 26.16
C ILE B 372 28.32 -20.99 26.44
N THR B 373 27.63 -20.58 25.38
CA THR B 373 26.49 -19.67 25.55
C THR B 373 25.37 -20.27 26.41
N PRO B 374 24.85 -21.48 26.15
CA PRO B 374 23.80 -22.01 27.03
C PRO B 374 24.33 -22.65 28.29
N ARG B 375 25.62 -22.97 28.36
CA ARG B 375 26.23 -23.61 29.52
C ARG B 375 25.54 -24.94 29.83
N ILE B 376 25.52 -25.82 28.82
CA ILE B 376 24.86 -27.11 28.92
C ILE B 376 25.87 -28.21 28.62
N VAL B 377 25.56 -29.42 29.09
CA VAL B 377 26.40 -30.59 28.91
C VAL B 377 25.60 -31.66 28.20
N ALA B 378 26.26 -32.40 27.32
CA ALA B 378 25.61 -33.49 26.59
C ALA B 378 25.25 -34.67 27.47
N ASP B 379 25.49 -34.60 28.78
CA ASP B 379 25.13 -35.66 29.70
C ASP B 379 24.15 -35.24 30.78
N ASP B 380 24.18 -33.98 31.22
CA ASP B 380 23.26 -33.51 32.24
C ASP B 380 21.81 -33.49 31.77
N VAL B 381 21.58 -33.55 30.47
CA VAL B 381 20.23 -33.57 29.91
C VAL B 381 19.90 -34.93 29.29
N ILE B 382 20.76 -35.93 29.48
CA ILE B 382 20.39 -37.30 29.17
C ILE B 382 19.86 -37.91 30.46
N GLN B 383 20.46 -37.52 31.58
CA GLN B 383 19.98 -37.91 32.90
C GLN B 383 18.83 -37.04 33.39
N GLY B 384 18.67 -35.84 32.83
CA GLY B 384 17.56 -34.98 33.19
C GLY B 384 16.30 -35.33 32.41
N ILE B 385 16.48 -35.80 31.18
CA ILE B 385 15.36 -36.22 30.35
C ILE B 385 15.18 -37.72 30.58
N SER B 386 15.75 -38.22 31.69
CA SER B 386 15.49 -39.57 32.13
C SER B 386 14.77 -39.65 33.48
N ARG B 387 15.10 -38.78 34.43
CA ARG B 387 14.48 -38.84 35.75
C ARG B 387 13.01 -38.48 35.73
N THR B 388 12.53 -37.85 34.65
CA THR B 388 11.11 -37.63 34.45
C THR B 388 10.48 -38.67 33.54
N LEU B 389 11.22 -39.11 32.52
CA LEU B 389 10.67 -40.09 31.57
C LEU B 389 10.34 -41.40 32.26
N ALA B 390 11.21 -41.85 33.16
CA ALA B 390 10.95 -43.05 33.95
C ALA B 390 10.02 -42.78 35.13
N SER B 391 9.55 -41.55 35.29
CA SER B 391 8.71 -41.16 36.41
C SER B 391 7.25 -40.98 36.01
N PHE B 392 6.88 -41.37 34.80
CA PHE B 392 5.53 -41.14 34.31
C PHE B 392 4.50 -41.94 35.09
N ASN B 393 3.29 -41.39 35.21
CA ASN B 393 2.17 -42.09 35.81
C ASN B 393 1.34 -42.80 34.74
N ASP B 394 0.89 -42.07 33.73
CA ASP B 394 0.13 -42.64 32.63
C ASP B 394 1.11 -43.31 31.66
N ILE B 395 1.17 -44.64 31.70
CA ILE B 395 2.08 -45.37 30.82
C ILE B 395 1.77 -45.17 29.35
N LEU B 396 0.53 -44.79 29.00
CA LEU B 396 0.24 -44.46 27.61
C LEU B 396 1.12 -43.34 27.09
N GLN B 397 1.32 -42.28 27.89
CA GLN B 397 2.22 -41.21 27.49
C GLN B 397 3.67 -41.70 27.42
N PHE B 398 4.08 -42.52 28.39
CA PHE B 398 5.38 -43.17 28.32
C PHE B 398 5.59 -43.81 26.96
N LYS B 399 4.67 -44.68 26.56
CA LYS B 399 4.83 -45.38 25.29
C LYS B 399 4.84 -44.40 24.12
N LYS B 400 3.82 -43.55 24.02
CA LYS B 400 3.72 -42.70 22.84
C LYS B 400 4.91 -41.75 22.70
N PHE B 401 5.53 -41.35 23.81
CA PHE B 401 6.79 -40.62 23.68
C PHE B 401 7.88 -41.54 23.16
N PHE B 402 8.15 -42.64 23.87
CA PHE B 402 9.23 -43.54 23.44
C PHE B 402 8.92 -44.22 22.12
N MET B 403 7.66 -44.54 21.87
CA MET B 403 7.26 -45.17 20.62
C MET B 403 7.08 -44.07 19.58
N THR B 404 8.11 -43.88 18.76
CA THR B 404 8.18 -42.78 17.81
C THR B 404 7.89 -43.22 16.38
N GLU B 405 7.01 -42.46 15.71
CA GLU B 405 6.54 -42.77 14.36
C GLU B 405 7.57 -42.48 13.28
N ASN B 406 8.60 -41.68 13.58
CA ASN B 406 9.70 -41.43 12.66
C ASN B 406 10.94 -42.02 13.31
N LEU B 407 11.16 -43.32 13.09
CA LEU B 407 12.24 -44.02 13.76
C LEU B 407 13.60 -43.69 13.15
N SER B 408 13.65 -43.53 11.83
CA SER B 408 14.93 -43.29 11.17
C SER B 408 15.47 -41.91 11.46
N GLN B 409 14.64 -40.88 11.27
CA GLN B 409 15.11 -39.51 11.48
C GLN B 409 15.36 -39.24 12.96
N GLU B 410 14.50 -39.74 13.83
CA GLU B 410 14.69 -39.60 15.28
C GLU B 410 15.60 -40.68 15.85
N SER B 411 16.78 -40.83 15.24
CA SER B 411 17.78 -41.73 15.77
C SER B 411 18.74 -40.93 16.65
N TYR B 412 19.84 -41.56 17.07
CA TYR B 412 21.03 -40.92 17.61
C TYR B 412 20.78 -40.20 18.94
N PHE B 413 19.52 -40.10 19.37
CA PHE B 413 19.25 -39.66 20.75
C PHE B 413 18.16 -40.43 21.45
N ILE B 414 17.20 -41.03 20.74
CA ILE B 414 16.21 -41.89 21.37
C ILE B 414 16.91 -43.14 21.92
N PRO B 415 17.81 -43.80 21.15
CA PRO B 415 18.58 -44.89 21.76
C PRO B 415 19.77 -44.36 22.54
N LEU B 416 19.58 -43.28 23.24
CA LEU B 416 20.42 -42.85 24.34
C LEU B 416 19.60 -42.54 25.58
N LEU B 417 18.47 -41.85 25.41
CA LEU B 417 17.53 -41.65 26.49
C LEU B 417 16.85 -42.93 26.90
N ALA B 418 16.69 -43.88 25.97
CA ALA B 418 16.16 -45.20 26.35
C ALA B 418 17.09 -45.88 27.36
N GLU B 419 18.38 -45.96 27.04
CA GLU B 419 19.32 -46.59 27.97
C GLU B 419 19.48 -45.77 29.24
N GLY B 420 19.45 -44.43 29.14
CA GLY B 420 19.50 -43.62 30.34
C GLY B 420 18.35 -43.88 31.28
N THR B 421 17.13 -43.99 30.74
CA THR B 421 15.97 -44.31 31.56
C THR B 421 16.07 -45.71 32.15
N LEU B 422 16.55 -46.68 31.36
CA LEU B 422 16.69 -48.03 31.90
C LEU B 422 17.70 -48.08 33.03
N SER B 423 18.83 -47.36 32.89
CA SER B 423 19.80 -47.30 33.95
C SER B 423 19.25 -46.68 35.22
N GLU B 424 18.49 -45.59 35.10
CA GLU B 424 17.86 -44.97 36.26
C GLU B 424 16.80 -45.86 36.90
N ILE B 425 16.05 -46.61 36.10
CA ILE B 425 14.97 -47.41 36.65
C ILE B 425 15.52 -48.68 37.29
N LEU B 426 16.68 -49.15 36.82
CA LEU B 426 17.35 -50.25 37.51
C LEU B 426 18.00 -49.81 38.81
N LYS B 427 18.17 -48.50 39.03
CA LYS B 427 18.59 -48.02 40.33
C LYS B 427 17.53 -48.25 41.40
N ASP B 428 16.26 -48.34 41.02
CA ASP B 428 15.19 -48.66 41.94
C ASP B 428 14.74 -50.12 41.86
N THR B 429 14.91 -50.76 40.71
CA THR B 429 14.56 -52.17 40.57
C THR B 429 15.72 -53.09 40.92
N GLN B 430 16.96 -52.59 40.88
CA GLN B 430 18.15 -53.38 41.16
C GLN B 430 18.25 -54.59 40.22
N VAL B 434 24.47 -51.06 38.99
CA VAL B 434 24.41 -51.73 37.70
C VAL B 434 24.96 -50.80 36.61
N ILE B 435 25.64 -51.39 35.64
CA ILE B 435 26.23 -50.66 34.51
C ILE B 435 25.57 -51.15 33.23
N LEU B 436 25.03 -50.22 32.45
CA LEU B 436 24.33 -50.53 31.22
C LEU B 436 25.14 -50.02 30.04
N THR B 437 25.50 -50.92 29.12
CA THR B 437 26.35 -50.60 27.99
C THR B 437 25.74 -51.08 26.68
N LEU B 438 24.42 -50.94 26.55
CA LEU B 438 23.75 -51.38 25.33
C LEU B 438 24.08 -50.46 24.16
N VAL B 439 24.14 -49.15 24.41
CA VAL B 439 24.33 -48.19 23.32
C VAL B 439 25.72 -48.34 22.71
N GLU B 440 26.73 -48.60 23.53
CA GLU B 440 28.07 -48.81 23.00
C GLU B 440 28.17 -50.09 22.18
N ASN B 441 27.16 -50.96 22.28
CA ASN B 441 27.15 -52.23 21.58
C ASN B 441 26.31 -52.20 20.31
N LEU B 442 25.92 -51.00 19.86
CA LEU B 442 24.86 -50.83 18.87
C LEU B 442 25.10 -51.59 17.56
N SER B 443 26.30 -52.11 17.33
CA SER B 443 26.59 -52.75 16.05
C SER B 443 26.46 -54.26 16.09
N ASP B 444 27.05 -54.92 17.07
CA ASP B 444 27.14 -56.38 17.10
C ASP B 444 26.07 -56.95 18.03
N GLY B 445 25.26 -57.87 17.51
CA GLY B 445 24.13 -58.38 18.27
C GLY B 445 24.52 -59.34 19.37
N VAL B 446 25.68 -60.00 19.24
CA VAL B 446 26.13 -60.89 20.30
C VAL B 446 26.34 -60.11 21.59
N SER B 447 26.84 -58.88 21.49
CA SER B 447 27.00 -58.04 22.67
C SER B 447 25.65 -57.74 23.33
N PHE B 448 24.64 -57.39 22.53
CA PHE B 448 23.30 -57.22 23.08
C PHE B 448 22.85 -58.46 23.82
N CYS B 449 23.01 -59.63 23.20
CA CYS B 449 22.48 -60.85 23.79
C CYS B 449 23.17 -61.19 25.10
N ASN B 450 24.50 -61.09 25.13
CA ASN B 450 25.21 -61.34 26.39
C ASN B 450 24.78 -60.35 27.47
N GLU B 451 24.69 -59.06 27.12
CA GLU B 451 24.30 -58.07 28.12
C GLU B 451 22.89 -58.33 28.63
N VAL B 452 21.96 -58.68 27.73
CA VAL B 452 20.56 -58.83 28.13
C VAL B 452 20.38 -60.11 28.96
N ILE B 453 21.10 -61.18 28.62
CA ILE B 453 20.99 -62.38 29.44
C ILE B 453 21.60 -62.13 30.81
N GLY B 454 22.71 -61.38 30.87
CA GLY B 454 23.24 -61.00 32.16
C GLY B 454 22.26 -60.18 32.98
N LEU B 455 21.55 -59.26 32.32
CA LEU B 455 20.57 -58.43 33.02
C LEU B 455 19.41 -59.25 33.55
N VAL B 456 18.80 -60.08 32.70
CA VAL B 456 17.66 -60.85 33.15
C VAL B 456 18.07 -61.84 34.23
N LYS B 457 19.27 -62.41 34.13
CA LYS B 457 19.80 -63.22 35.21
C LYS B 457 20.11 -62.39 36.45
N SER B 458 20.29 -61.08 36.30
CA SER B 458 20.57 -60.20 37.43
C SER B 458 19.31 -59.77 38.17
N LYS B 459 18.15 -60.30 37.81
CA LYS B 459 16.87 -59.99 38.48
C LYS B 459 16.55 -58.49 38.37
N CYS B 460 16.55 -57.99 37.13
CA CYS B 460 16.15 -56.61 36.86
C CYS B 460 14.81 -56.51 36.14
N PHE B 461 14.48 -57.51 35.32
CA PHE B 461 13.20 -57.52 34.61
C PHE B 461 12.12 -58.27 35.37
N ALA B 462 12.49 -59.10 36.34
CA ALA B 462 11.52 -59.78 37.18
C ALA B 462 10.98 -58.83 38.24
N PHE B 463 9.92 -59.26 38.92
CA PHE B 463 9.30 -58.44 39.94
C PHE B 463 10.16 -58.40 41.19
N THR B 464 9.68 -57.66 42.19
CA THR B 464 10.42 -57.44 43.44
C THR B 464 10.21 -58.58 44.42
N GLU B 465 10.55 -58.35 45.68
CA GLU B 465 10.43 -59.34 46.75
C GLU B 465 8.99 -59.46 47.22
N GLN B 466 8.76 -60.16 48.35
CA GLN B 466 7.44 -60.69 48.67
C GLN B 466 6.37 -59.61 48.82
N CYS B 467 6.76 -58.35 49.01
CA CYS B 467 5.77 -57.28 49.05
C CYS B 467 5.04 -57.19 47.73
N SER B 468 3.80 -57.69 47.69
CA SER B 468 3.07 -57.85 46.44
C SER B 468 1.85 -56.96 46.36
N GLN B 469 0.94 -57.02 47.32
CA GLN B 469 -0.30 -56.26 47.26
C GLN B 469 -0.21 -54.91 47.97
N ALA B 470 0.77 -54.74 48.86
CA ALA B 470 0.89 -53.47 49.58
C ALA B 470 1.21 -52.33 48.63
N SER B 471 2.06 -52.57 47.63
CA SER B 471 2.46 -51.57 46.66
C SER B 471 2.41 -52.14 45.25
N TYR B 472 1.31 -52.81 44.92
CA TYR B 472 1.20 -53.42 43.60
C TYR B 472 1.07 -52.39 42.50
N GLU B 473 0.20 -51.39 42.69
CA GLU B 473 -0.14 -50.49 41.59
C GLU B 473 1.07 -49.71 41.08
N GLU B 474 2.00 -49.37 41.97
CA GLU B 474 3.19 -48.66 41.55
C GLU B 474 4.27 -49.61 41.05
N ALA B 475 4.40 -50.78 41.67
CA ALA B 475 5.41 -51.75 41.23
C ALA B 475 5.13 -52.24 39.82
N VAL B 476 3.87 -52.53 39.52
CA VAL B 476 3.53 -52.99 38.18
C VAL B 476 3.82 -51.91 37.15
N LEU B 477 3.48 -50.65 37.47
CA LEU B 477 3.78 -49.56 36.55
C LEU B 477 5.27 -49.40 36.35
N ASN B 478 6.05 -49.52 37.42
CA ASN B 478 7.50 -49.44 37.34
C ASN B 478 8.05 -50.52 36.42
N ILE B 479 7.63 -51.76 36.64
CA ILE B 479 8.19 -52.87 35.87
C ILE B 479 7.72 -52.87 34.42
N GLU B 480 6.50 -52.40 34.13
CA GLU B 480 6.09 -52.31 32.74
C GLU B 480 6.74 -51.13 32.04
N LYS B 481 7.00 -50.04 32.76
CA LYS B 481 7.74 -48.92 32.20
C LYS B 481 9.18 -49.30 31.87
N CYS B 482 9.82 -50.11 32.72
CA CYS B 482 11.20 -50.52 32.47
C CYS B 482 11.33 -51.48 31.30
N ASP B 483 10.22 -52.04 30.81
CA ASP B 483 10.24 -52.97 29.68
C ASP B 483 10.09 -52.27 28.34
N VAL B 484 9.39 -51.14 28.31
CA VAL B 484 9.19 -50.44 27.05
C VAL B 484 10.50 -49.91 26.51
N CYS B 485 11.39 -49.45 27.39
CA CYS B 485 12.70 -48.98 26.94
C CYS B 485 13.51 -50.11 26.33
N LEU B 486 13.47 -51.30 26.96
CA LEU B 486 14.13 -52.45 26.38
C LEU B 486 13.54 -52.78 25.02
N LEU B 487 12.21 -52.71 24.90
CA LEU B 487 11.55 -52.97 23.62
C LEU B 487 12.00 -51.98 22.56
N VAL B 488 12.12 -50.70 22.92
CA VAL B 488 12.50 -49.68 21.95
C VAL B 488 13.95 -49.89 21.49
N LEU B 489 14.85 -50.15 22.45
CA LEU B 489 16.23 -50.43 22.07
C LEU B 489 16.33 -51.68 21.22
N LEU B 490 15.45 -52.64 21.50
CA LEU B 490 15.41 -53.88 20.76
C LEU B 490 15.03 -53.56 19.31
N ARG B 491 13.92 -52.84 19.15
CA ARG B 491 13.49 -52.44 17.82
C ARG B 491 14.58 -51.70 17.07
N TYR B 492 15.27 -50.78 17.75
CA TYR B 492 16.38 -50.07 17.12
C TYR B 492 17.49 -51.03 16.73
N LEU B 493 17.71 -52.06 17.54
CA LEU B 493 18.65 -53.11 17.20
C LEU B 493 18.29 -53.74 15.86
N LEU B 494 17.03 -54.19 15.73
CA LEU B 494 16.66 -54.85 14.48
C LEU B 494 16.74 -53.90 13.29
N HIS B 495 16.28 -52.66 13.46
CA HIS B 495 16.30 -51.71 12.35
C HIS B 495 17.71 -51.31 11.95
N LEU B 496 18.65 -51.32 12.88
CA LEU B 496 20.04 -51.00 12.59
C LEU B 496 20.87 -52.22 12.24
N ILE B 497 20.30 -53.42 12.30
CA ILE B 497 21.02 -54.64 11.93
C ILE B 497 20.44 -55.29 10.68
N GLY B 498 19.23 -54.93 10.27
CA GLY B 498 18.63 -55.52 9.08
C GLY B 498 18.10 -56.92 9.31
N ALA B 505 21.28 -65.46 15.92
CA ALA B 505 21.49 -66.90 15.79
C ALA B 505 21.05 -67.61 17.07
N LYS B 506 21.96 -68.42 17.62
CA LYS B 506 21.64 -69.17 18.84
C LYS B 506 21.46 -68.23 20.04
N GLU B 507 22.14 -67.09 20.03
CA GLU B 507 21.99 -66.13 21.12
C GLU B 507 20.59 -65.53 21.16
N GLN B 508 19.96 -65.36 20.00
CA GLN B 508 18.57 -64.93 19.96
C GLN B 508 17.67 -65.95 20.64
N LEU B 509 17.90 -67.24 20.38
CA LEU B 509 17.13 -68.27 21.06
C LEU B 509 17.41 -68.28 22.55
N GLU B 510 18.66 -68.02 22.94
CA GLU B 510 18.99 -68.01 24.36
C GLU B 510 18.23 -66.91 25.09
N MET B 511 18.28 -65.68 24.55
CA MET B 511 17.52 -64.60 25.18
C MET B 511 16.02 -64.89 25.11
N LEU B 512 15.58 -65.58 24.06
CA LEU B 512 14.16 -65.92 23.94
C LEU B 512 13.71 -66.81 25.09
N HIS B 513 14.42 -67.92 25.33
CA HIS B 513 13.95 -68.78 26.41
C HIS B 513 14.18 -68.13 27.76
N ALA B 514 15.23 -67.30 27.90
CA ALA B 514 15.45 -66.61 29.16
C ALA B 514 14.28 -65.69 29.48
N ILE B 515 13.83 -64.90 28.49
CA ILE B 515 12.68 -64.03 28.73
C ILE B 515 11.43 -64.86 28.92
N GLU B 516 11.36 -66.05 28.32
CA GLU B 516 10.23 -66.94 28.57
C GLU B 516 10.19 -67.36 30.03
N LYS B 517 11.34 -67.77 30.58
CA LYS B 517 11.39 -68.15 31.99
C LYS B 517 11.04 -66.98 32.89
N ASN B 518 11.56 -65.79 32.57
CA ASN B 518 11.27 -64.63 33.41
C ASN B 518 9.78 -64.27 33.35
N ASP B 519 9.19 -64.37 32.16
CA ASP B 519 7.76 -64.10 32.02
C ASP B 519 6.93 -65.13 32.78
N SER B 520 7.33 -66.41 32.73
CA SER B 520 6.62 -67.42 33.50
C SER B 520 6.74 -67.14 34.99
N GLY B 521 7.91 -66.69 35.44
CA GLY B 521 8.08 -66.33 36.83
C GLY B 521 7.17 -65.20 37.26
N ARG B 522 7.10 -64.15 36.44
CA ARG B 522 6.23 -63.03 36.82
C ARG B 522 4.75 -63.42 36.74
N ARG B 523 4.39 -64.29 35.80
CA ARG B 523 3.01 -64.77 35.76
C ARG B 523 2.67 -65.53 37.03
N GLN B 524 3.51 -66.49 37.43
CA GLN B 524 3.20 -67.25 38.62
C GLN B 524 3.26 -66.37 39.87
N TRP B 525 4.09 -65.33 39.86
CA TRP B 525 4.10 -64.37 40.96
C TRP B 525 2.77 -63.63 41.04
N ALA B 526 2.22 -63.23 39.88
CA ALA B 526 0.91 -62.61 39.87
C ALA B 526 -0.18 -63.56 40.33
N LYS B 527 -0.11 -64.84 39.93
CA LYS B 527 -1.08 -65.81 40.43
C LYS B 527 -0.95 -66.00 41.94
N ALA B 528 0.28 -66.08 42.44
CA ALA B 528 0.50 -66.18 43.87
C ALA B 528 0.06 -64.93 44.62
N LEU B 529 -0.25 -63.87 43.87
CA LEU B 529 -0.71 -62.63 44.45
C LEU B 529 -2.24 -62.63 44.52
N ASN B 530 -2.84 -63.81 44.35
CA ASN B 530 -4.31 -64.02 44.35
C ASN B 530 -5.01 -62.93 43.52
N LEU B 531 -4.40 -62.66 42.37
CA LEU B 531 -4.81 -61.61 41.46
C LEU B 531 -5.69 -62.18 40.35
N GLY B 532 -6.73 -61.44 40.00
CA GLY B 532 -7.69 -61.87 39.00
C GLY B 532 -7.37 -61.52 37.56
N ASN B 533 -6.28 -60.80 37.30
CA ASN B 533 -5.90 -60.43 35.94
C ASN B 533 -4.44 -60.74 35.72
N ASP B 534 -4.03 -60.68 34.45
CA ASP B 534 -2.69 -61.06 34.04
C ASP B 534 -1.68 -59.96 34.37
N PRO B 535 -0.41 -60.32 34.53
CA PRO B 535 0.64 -59.33 34.69
C PRO B 535 1.00 -58.68 33.36
N PRO B 536 1.84 -57.66 33.36
CA PRO B 536 2.27 -57.06 32.08
C PRO B 536 3.27 -57.92 31.34
N LEU B 537 2.78 -58.86 30.55
CA LEU B 537 3.66 -59.76 29.80
C LEU B 537 4.51 -58.99 28.80
N LEU B 538 5.66 -59.59 28.48
CA LEU B 538 6.64 -58.99 27.57
C LEU B 538 6.87 -59.87 26.35
N TYR B 539 6.99 -61.18 26.54
CA TYR B 539 7.30 -62.17 25.51
C TYR B 539 6.37 -62.10 24.28
N PRO B 540 5.03 -62.00 24.44
CA PRO B 540 4.15 -62.09 23.26
C PRO B 540 4.45 -61.03 22.21
N ILE B 541 5.11 -59.95 22.61
CA ILE B 541 5.55 -58.94 21.66
C ILE B 541 6.86 -59.33 21.00
N VAL B 542 7.81 -59.83 21.81
CA VAL B 542 9.14 -60.17 21.30
C VAL B 542 9.06 -61.32 20.31
N SER B 543 8.34 -62.38 20.67
CA SER B 543 8.22 -63.54 19.77
C SER B 543 7.57 -63.15 18.45
N GLN B 544 6.53 -62.32 18.50
CA GLN B 544 5.88 -61.88 17.28
C GLN B 544 6.75 -60.96 16.44
N MET B 545 7.56 -60.10 17.05
CA MET B 545 8.40 -59.22 16.25
C MET B 545 9.52 -60.02 15.58
N PHE B 546 10.23 -60.85 16.36
CA PHE B 546 11.31 -61.65 15.78
C PHE B 546 10.76 -62.63 14.76
N GLY B 547 9.63 -63.26 15.05
CA GLY B 547 9.05 -64.25 14.16
C GLY B 547 9.00 -65.62 14.80
N PRO C 32 32.90 48.03 2.27
CA PRO C 32 31.65 48.76 2.43
C PRO C 32 31.34 49.67 1.25
N ASP C 33 31.38 49.10 0.04
CA ASP C 33 31.13 49.86 -1.19
C ASP C 33 29.63 50.11 -1.30
N LEU C 34 29.17 51.15 -0.59
CA LEU C 34 27.77 51.57 -0.61
C LEU C 34 27.54 52.81 -1.45
N SER C 35 28.28 52.98 -2.54
CA SER C 35 28.20 54.20 -3.33
C SER C 35 26.85 54.34 -4.04
N SER C 36 26.27 53.23 -4.49
CA SER C 36 25.04 53.27 -5.27
C SER C 36 23.86 52.64 -4.55
N PHE C 37 24.05 52.19 -3.30
CA PHE C 37 22.96 51.56 -2.56
C PHE C 37 21.97 52.62 -2.08
N GLN C 38 20.69 52.39 -2.35
CA GLN C 38 19.64 53.24 -1.84
C GLN C 38 19.26 52.82 -0.40
N PRO C 39 18.73 53.74 0.40
CA PRO C 39 18.36 53.38 1.77
C PRO C 39 17.30 52.31 1.80
N GLY C 40 17.40 51.43 2.81
CA GLY C 40 16.52 50.30 2.94
C GLY C 40 16.87 49.09 2.11
N SER C 41 17.94 49.16 1.32
CA SER C 41 18.35 48.03 0.50
C SER C 41 19.07 46.99 1.35
N ILE C 42 19.48 45.90 0.70
CA ILE C 42 20.22 44.82 1.34
C ILE C 42 21.58 44.71 0.66
N ILE C 43 22.64 44.75 1.47
CA ILE C 43 24.01 44.73 0.95
C ILE C 43 24.52 43.30 0.79
N LYS C 44 24.35 42.46 1.80
CA LYS C 44 24.89 41.11 1.72
C LYS C 44 24.08 40.17 2.60
N ILE C 45 23.89 38.95 2.13
CA ILE C 45 23.10 37.96 2.87
C ILE C 45 23.89 36.71 3.27
N ARG C 46 24.17 36.59 4.56
CA ARG C 46 24.87 35.43 5.09
C ARG C 46 23.83 34.57 5.77
N LEU C 47 24.03 33.27 5.82
CA LEU C 47 23.04 32.40 6.45
C LEU C 47 23.70 31.26 7.20
N GLN C 48 23.10 30.87 8.31
CA GLN C 48 23.62 29.81 9.18
C GLN C 48 22.53 28.79 9.46
N ASP C 49 22.86 27.51 9.25
CA ASP C 49 22.04 26.39 9.67
C ASP C 49 20.63 26.46 9.08
N PHE C 50 20.57 26.39 7.76
CA PHE C 50 19.30 26.28 7.05
C PHE C 50 19.15 24.88 6.48
N VAL C 51 17.95 24.60 5.98
CA VAL C 51 17.62 23.25 5.51
C VAL C 51 18.63 22.74 4.50
N THR C 52 19.31 23.64 3.79
CA THR C 52 20.38 23.27 2.88
C THR C 52 21.62 24.13 3.13
N TYR C 53 21.55 25.11 4.01
CA TYR C 53 22.59 26.13 4.15
C TYR C 53 23.15 26.08 5.57
N THR C 54 24.24 25.34 5.75
CA THR C 54 24.93 25.39 7.04
C THR C 54 25.64 26.72 7.24
N LEU C 55 26.40 27.17 6.23
CA LEU C 55 27.03 28.49 6.29
C LEU C 55 27.47 28.85 4.87
N THR C 56 26.82 29.84 4.27
CA THR C 56 27.18 30.37 2.96
C THR C 56 26.67 31.80 2.88
N GLU C 57 27.38 32.65 2.14
CA GLU C 57 27.15 34.10 2.19
C GLU C 57 26.93 34.67 0.80
N PHE C 58 26.06 35.66 0.71
CA PHE C 58 25.85 36.46 -0.48
C PHE C 58 26.38 37.88 -0.25
N ASN C 59 26.37 38.69 -1.31
CA ASN C 59 26.65 40.13 -1.19
C ASN C 59 25.91 40.82 -2.34
N LEU C 60 24.74 41.36 -2.03
CA LEU C 60 23.76 41.73 -3.04
C LEU C 60 24.14 43.04 -3.74
N SER C 61 23.19 43.57 -4.50
CA SER C 61 23.37 44.71 -5.39
C SER C 61 22.30 45.75 -5.10
N PRO C 62 22.57 47.03 -5.38
CA PRO C 62 21.54 48.05 -5.18
C PRO C 62 20.43 48.01 -6.22
N SER C 63 20.70 47.56 -7.45
CA SER C 63 19.73 47.65 -8.53
C SER C 63 18.94 46.36 -8.74
N LEU C 64 19.62 45.26 -9.09
CA LEU C 64 18.93 44.06 -9.53
C LEU C 64 19.85 42.85 -9.37
N ASN C 65 19.26 41.67 -9.18
CA ASN C 65 19.98 40.43 -8.95
C ASN C 65 19.19 39.22 -9.48
N MET C 66 19.64 38.67 -10.61
CA MET C 66 19.06 37.43 -11.13
C MET C 66 19.69 36.23 -10.45
N ILE C 67 18.85 35.41 -9.80
CA ILE C 67 19.30 34.16 -9.23
C ILE C 67 19.02 33.03 -10.20
N ILE C 68 20.02 32.18 -10.45
CA ILE C 68 19.93 31.10 -11.43
C ILE C 68 20.57 29.85 -10.83
N GLY C 69 20.38 28.72 -11.51
CA GLY C 69 20.98 27.46 -11.12
C GLY C 69 20.12 26.27 -11.48
N PRO C 70 20.53 25.08 -11.04
CA PRO C 70 19.77 23.86 -11.35
C PRO C 70 18.57 23.69 -10.44
N ASN C 71 17.70 22.77 -10.85
CA ASN C 71 16.46 22.53 -10.10
C ASN C 71 16.75 21.94 -8.73
N GLY C 72 15.93 22.32 -7.75
CA GLY C 72 16.02 21.79 -6.40
C GLY C 72 17.36 22.03 -5.75
N SER C 73 18.00 23.15 -6.09
CA SER C 73 19.33 23.48 -5.58
C SER C 73 19.30 24.51 -4.46
N GLY C 74 18.12 24.78 -3.89
CA GLY C 74 18.03 25.71 -2.79
C GLY C 74 18.33 27.16 -3.16
N LYS C 75 17.89 27.59 -4.34
CA LYS C 75 18.10 28.97 -4.76
C LYS C 75 16.93 29.90 -4.44
N SER C 76 15.71 29.37 -4.36
CA SER C 76 14.52 30.18 -4.15
C SER C 76 14.10 30.18 -2.70
N THR C 77 15.07 30.06 -1.79
CA THR C 77 14.77 30.08 -0.36
C THR C 77 15.58 31.13 0.40
N PHE C 78 16.51 31.83 -0.25
CA PHE C 78 17.04 33.04 0.37
C PHE C 78 15.94 34.06 0.56
N VAL C 79 14.87 33.99 -0.24
CA VAL C 79 13.70 34.80 0.01
C VAL C 79 13.01 34.37 1.31
N CYS C 80 12.98 33.07 1.59
CA CYS C 80 12.49 32.63 2.89
C CYS C 80 13.36 33.17 4.01
N ALA C 81 14.68 33.14 3.81
CA ALA C 81 15.60 33.66 4.81
C ALA C 81 15.38 35.14 5.07
N VAL C 82 15.22 35.94 4.00
CA VAL C 82 15.02 37.37 4.19
C VAL C 82 13.65 37.66 4.78
N CYS C 83 12.62 36.89 4.38
CA CYS C 83 11.30 37.08 4.95
C CYS C 83 11.29 36.80 6.45
N LEU C 84 12.06 35.81 6.89
CA LEU C 84 12.20 35.55 8.32
C LEU C 84 13.06 36.57 9.03
N GLY C 85 14.17 37.00 8.42
CA GLY C 85 15.13 37.85 9.09
C GLY C 85 14.70 39.30 9.23
N LEU C 86 13.59 39.66 8.59
CA LEU C 86 13.01 41.00 8.73
C LEU C 86 11.77 40.99 9.61
N ALA C 87 11.76 40.14 10.64
CA ALA C 87 10.66 40.02 11.60
C ALA C 87 9.33 39.68 10.93
N GLY C 88 9.37 38.83 9.90
CA GLY C 88 8.15 38.48 9.19
C GLY C 88 7.52 37.19 9.68
N LYS C 89 6.29 36.98 9.24
CA LYS C 89 5.52 35.78 9.56
C LYS C 89 5.85 34.67 8.58
N PRO C 90 5.64 33.41 8.96
CA PRO C 90 5.97 32.29 8.06
C PRO C 90 4.90 32.06 7.00
N GLU C 91 3.67 32.47 7.27
CA GLU C 91 2.58 32.26 6.33
C GLU C 91 2.70 33.14 5.08
N TYR C 92 3.56 34.15 5.09
CA TYR C 92 3.71 35.03 3.94
C TYR C 92 4.53 34.40 2.82
N ILE C 93 5.10 33.23 3.04
CA ILE C 93 5.90 32.53 2.05
C ILE C 93 5.10 31.41 1.38
N GLY C 94 4.53 30.52 2.19
CA GLY C 94 3.82 29.35 1.69
C GLY C 94 4.67 28.11 1.57
N ARG C 95 5.99 28.22 1.73
CA ARG C 95 6.86 27.06 1.66
C ARG C 95 6.54 26.09 2.80
N SER C 96 6.31 26.61 4.00
CA SER C 96 5.99 25.77 5.15
C SER C 96 4.76 26.32 5.89
N LYS C 97 4.45 25.73 7.05
CA LYS C 97 3.33 26.18 7.86
C LYS C 97 3.72 26.56 9.28
N LYS C 98 4.81 26.03 9.83
CA LYS C 98 5.28 26.37 11.16
C LYS C 98 6.60 27.11 11.07
N VAL C 99 6.90 27.90 12.10
CA VAL C 99 8.07 28.78 12.08
C VAL C 99 9.36 27.97 12.12
N GLU C 100 9.39 26.88 12.89
CA GLU C 100 10.62 26.12 13.09
C GLU C 100 10.87 25.08 12.00
N ASP C 101 9.99 25.00 11.01
CA ASP C 101 10.22 24.08 9.89
C ASP C 101 11.44 24.47 9.06
N PHE C 102 11.91 25.71 9.19
CA PHE C 102 13.06 26.17 8.41
C PHE C 102 14.40 25.77 9.02
N ILE C 103 14.41 25.32 10.27
CA ILE C 103 15.65 24.84 10.87
C ILE C 103 16.00 23.51 10.23
N LYS C 104 17.26 23.38 9.80
CA LYS C 104 17.74 22.14 9.20
C LYS C 104 17.54 20.96 10.17
N ASN C 105 16.86 19.92 9.70
CA ASN C 105 16.72 18.72 10.52
C ASN C 105 18.09 18.14 10.82
N GLY C 106 18.37 17.92 12.09
CA GLY C 106 19.70 17.55 12.55
C GLY C 106 20.48 18.68 13.18
N GLN C 107 19.98 19.90 13.14
CA GLN C 107 20.61 21.06 13.77
C GLN C 107 19.76 21.51 14.95
N ASP C 108 20.24 22.55 15.64
CA ASP C 108 19.58 23.05 16.83
C ASP C 108 19.04 24.47 16.63
N VAL C 109 19.90 25.40 16.24
CA VAL C 109 19.52 26.80 16.10
C VAL C 109 19.92 27.29 14.72
N SER C 110 19.03 28.06 14.11
CA SER C 110 19.28 28.67 12.81
C SER C 110 19.53 30.15 13.01
N LYS C 111 20.63 30.65 12.44
CA LYS C 111 21.00 32.05 12.55
C LYS C 111 20.86 32.71 11.19
N ILE C 112 20.07 33.78 11.13
CA ILE C 112 19.85 34.53 9.90
C ILE C 112 20.38 35.93 10.14
N GLU C 113 21.64 36.15 9.79
CA GLU C 113 22.30 37.44 9.99
C GLU C 113 22.37 38.19 8.66
N ILE C 114 21.71 39.34 8.61
CA ILE C 114 21.50 40.09 7.38
C ILE C 114 21.80 41.56 7.66
N THR C 115 22.44 42.23 6.69
CA THR C 115 22.68 43.66 6.75
C THR C 115 21.75 44.39 5.80
N LEU C 116 21.29 45.58 6.21
CA LEU C 116 20.50 46.43 5.35
C LEU C 116 21.00 47.87 5.48
N LYS C 117 20.96 48.62 4.39
CA LYS C 117 21.47 49.97 4.42
C LYS C 117 20.62 50.86 5.33
N ASN C 118 21.30 51.64 6.16
CA ASN C 118 20.61 52.56 7.05
C ASN C 118 19.96 53.68 6.26
N SER C 119 18.79 54.12 6.72
CA SER C 119 18.08 55.20 6.08
C SER C 119 18.21 56.48 6.90
N PRO C 120 18.33 57.64 6.26
CA PRO C 120 18.44 58.90 7.01
C PRO C 120 17.13 59.38 7.60
N ASN C 121 16.03 58.68 7.37
CA ASN C 121 14.72 59.08 7.87
C ASN C 121 14.21 58.23 9.02
N VAL C 122 14.77 57.04 9.24
CA VAL C 122 14.33 56.16 10.32
C VAL C 122 15.00 56.60 11.62
N THR C 123 14.20 56.80 12.65
CA THR C 123 14.69 57.26 13.95
C THR C 123 13.83 56.57 15.01
N ASP C 124 14.00 56.95 16.28
CA ASP C 124 13.24 56.37 17.39
C ASP C 124 13.46 54.86 17.48
N ILE C 125 14.73 54.47 17.52
CA ILE C 125 15.14 53.08 17.54
C ILE C 125 16.21 52.88 18.61
N GLU C 126 16.02 51.87 19.45
CA GLU C 126 16.86 51.68 20.62
C GLU C 126 18.12 50.88 20.29
N TYR C 127 19.16 51.09 21.10
CA TYR C 127 20.44 50.40 20.96
C TYR C 127 21.08 50.67 19.61
N ILE C 128 20.83 51.86 19.07
CA ILE C 128 21.35 52.22 17.75
C ILE C 128 21.25 53.73 17.55
N ASP C 129 22.28 54.31 16.95
CA ASP C 129 22.32 55.74 16.66
C ASP C 129 21.87 55.98 15.21
N ALA C 130 22.03 57.21 14.74
CA ALA C 130 21.68 57.57 13.38
C ALA C 130 22.91 57.86 12.52
N ARG C 131 24.09 57.43 12.97
CA ARG C 131 25.34 57.67 12.25
C ARG C 131 25.81 56.48 11.44
N ASP C 132 25.60 55.26 11.93
CA ASP C 132 26.01 54.07 11.20
C ASP C 132 25.28 53.97 9.86
N GLU C 133 26.02 53.63 8.82
CA GLU C 133 25.47 53.50 7.48
C GLU C 133 25.15 52.06 7.12
N THR C 134 25.40 51.12 8.03
CA THR C 134 25.04 49.72 7.82
C THR C 134 24.56 49.15 9.14
N ILE C 135 23.40 48.50 9.12
CA ILE C 135 22.80 47.90 10.31
C ILE C 135 22.44 46.45 9.98
N LYS C 136 22.60 45.57 10.97
CA LYS C 136 22.39 44.14 10.76
C LYS C 136 21.32 43.63 11.71
N ILE C 137 20.25 43.07 11.16
CA ILE C 137 19.19 42.45 11.94
C ILE C 137 19.36 40.94 11.84
N THR C 138 19.45 40.28 12.99
CA THR C 138 19.71 38.84 13.05
C THR C 138 18.74 38.20 14.02
N ARG C 139 18.18 37.05 13.64
CA ARG C 139 17.33 36.26 14.52
C ARG C 139 17.92 34.86 14.65
N ILE C 140 17.88 34.31 15.85
CA ILE C 140 18.37 32.97 16.13
C ILE C 140 17.19 32.14 16.62
N ILE C 141 16.56 31.43 15.69
CA ILE C 141 15.40 30.61 16.03
C ILE C 141 15.87 29.25 16.55
N THR C 142 15.39 28.88 17.72
CA THR C 142 15.77 27.62 18.36
C THR C 142 14.70 26.57 18.09
N ARG C 143 14.82 25.42 18.77
CA ARG C 143 13.95 24.28 18.51
C ARG C 143 12.55 24.47 19.07
N SER C 144 12.45 24.64 20.39
CA SER C 144 11.15 24.66 21.05
C SER C 144 10.59 26.07 21.26
N LYS C 145 11.29 27.12 20.80
CA LYS C 145 10.83 28.51 20.97
C LYS C 145 10.92 29.20 19.61
N ARG C 146 9.80 29.24 18.91
CA ARG C 146 9.76 29.91 17.60
C ARG C 146 10.00 31.41 17.74
N ARG C 147 9.33 32.06 18.69
CA ARG C 147 9.45 33.50 18.90
C ARG C 147 10.68 33.75 19.79
N SER C 148 11.85 33.60 19.19
CA SER C 148 13.10 33.79 19.91
C SER C 148 13.51 35.25 19.83
N ASP C 149 14.67 35.58 20.40
CA ASP C 149 15.17 36.94 20.40
C ASP C 149 15.78 37.29 19.04
N TYR C 150 16.01 38.59 18.84
CA TYR C 150 16.64 39.11 17.64
C TYR C 150 18.00 39.68 17.99
N LEU C 151 18.69 40.22 16.98
CA LEU C 151 20.04 40.75 17.16
C LEU C 151 20.22 41.90 16.18
N ILE C 152 20.15 43.12 16.69
CA ILE C 152 20.33 44.33 15.89
C ILE C 152 21.67 44.94 16.28
N ASN C 153 22.64 44.88 15.35
CA ASN C 153 23.99 45.37 15.60
C ASN C 153 24.58 44.73 16.85
N ASP C 154 24.39 43.42 16.98
CA ASP C 154 24.91 42.64 18.11
C ASP C 154 24.37 43.14 19.44
N TYR C 155 23.09 43.50 19.46
CA TYR C 155 22.40 43.94 20.67
C TYR C 155 21.11 43.16 20.83
N GLN C 156 20.74 42.91 22.09
CA GLN C 156 19.53 42.14 22.38
C GLN C 156 18.30 42.99 22.10
N VAL C 157 17.44 42.53 21.19
CA VAL C 157 16.24 43.26 20.78
C VAL C 157 15.06 42.29 20.81
N SER C 158 13.91 42.78 21.24
CA SER C 158 12.70 41.97 21.38
C SER C 158 12.03 41.81 20.03
N GLU C 159 10.78 41.33 20.03
CA GLU C 159 10.01 41.10 18.80
C GLU C 159 9.28 42.35 18.33
N SER C 160 8.61 43.04 19.25
CA SER C 160 7.86 44.24 18.88
C SER C 160 8.79 45.35 18.41
N VAL C 161 9.95 45.51 19.05
CA VAL C 161 10.87 46.59 18.68
C VAL C 161 11.39 46.36 17.26
N VAL C 162 11.82 45.13 16.95
CA VAL C 162 12.32 44.87 15.61
C VAL C 162 11.20 44.95 14.59
N LYS C 163 9.98 44.56 14.97
CA LYS C 163 8.84 44.70 14.05
C LYS C 163 8.58 46.17 13.73
N THR C 164 8.62 47.03 14.75
CA THR C 164 8.41 48.46 14.51
C THR C 164 9.56 49.07 13.72
N LEU C 165 10.78 48.59 13.94
CA LEU C 165 11.91 49.11 13.17
C LEU C 165 11.79 48.72 11.71
N VAL C 166 11.46 47.45 11.43
CA VAL C 166 11.31 47.03 10.04
C VAL C 166 10.11 47.73 9.40
N ALA C 167 9.08 48.05 10.18
CA ALA C 167 7.99 48.85 9.65
C ALA C 167 8.45 50.27 9.34
N GLN C 168 9.31 50.84 10.17
CA GLN C 168 9.76 52.22 9.98
C GLN C 168 10.78 52.35 8.86
N LEU C 169 11.31 51.24 8.35
CA LEU C 169 12.02 51.24 7.09
C LEU C 169 11.07 51.34 5.90
N ASN C 170 9.79 51.62 6.16
CA ASN C 170 8.71 51.62 5.18
C ASN C 170 8.84 50.46 4.20
N ILE C 171 9.18 49.29 4.73
CA ILE C 171 9.17 48.03 3.99
C ILE C 171 8.12 47.15 4.66
N GLN C 172 7.09 46.78 3.90
CA GLN C 172 5.97 46.01 4.42
C GLN C 172 5.85 44.72 3.62
N LEU C 173 6.32 43.62 4.20
CA LEU C 173 6.13 42.33 3.56
C LEU C 173 4.67 41.90 3.62
N ASP C 174 3.86 42.57 4.46
CA ASP C 174 2.42 42.35 4.43
C ASP C 174 1.83 42.72 3.08
N ASN C 175 2.16 43.90 2.58
CA ASN C 175 1.69 44.33 1.27
C ASN C 175 2.30 43.45 0.19
N LEU C 176 1.44 42.71 -0.51
CA LEU C 176 1.93 41.76 -1.51
C LEU C 176 2.60 42.46 -2.68
N CYS C 177 2.14 43.64 -3.07
CA CYS C 177 2.79 44.42 -4.10
C CYS C 177 4.16 44.93 -3.66
N GLN C 178 4.46 44.83 -2.37
CA GLN C 178 5.81 45.08 -1.88
C GLN C 178 6.59 43.79 -1.65
N PHE C 179 5.90 42.68 -1.39
CA PHE C 179 6.53 41.39 -1.16
C PHE C 179 5.65 40.31 -1.80
N LEU C 180 6.12 39.72 -2.88
CA LEU C 180 5.41 38.65 -3.58
C LEU C 180 6.25 37.38 -3.47
N SER C 181 5.79 36.43 -2.66
CA SER C 181 6.49 35.18 -2.49
C SER C 181 6.09 34.18 -3.57
N GLN C 182 6.59 32.96 -3.47
CA GLN C 182 6.37 31.97 -4.53
C GLN C 182 4.91 31.54 -4.61
N GLU C 183 4.23 31.46 -3.47
CA GLU C 183 2.85 30.99 -3.44
C GLU C 183 1.83 32.12 -3.40
N ARG C 184 2.25 33.37 -3.42
CA ARG C 184 1.35 34.50 -3.25
C ARG C 184 0.86 35.11 -4.56
N VAL C 185 1.26 34.56 -5.72
CA VAL C 185 0.73 35.08 -6.98
C VAL C 185 -0.78 34.80 -7.07
N GLU C 186 -1.20 33.61 -6.64
CA GLU C 186 -2.63 33.30 -6.61
C GLU C 186 -3.37 34.23 -5.67
N GLU C 187 -2.84 34.43 -4.44
CA GLU C 187 -3.48 35.31 -3.49
C GLU C 187 -3.55 36.74 -4.01
N PHE C 188 -2.53 37.16 -4.76
CA PHE C 188 -2.57 38.47 -5.40
C PHE C 188 -3.72 38.56 -6.38
N ALA C 189 -3.80 37.58 -7.29
CA ALA C 189 -4.83 37.66 -8.33
C ALA C 189 -6.18 37.13 -7.83
N LEU C 191 -7.06 32.98 -10.41
CA LEU C 191 -6.61 34.34 -10.68
C LEU C 191 -7.80 35.25 -11.05
N LYS C 192 -8.83 35.21 -10.20
CA LYS C 192 -10.04 35.99 -10.41
C LYS C 192 -9.74 37.48 -10.30
N SER C 193 -10.53 38.30 -11.01
CA SER C 193 -10.27 39.74 -11.03
C SER C 193 -10.68 40.46 -9.74
N VAL C 194 -11.59 39.88 -8.96
CA VAL C 194 -12.13 40.60 -7.80
C VAL C 194 -11.04 40.84 -6.75
N LYS C 195 -10.32 39.78 -6.37
CA LYS C 195 -9.26 39.98 -5.40
C LYS C 195 -8.06 40.69 -6.00
N LEU C 196 -7.91 40.66 -7.34
CA LEU C 196 -6.92 41.51 -7.98
C LEU C 196 -7.25 42.98 -7.72
N LEU C 197 -8.53 43.34 -7.85
CA LEU C 197 -8.96 44.68 -7.48
C LEU C 197 -8.72 44.96 -5.99
N VAL C 198 -8.99 43.95 -5.16
CA VAL C 198 -8.81 44.13 -3.71
C VAL C 198 -7.37 44.45 -3.38
N GLU C 199 -6.43 43.67 -3.94
CA GLU C 199 -5.01 43.94 -3.71
C GLU C 199 -4.56 45.23 -4.37
N THR C 200 -5.14 45.58 -5.52
CA THR C 200 -4.91 46.88 -6.11
C THR C 200 -5.20 48.00 -5.13
N ILE C 201 -6.39 47.96 -4.53
CA ILE C 201 -6.80 49.01 -3.61
C ILE C 201 -5.93 48.98 -2.35
N ARG C 202 -5.59 47.78 -1.87
CA ARG C 202 -4.69 47.65 -0.73
C ARG C 202 -3.36 48.33 -1.00
N SER C 203 -2.83 48.15 -2.21
CA SER C 203 -1.52 48.74 -2.54
C SER C 203 -1.62 50.25 -2.72
N ILE C 204 -2.69 50.72 -3.36
CA ILE C 204 -2.78 52.15 -3.69
C ILE C 204 -3.27 52.97 -2.50
N ASP C 205 -4.33 52.52 -1.82
CA ASP C 205 -4.90 53.29 -0.72
C ASP C 205 -5.71 52.34 0.14
N ALA C 206 -5.19 52.01 1.33
CA ALA C 206 -5.91 51.11 2.23
C ALA C 206 -7.23 51.72 2.68
N SER C 207 -7.32 53.05 2.74
CA SER C 207 -8.57 53.70 3.14
C SER C 207 -9.68 53.42 2.12
N LEU C 208 -9.33 53.38 0.84
CA LEU C 208 -10.32 53.03 -0.17
C LEU C 208 -10.81 51.60 0.01
N LEU C 209 -9.93 50.68 0.42
CA LEU C 209 -10.38 49.31 0.71
C LEU C 209 -11.26 49.28 1.94
N ASP C 210 -10.93 50.10 2.94
CA ASP C 210 -11.74 50.18 4.15
C ASP C 210 -13.15 50.67 3.86
N VAL C 211 -13.26 51.69 3.00
CA VAL C 211 -14.60 52.12 2.59
C VAL C 211 -15.25 51.09 1.67
N LEU C 212 -14.46 50.35 0.89
CA LEU C 212 -15.02 49.38 -0.05
C LEU C 212 -15.71 48.23 0.67
N ASP C 213 -15.04 47.63 1.66
CA ASP C 213 -15.65 46.48 2.31
C ASP C 213 -16.87 46.89 3.14
N GLU C 214 -16.82 48.06 3.77
CA GLU C 214 -17.99 48.59 4.45
C GLU C 214 -19.12 48.88 3.47
N LEU C 215 -18.77 49.32 2.26
CA LEU C 215 -19.76 49.50 1.21
C LEU C 215 -20.42 48.18 0.85
N ARG C 216 -19.63 47.11 0.72
CA ARG C 216 -20.18 45.79 0.43
C ARG C 216 -21.13 45.34 1.53
N GLU C 217 -20.70 45.51 2.79
CA GLU C 217 -21.52 45.08 3.91
C GLU C 217 -22.83 45.88 3.96
N LEU C 218 -22.75 47.19 3.70
CA LEU C 218 -23.95 48.01 3.71
C LEU C 218 -24.89 47.66 2.56
N GLN C 219 -24.34 47.29 1.40
CA GLN C 219 -25.19 46.81 0.32
C GLN C 219 -25.88 45.51 0.71
N GLY C 220 -25.17 44.59 1.36
CA GLY C 220 -25.80 43.38 1.85
C GLY C 220 -26.91 43.66 2.85
N ASN C 221 -26.67 44.62 3.76
CA ASN C 221 -27.71 45.03 4.70
C ASN C 221 -28.91 45.62 3.97
N GLU C 222 -28.67 46.42 2.93
CA GLU C 222 -29.75 46.97 2.13
C GLU C 222 -30.58 45.85 1.49
N GLN C 223 -29.91 44.85 0.92
CA GLN C 223 -30.64 43.75 0.29
C GLN C 223 -31.47 42.98 1.32
N SER C 224 -30.86 42.66 2.47
CA SER C 224 -31.57 41.91 3.50
C SER C 224 -32.76 42.70 4.01
N LEU C 225 -32.59 44.00 4.25
CA LEU C 225 -33.69 44.79 4.78
C LEU C 225 -34.75 45.05 3.71
N GLN C 226 -34.37 45.12 2.44
CA GLN C 226 -35.36 45.22 1.37
C GLN C 226 -36.23 43.97 1.33
N LYS C 227 -35.61 42.80 1.47
CA LYS C 227 -36.40 41.58 1.60
C LYS C 227 -37.28 41.61 2.84
N ASP C 228 -36.77 42.15 3.95
CA ASP C 228 -37.57 42.27 5.16
C ASP C 228 -38.80 43.13 4.94
N LEU C 229 -38.62 44.29 4.29
CA LEU C 229 -39.76 45.16 4.01
C LEU C 229 -40.74 44.51 3.04
N ASP C 230 -40.24 43.78 2.05
CA ASP C 230 -41.14 43.07 1.14
C ASP C 230 -41.98 42.04 1.90
N PHE C 231 -41.34 41.30 2.80
CA PHE C 231 -42.08 40.36 3.64
C PHE C 231 -43.11 41.08 4.50
N LYS C 232 -42.74 42.23 5.07
CA LYS C 232 -43.67 42.99 5.90
C LYS C 232 -44.87 43.47 5.10
N LYS C 233 -44.65 43.96 3.88
CA LYS C 233 -45.76 44.40 3.04
C LYS C 233 -46.66 43.23 2.67
N ALA C 234 -46.08 42.09 2.31
CA ALA C 234 -46.87 40.92 1.97
C ALA C 234 -47.70 40.47 3.17
N LYS C 235 -47.11 40.51 4.37
CA LYS C 235 -47.83 40.12 5.58
C LYS C 235 -48.92 41.11 5.93
N ILE C 236 -48.68 42.41 5.69
CA ILE C 236 -49.71 43.42 5.87
C ILE C 236 -50.91 43.11 4.98
N VAL C 237 -50.65 42.83 3.70
CA VAL C 237 -51.73 42.49 2.78
C VAL C 237 -52.41 41.19 3.22
N HIS C 238 -51.62 40.24 3.71
CA HIS C 238 -52.15 38.95 4.14
C HIS C 238 -53.17 39.11 5.26
N LEU C 239 -52.82 39.87 6.30
CA LEU C 239 -53.73 40.02 7.43
C LEU C 239 -55.02 40.73 7.06
N ARG C 240 -55.03 41.50 5.96
CA ARG C 240 -56.26 42.12 5.51
C ARG C 240 -57.27 41.08 5.04
N GLN C 241 -56.81 39.95 4.52
CA GLN C 241 -57.72 38.90 4.08
C GLN C 241 -58.51 38.34 5.26
N GLU C 242 -57.84 38.11 6.39
CA GLU C 242 -58.55 37.71 7.60
C GLU C 242 -59.39 38.85 8.15
N SER C 243 -58.89 40.08 8.03
CA SER C 243 -59.66 41.24 8.47
C SER C 243 -60.96 41.39 7.70
N ASP C 244 -61.00 40.85 6.48
CA ASP C 244 -62.21 40.96 5.66
C ASP C 244 -63.10 39.72 5.76
N LYS C 245 -62.53 38.51 5.85
CA LYS C 245 -63.36 37.32 5.84
C LYS C 245 -64.09 37.09 7.15
N LEU C 246 -63.71 37.80 8.22
CA LEU C 246 -64.33 37.58 9.52
C LEU C 246 -65.17 38.77 9.95
N ASP C 883 -71.17 33.94 12.28
CA ASP C 883 -70.23 33.29 13.18
C ASP C 883 -69.62 34.31 14.15
N GLU C 884 -69.99 34.20 15.42
CA GLU C 884 -69.39 35.08 16.43
C GLU C 884 -67.90 34.79 16.60
N SER C 885 -67.51 33.51 16.54
CA SER C 885 -66.11 33.15 16.62
C SER C 885 -65.30 33.82 15.51
N ALA C 886 -65.92 34.02 14.35
CA ALA C 886 -65.25 34.73 13.28
C ALA C 886 -64.88 36.15 13.72
N VAL C 887 -65.81 36.85 14.37
CA VAL C 887 -65.52 38.22 14.83
C VAL C 887 -64.48 38.18 15.95
N THR C 888 -64.52 37.16 16.81
CA THR C 888 -63.53 37.06 17.87
C THR C 888 -62.13 36.91 17.29
N ILE C 889 -61.97 36.07 16.26
CA ILE C 889 -60.69 35.96 15.59
C ILE C 889 -60.37 37.25 14.84
N LEU C 890 -61.40 37.94 14.33
CA LEU C 890 -61.23 39.21 13.65
C LEU C 890 -60.53 40.22 14.53
N ASP C 891 -60.93 40.28 15.80
CA ASP C 891 -60.32 41.25 16.72
C ASP C 891 -58.82 40.99 16.88
N GLN C 892 -58.43 39.73 17.05
CA GLN C 892 -57.01 39.40 17.16
C GLN C 892 -56.26 39.69 15.87
N VAL C 893 -56.90 39.43 14.72
CA VAL C 893 -56.27 39.75 13.44
C VAL C 893 -56.01 41.24 13.33
N THR C 894 -56.99 42.06 13.73
CA THR C 894 -56.80 43.50 13.70
C THR C 894 -55.68 43.94 14.64
N ALA C 895 -55.60 43.34 15.83
CA ALA C 895 -54.54 43.70 16.76
C ALA C 895 -53.16 43.37 16.19
N GLU C 896 -53.01 42.18 15.61
CA GLU C 896 -51.76 41.81 14.98
C GLU C 896 -51.44 42.73 13.79
N LEU C 897 -52.46 43.10 13.02
CA LEU C 897 -52.26 44.03 11.91
C LEU C 897 -51.75 45.37 12.42
N ARG C 898 -52.31 45.85 13.54
CA ARG C 898 -51.85 47.12 14.10
C ARG C 898 -50.40 47.05 14.55
N GLU C 899 -50.03 45.97 15.26
CA GLU C 899 -48.65 45.90 15.73
C GLU C 899 -47.67 45.76 14.56
N LEU C 900 -48.05 45.03 13.50
CA LEU C 900 -47.17 44.94 12.34
C LEU C 900 -47.11 46.26 11.57
N GLU C 901 -48.22 47.00 11.53
CA GLU C 901 -48.22 48.34 10.97
C GLU C 901 -47.33 49.27 11.78
N HIS C 902 -47.15 48.98 13.07
CA HIS C 902 -46.13 49.69 13.84
C HIS C 902 -44.73 49.27 13.41
N THR C 903 -44.51 47.96 13.23
CA THR C 903 -43.17 47.46 12.95
C THR C 903 -42.65 47.98 11.60
N VAL C 904 -43.50 48.02 10.58
CA VAL C 904 -43.00 48.27 9.21
C VAL C 904 -42.33 49.64 9.07
N PRO C 905 -42.89 50.74 9.57
CA PRO C 905 -42.19 52.04 9.41
C PRO C 905 -40.79 52.06 10.00
N GLN C 906 -40.55 51.32 11.08
CA GLN C 906 -39.21 51.25 11.64
C GLN C 906 -38.24 50.63 10.64
N GLN C 907 -38.65 49.53 10.01
CA GLN C 907 -37.83 48.91 8.98
C GLN C 907 -37.61 49.86 7.80
N SER C 908 -38.65 50.60 7.42
CA SER C 908 -38.51 51.56 6.33
C SER C 908 -37.49 52.65 6.68
N LYS C 909 -37.54 53.14 7.92
CA LYS C 909 -36.59 54.16 8.34
C LYS C 909 -35.16 53.63 8.34
N ASP C 910 -34.97 52.40 8.84
CA ASP C 910 -33.63 51.80 8.78
C ASP C 910 -33.16 51.63 7.35
N LEU C 911 -34.07 51.25 6.45
CA LEU C 911 -33.70 51.10 5.05
C LEU C 911 -33.30 52.44 4.44
N GLU C 912 -34.01 53.51 4.80
CA GLU C 912 -33.62 54.83 4.33
C GLU C 912 -32.24 55.22 4.84
N THR C 913 -31.97 54.90 6.11
CA THR C 913 -30.64 55.20 6.67
C THR C 913 -29.55 54.46 5.92
N ILE C 914 -29.76 53.17 5.64
CA ILE C 914 -28.74 52.41 4.92
C ILE C 914 -28.64 52.88 3.47
N LYS C 915 -29.74 53.36 2.89
CA LYS C 915 -29.69 53.97 1.56
C LYS C 915 -28.77 55.17 1.56
N ALA C 916 -28.91 56.04 2.57
CA ALA C 916 -28.01 57.18 2.69
C ALA C 916 -26.57 56.73 2.89
N LYS C 917 -26.37 55.67 3.68
CA LYS C 917 -25.04 55.11 3.86
C LYS C 917 -24.43 54.71 2.52
N LEU C 918 -25.18 53.96 1.71
CA LEU C 918 -24.67 53.53 0.41
C LEU C 918 -24.46 54.71 -0.54
N LYS C 919 -25.31 55.73 -0.46
CA LYS C 919 -25.08 56.93 -1.27
C LYS C 919 -23.72 57.54 -0.93
N GLU C 920 -23.43 57.69 0.36
CA GLU C 920 -22.11 58.19 0.76
C GLU C 920 -21.00 57.26 0.28
N ASP C 921 -21.19 55.96 0.45
CA ASP C 921 -20.16 54.99 0.07
C ASP C 921 -19.82 55.09 -1.40
N HIS C 922 -20.84 55.16 -2.26
CA HIS C 922 -20.61 55.31 -3.68
C HIS C 922 -20.00 56.66 -4.01
N ALA C 923 -20.43 57.72 -3.32
CA ALA C 923 -19.91 59.05 -3.58
C ALA C 923 -18.47 59.23 -3.14
N VAL C 924 -17.94 58.35 -2.29
CA VAL C 924 -16.57 58.45 -1.81
C VAL C 924 -15.66 57.41 -2.44
N LEU C 925 -16.19 56.30 -2.94
CA LEU C 925 -15.37 55.22 -3.45
C LEU C 925 -15.12 55.29 -4.95
N GLU C 926 -16.19 55.37 -5.76
CA GLU C 926 -16.05 55.18 -7.20
C GLU C 926 -15.11 56.18 -7.86
N PRO C 927 -15.21 57.50 -7.62
CA PRO C 927 -14.39 58.44 -8.42
C PRO C 927 -12.89 58.26 -8.23
N LYS C 928 -12.41 58.14 -7.00
CA LYS C 928 -10.97 57.98 -6.79
C LYS C 928 -10.47 56.67 -7.38
N LEU C 929 -11.25 55.59 -7.21
CA LEU C 929 -10.87 54.32 -7.81
C LEU C 929 -10.79 54.43 -9.32
N ASP C 930 -11.76 55.10 -9.93
CA ASP C 930 -11.75 55.29 -11.38
C ASP C 930 -10.52 56.08 -11.81
N ASP C 931 -10.19 57.14 -11.07
CA ASP C 931 -9.04 57.96 -11.41
C ASP C 931 -7.74 57.17 -11.34
N ILE C 932 -7.57 56.40 -10.25
CA ILE C 932 -6.34 55.64 -10.09
C ILE C 932 -6.24 54.54 -11.14
N VAL C 933 -7.36 53.86 -11.42
CA VAL C 933 -7.38 52.85 -12.46
C VAL C 933 -7.03 53.45 -13.81
N SER C 934 -7.53 54.66 -14.09
CA SER C 934 -7.20 55.31 -15.35
C SER C 934 -5.72 55.67 -15.43
N LYS C 935 -5.15 56.15 -14.33
CA LYS C 935 -3.73 56.47 -14.31
C LYS C 935 -2.89 55.22 -14.58
N ILE C 936 -3.22 54.12 -13.89
CA ILE C 936 -2.52 52.87 -14.10
C ILE C 936 -2.75 52.38 -15.52
N SER C 937 -3.93 52.62 -16.08
CA SER C 937 -4.22 52.24 -17.46
C SER C 937 -3.32 52.97 -18.43
N ALA C 938 -3.16 54.28 -18.24
CA ALA C 938 -2.31 55.06 -19.12
C ALA C 938 -0.87 54.58 -19.03
N ARG C 939 -0.37 54.37 -17.80
CA ARG C 939 1.00 53.91 -17.65
C ARG C 939 1.18 52.52 -18.24
N PHE C 940 0.20 51.64 -18.02
CA PHE C 940 0.22 50.29 -18.58
C PHE C 940 0.26 50.31 -20.09
N ALA C 941 -0.56 51.14 -20.72
CA ALA C 941 -0.57 51.24 -22.17
C ALA C 941 0.75 51.76 -22.69
N ARG C 942 1.32 52.78 -22.00
CA ARG C 942 2.62 53.29 -22.42
C ARG C 942 3.68 52.21 -22.35
N LEU C 943 3.69 51.43 -21.27
CA LEU C 943 4.66 50.36 -21.14
C LEU C 943 4.47 49.28 -22.19
N PHE C 944 3.22 48.87 -22.42
CA PHE C 944 2.95 47.71 -23.27
C PHE C 944 2.99 48.03 -24.75
N ASN C 945 2.89 49.31 -25.13
CA ASN C 945 3.06 49.66 -26.54
C ASN C 945 4.49 49.44 -26.99
N ASN C 946 5.45 49.64 -26.08
CA ASN C 946 6.84 49.34 -26.39
C ASN C 946 7.04 47.86 -26.71
N VAL C 947 6.18 47.00 -26.16
CA VAL C 947 6.23 45.58 -26.47
C VAL C 947 5.90 45.35 -27.94
N GLY C 948 5.00 46.14 -28.50
CA GLY C 948 4.55 45.92 -29.86
C GLY C 948 3.21 45.22 -29.89
N SER C 949 2.38 45.49 -28.89
CA SER C 949 1.08 44.85 -28.76
C SER C 949 0.14 45.79 -28.02
N ALA C 950 -1.15 45.50 -28.11
CA ALA C 950 -2.18 46.34 -27.51
C ALA C 950 -2.60 45.76 -26.18
N GLY C 951 -2.61 46.60 -25.15
CA GLY C 951 -3.00 46.16 -23.82
C GLY C 951 -3.61 47.30 -23.05
N ALA C 952 -4.71 46.99 -22.34
CA ALA C 952 -5.41 47.99 -21.55
C ALA C 952 -6.15 47.28 -20.42
N VAL C 953 -6.59 48.07 -19.45
CA VAL C 953 -7.25 47.54 -18.26
C VAL C 953 -8.63 48.18 -18.12
N ARG C 954 -9.59 47.35 -17.71
CA ARG C 954 -10.96 47.80 -17.46
C ARG C 954 -11.31 47.56 -16.00
N LEU C 955 -11.93 48.56 -15.38
CA LEU C 955 -12.46 48.44 -14.03
C LEU C 955 -13.94 48.12 -14.14
N GLU C 956 -14.28 46.85 -14.00
CA GLU C 956 -15.66 46.40 -14.12
C GLU C 956 -16.38 46.63 -12.80
N LYS C 957 -17.51 47.34 -12.87
CA LYS C 957 -18.24 47.80 -11.68
C LYS C 957 -19.69 47.34 -11.78
N PRO C 958 -19.97 46.09 -11.42
CA PRO C 958 -21.37 45.60 -11.47
C PRO C 958 -22.25 46.31 -10.45
N LYS C 959 -23.56 46.13 -10.62
CA LYS C 959 -24.52 46.69 -9.67
C LYS C 959 -24.30 46.13 -8.27
N ASP C 960 -24.13 44.82 -8.17
CA ASP C 960 -23.73 44.21 -6.90
C ASP C 960 -22.26 44.48 -6.70
N TYR C 961 -21.95 45.38 -5.77
CA TYR C 961 -20.58 45.87 -5.61
C TYR C 961 -19.61 44.77 -5.22
N ALA C 962 -20.10 43.67 -4.64
CA ALA C 962 -19.22 42.57 -4.24
C ALA C 962 -18.47 41.98 -5.42
N GLU C 963 -18.97 42.16 -6.64
CA GLU C 963 -18.33 41.64 -7.84
C GLU C 963 -17.53 42.70 -8.58
N TRP C 964 -17.30 43.86 -7.97
CA TRP C 964 -16.37 44.83 -8.54
C TRP C 964 -15.01 44.20 -8.73
N LYS C 965 -14.39 44.47 -9.88
CA LYS C 965 -13.16 43.77 -10.23
C LYS C 965 -12.42 44.56 -11.31
N ILE C 966 -11.14 44.22 -11.46
CA ILE C 966 -10.27 44.83 -12.46
C ILE C 966 -9.90 43.78 -13.49
N GLU C 967 -10.23 44.04 -14.75
CA GLU C 967 -9.95 43.14 -15.86
C GLU C 967 -9.01 43.85 -16.83
N ILE C 968 -7.92 43.17 -17.19
CA ILE C 968 -6.93 43.71 -18.13
C ILE C 968 -7.11 43.02 -19.46
N MET C 969 -7.26 43.80 -20.53
CA MET C 969 -7.32 43.23 -21.86
C MET C 969 -5.91 43.13 -22.42
N VAL C 970 -5.64 42.06 -23.16
CA VAL C 970 -4.37 41.87 -23.81
C VAL C 970 -4.62 41.52 -25.28
N LYS C 971 -3.79 42.08 -26.16
CA LYS C 971 -3.91 41.81 -27.59
C LYS C 971 -2.49 41.76 -28.14
N PHE C 972 -1.91 40.57 -28.18
CA PHE C 972 -0.53 40.39 -28.60
C PHE C 972 -0.37 40.38 -30.12
N ARG C 973 -1.42 40.08 -30.86
CA ARG C 973 -1.40 40.08 -32.31
C ARG C 973 -2.49 41.02 -32.81
N ASP C 974 -2.23 41.66 -33.95
CA ASP C 974 -3.19 42.60 -34.53
C ASP C 974 -4.50 41.90 -34.92
N ASP C 982 -9.90 37.92 -15.02
CA ASP C 982 -10.47 36.85 -14.21
C ASP C 982 -9.68 35.55 -14.34
N SER C 983 -10.13 34.52 -13.64
CA SER C 983 -9.47 33.23 -13.63
C SER C 983 -10.00 32.27 -14.68
N HIS C 984 -10.93 32.71 -15.53
CA HIS C 984 -11.56 31.84 -16.50
C HIS C 984 -11.20 32.13 -17.95
N THR C 985 -10.99 33.39 -18.32
CA THR C 985 -10.86 33.78 -19.72
C THR C 985 -9.43 33.86 -20.22
N GLN C 986 -8.50 34.36 -19.40
CA GLN C 986 -7.12 34.56 -19.85
C GLN C 986 -6.25 33.37 -19.45
N SER C 987 -5.17 33.19 -20.20
CA SER C 987 -4.19 32.16 -19.88
C SER C 987 -3.35 32.59 -18.70
N GLY C 988 -2.79 31.58 -18.00
CA GLY C 988 -1.97 31.88 -16.83
C GLY C 988 -0.78 32.76 -17.16
N GLY C 989 -0.16 32.54 -18.34
CA GLY C 989 0.95 33.38 -18.75
C GLY C 989 0.54 34.81 -19.02
N GLU C 990 -0.61 35.00 -19.66
CA GLU C 990 -1.11 36.35 -19.91
C GLU C 990 -1.41 37.06 -18.59
N ARG C 991 -2.02 36.36 -17.64
CA ARG C 991 -2.28 36.97 -16.34
C ARG C 991 -0.99 37.28 -15.59
N ALA C 992 0.02 36.42 -15.73
CA ALA C 992 1.31 36.71 -15.11
C ALA C 992 1.96 37.95 -15.72
N VAL C 993 1.88 38.08 -17.05
CA VAL C 993 2.41 39.28 -17.70
C VAL C 993 1.65 40.51 -17.22
N SER C 994 0.33 40.40 -17.08
CA SER C 994 -0.46 41.51 -16.56
C SER C 994 -0.03 41.87 -15.14
N THR C 995 0.21 40.86 -14.31
CA THR C 995 0.67 41.11 -12.94
C THR C 995 2.01 41.82 -12.93
N VAL C 996 2.94 41.39 -13.79
CA VAL C 996 4.27 41.98 -13.81
C VAL C 996 4.21 43.43 -14.27
N LEU C 997 3.47 43.69 -15.35
CA LEU C 997 3.37 45.05 -15.85
C LEU C 997 2.59 45.93 -14.88
N TYR C 998 1.62 45.36 -14.16
CA TYR C 998 0.93 46.08 -13.10
C TYR C 998 1.87 46.44 -11.97
N MET C 999 2.77 45.53 -11.60
CA MET C 999 3.74 45.85 -10.55
C MET C 999 4.63 46.99 -11.02
N ILE C 1000 5.04 46.92 -12.29
CA ILE C 1000 5.86 47.99 -12.87
C ILE C 1000 5.11 49.32 -12.82
N ALA C 1001 3.80 49.30 -13.10
CA ALA C 1001 3.00 50.52 -13.01
C ALA C 1001 2.92 51.03 -11.58
N LEU C 1002 2.76 50.12 -10.61
CA LEU C 1002 2.70 50.53 -9.21
C LEU C 1002 4.05 51.00 -8.68
N GLN C 1003 5.13 50.74 -9.41
CA GLN C 1003 6.46 51.09 -8.93
C GLN C 1003 6.54 52.54 -8.46
N GLU C 1004 5.94 53.46 -9.23
CA GLU C 1004 5.96 54.87 -8.84
C GLU C 1004 4.86 55.23 -7.85
N PHE C 1005 3.86 54.36 -7.66
CA PHE C 1005 2.77 54.68 -6.75
C PHE C 1005 2.95 54.12 -5.34
N THR C 1006 3.86 53.17 -5.16
CA THR C 1006 4.15 52.60 -3.84
C THR C 1006 5.52 53.08 -3.40
N SER C 1007 5.64 53.54 -2.16
CA SER C 1007 6.81 54.23 -1.67
C SER C 1007 7.78 53.33 -0.91
N ALA C 1008 7.70 52.01 -1.10
CA ALA C 1008 8.66 51.12 -0.48
C ALA C 1008 10.03 51.26 -1.16
N PRO C 1009 11.11 51.05 -0.44
CA PRO C 1009 12.44 51.18 -1.05
C PRO C 1009 12.93 49.91 -1.74
N PHE C 1010 12.48 48.73 -1.30
CA PHE C 1010 12.79 47.51 -2.03
C PHE C 1010 11.52 46.69 -2.18
N ARG C 1011 11.43 45.96 -3.29
CA ARG C 1011 10.27 45.16 -3.62
C ARG C 1011 10.70 43.73 -3.94
N VAL C 1012 9.81 42.78 -3.66
CA VAL C 1012 10.09 41.36 -3.81
C VAL C 1012 9.02 40.73 -4.70
N VAL C 1013 9.46 40.09 -5.78
CA VAL C 1013 8.62 39.24 -6.62
C VAL C 1013 9.40 37.96 -6.89
N ASP C 1014 8.75 36.81 -6.72
CA ASP C 1014 9.46 35.54 -6.59
C ASP C 1014 8.83 34.50 -7.51
N GLN C 1015 9.70 33.77 -8.23
CA GLN C 1015 9.34 32.60 -9.05
C GLN C 1015 8.24 32.79 -10.20
N ILE C 1016 7.85 34.06 -10.29
CA ILE C 1016 6.71 34.46 -11.08
C ILE C 1016 6.70 33.98 -12.53
N ASN C 1017 7.87 33.70 -13.09
CA ASN C 1017 8.10 33.42 -14.51
C ASN C 1017 7.64 32.00 -14.95
N GLN C 1018 6.87 31.23 -14.20
CA GLN C 1018 6.61 29.84 -14.57
C GLN C 1018 5.42 29.73 -15.53
N GLY C 1019 5.43 28.64 -16.32
CA GLY C 1019 4.27 28.22 -17.07
C GLY C 1019 3.95 29.00 -18.32
N MET C 1020 4.85 29.86 -18.77
CA MET C 1020 4.55 30.83 -19.81
C MET C 1020 5.74 30.99 -20.76
N ASP C 1021 5.44 31.45 -21.97
CA ASP C 1021 6.35 31.34 -23.11
C ASP C 1021 7.61 32.21 -22.93
N SER C 1022 8.59 31.95 -23.81
CA SER C 1022 9.88 32.64 -23.73
C SER C 1022 9.81 34.06 -24.26
N ARG C 1023 8.95 34.32 -25.25
CA ARG C 1023 8.84 35.68 -25.80
C ARG C 1023 8.42 36.67 -24.72
N ASN C 1024 7.34 36.34 -24.01
CA ASN C 1024 6.88 37.19 -22.92
C ASN C 1024 7.88 37.19 -21.77
N GLU C 1025 8.67 36.11 -21.62
CA GLU C 1025 9.81 36.16 -20.70
C GLU C 1025 10.75 37.29 -21.07
N ARG C 1026 11.15 37.37 -22.34
CA ARG C 1026 12.03 38.46 -22.77
C ARG C 1026 11.38 39.80 -22.53
N ILE C 1027 10.07 39.89 -22.84
CA ILE C 1027 9.35 41.15 -22.69
C ILE C 1027 9.37 41.61 -21.24
N VAL C 1028 8.96 40.74 -20.31
CA VAL C 1028 8.83 41.14 -18.92
C VAL C 1028 10.21 41.40 -18.32
N HIS C 1029 11.21 40.59 -18.69
CA HIS C 1029 12.54 40.79 -18.13
C HIS C 1029 13.11 42.13 -18.58
N LYS C 1030 12.94 42.48 -19.86
CA LYS C 1030 13.44 43.76 -20.34
C LYS C 1030 12.69 44.91 -19.68
N ALA C 1031 11.37 44.79 -19.53
CA ALA C 1031 10.58 45.86 -18.92
C ALA C 1031 11.02 46.09 -17.47
N MET C 1032 11.19 45.01 -16.71
CA MET C 1032 11.60 45.17 -15.32
C MET C 1032 13.04 45.66 -15.19
N VAL C 1033 13.92 45.25 -16.10
CA VAL C 1033 15.27 45.80 -16.10
C VAL C 1033 15.23 47.30 -16.35
N GLU C 1034 14.40 47.74 -17.30
CA GLU C 1034 14.32 49.15 -17.62
C GLU C 1034 13.68 49.96 -16.49
N ASN C 1035 12.75 49.37 -15.75
CA ASN C 1035 12.00 50.12 -14.75
C ASN C 1035 12.57 50.01 -13.35
N ALA C 1036 13.43 49.02 -13.07
CA ALA C 1036 13.92 48.83 -11.71
C ALA C 1036 15.27 49.51 -11.48
N CYS C 1037 16.11 49.59 -12.50
CA CYS C 1037 17.45 50.16 -12.35
C CYS C 1037 17.48 51.67 -12.54
N ALA C 1038 16.33 52.30 -12.79
CA ALA C 1038 16.30 53.73 -13.04
C ALA C 1038 16.55 54.51 -11.76
N GLU C 1039 16.82 55.81 -11.93
CA GLU C 1039 17.09 56.68 -10.79
C GLU C 1039 15.85 56.84 -9.92
N ASN C 1040 16.08 57.04 -8.62
CA ASN C 1040 15.05 57.26 -7.59
C ASN C 1040 13.99 56.15 -7.59
N THR C 1041 14.30 55.01 -8.20
CA THR C 1041 13.39 53.87 -8.19
C THR C 1041 13.72 52.94 -7.04
N SER C 1042 12.70 52.29 -6.51
CA SER C 1042 12.89 51.34 -5.43
C SER C 1042 13.72 50.14 -5.92
N GLN C 1043 14.46 49.54 -4.99
CA GLN C 1043 15.20 48.33 -5.32
C GLN C 1043 14.21 47.22 -5.61
N TYR C 1044 14.62 46.28 -6.47
CA TYR C 1044 13.73 45.21 -6.88
C TYR C 1044 14.50 43.88 -6.86
N PHE C 1045 13.78 42.80 -6.58
CA PHE C 1045 14.33 41.45 -6.58
C PHE C 1045 13.64 40.62 -7.65
N LEU C 1046 14.42 39.97 -8.50
CA LEU C 1046 13.91 39.01 -9.48
C LEU C 1046 14.54 37.65 -9.24
N ILE C 1047 13.71 36.61 -9.26
CA ILE C 1047 14.17 35.23 -9.15
C ILE C 1047 13.58 34.44 -10.31
N THR C 1048 14.41 33.60 -10.94
CA THR C 1048 13.99 32.81 -12.09
C THR C 1048 14.77 31.51 -12.15
N PRO C 1049 14.09 30.37 -12.36
CA PRO C 1049 14.81 29.11 -12.57
C PRO C 1049 15.39 28.94 -13.96
N LYS C 1050 15.08 29.83 -14.89
CA LYS C 1050 15.64 29.81 -16.24
C LYS C 1050 16.17 31.18 -16.59
N LEU C 1051 17.42 31.22 -17.07
CA LEU C 1051 18.01 32.45 -17.62
C LEU C 1051 18.05 32.27 -19.13
N LEU C 1052 17.25 33.07 -19.83
CA LEU C 1052 17.11 32.90 -21.28
C LEU C 1052 18.25 33.62 -22.01
N THR C 1053 18.55 33.10 -23.20
CA THR C 1053 19.64 33.64 -24.01
C THR C 1053 19.31 35.05 -24.49
N GLY C 1054 20.33 35.89 -24.56
CA GLY C 1054 20.19 37.24 -25.09
C GLY C 1054 19.29 38.16 -24.28
N LEU C 1055 19.38 38.10 -22.96
CA LEU C 1055 18.60 38.98 -22.12
C LEU C 1055 19.18 40.40 -22.12
N HIS C 1056 18.34 41.36 -21.75
CA HIS C 1056 18.74 42.75 -21.66
C HIS C 1056 19.32 43.01 -20.27
N TYR C 1057 20.60 43.38 -20.22
CA TYR C 1057 21.31 43.57 -18.96
C TYR C 1057 21.67 45.04 -18.77
N HIS C 1058 21.97 45.40 -17.53
CA HIS C 1058 22.24 46.78 -17.15
C HIS C 1058 23.57 46.86 -16.42
N GLU C 1059 24.19 48.05 -16.50
CA GLU C 1059 25.48 48.25 -15.85
C GLU C 1059 25.36 48.19 -14.33
N LYS C 1060 24.33 48.82 -13.76
CA LYS C 1060 24.11 48.75 -12.32
C LYS C 1060 23.75 47.34 -11.88
N MET C 1061 23.28 46.51 -12.80
CA MET C 1061 22.85 45.15 -12.47
C MET C 1061 24.04 44.31 -12.03
N ARG C 1062 23.76 43.39 -11.11
CA ARG C 1062 24.74 42.43 -10.63
C ARG C 1062 24.08 41.05 -10.61
N ILE C 1063 24.91 40.01 -10.74
CA ILE C 1063 24.42 38.63 -10.80
C ILE C 1063 24.97 37.87 -9.60
N HIS C 1064 24.10 37.10 -8.94
CA HIS C 1064 24.52 36.16 -7.92
C HIS C 1064 23.99 34.78 -8.28
N CYS C 1065 24.90 33.81 -8.36
CA CYS C 1065 24.56 32.44 -8.73
C CYS C 1065 24.43 31.60 -7.48
N VAL C 1066 23.29 30.93 -7.34
CA VAL C 1066 23.03 30.04 -6.23
C VAL C 1066 23.02 28.62 -6.76
N MET C 1067 23.84 27.77 -6.16
CA MET C 1067 24.05 26.43 -6.71
C MET C 1067 24.09 25.43 -5.57
N ALA C 1068 23.37 24.32 -5.72
CA ALA C 1068 23.74 23.10 -5.02
C ALA C 1068 24.92 22.52 -5.78
N GLY C 1069 25.75 21.78 -5.08
CA GLY C 1069 26.98 21.28 -5.65
C GLY C 1069 27.74 20.39 -4.70
N SER C 1070 29.06 20.40 -4.78
CA SER C 1070 29.82 19.37 -4.10
C SER C 1070 31.10 19.83 -3.41
N TRP C 1071 31.62 21.03 -3.69
CA TRP C 1071 33.04 21.27 -3.45
C TRP C 1071 33.33 22.57 -2.71
N ILE C 1072 32.61 22.88 -1.64
CA ILE C 1072 33.09 24.00 -0.82
C ILE C 1072 34.15 23.53 0.17
N PRO C 1073 35.25 24.26 0.30
CA PRO C 1073 35.97 24.22 1.58
C PRO C 1073 35.23 25.09 2.58
N ASN C 1074 34.61 24.45 3.57
CA ASN C 1074 33.50 25.03 4.32
C ASN C 1074 33.80 26.45 4.78
N PRO C 1075 32.88 27.41 4.60
CA PRO C 1075 33.07 28.74 5.21
C PRO C 1075 33.20 28.70 6.71
N SER C 1076 32.55 27.73 7.37
CA SER C 1076 32.78 27.51 8.78
C SER C 1076 34.24 27.14 9.06
N GLU C 1077 34.92 26.56 8.07
CA GLU C 1077 36.35 26.24 8.18
C GLU C 1077 37.21 27.38 7.67
N ASP C 1078 36.76 28.10 6.64
CA ASP C 1078 37.52 29.21 6.07
C ASP C 1078 36.56 30.34 5.73
N PRO C 1079 36.37 31.30 6.65
CA PRO C 1079 35.50 32.44 6.35
C PRO C 1079 36.12 33.46 5.41
N LYS C 1080 37.41 33.32 5.08
CA LYS C 1080 38.01 34.23 4.10
C LYS C 1080 37.48 34.00 2.69
N MET C 1081 36.88 32.84 2.44
CA MET C 1081 36.31 32.49 1.15
C MET C 1081 34.81 32.84 1.10
N ILE C 1082 34.26 33.33 2.22
CA ILE C 1082 32.83 33.51 2.36
C ILE C 1082 32.23 34.38 1.26
N HIS C 1083 33.07 35.07 0.49
CA HIS C 1083 32.65 35.79 -0.72
C HIS C 1083 33.16 35.13 -1.99
N PHE C 1084 33.16 33.79 -2.03
CA PHE C 1084 33.78 33.03 -3.11
C PHE C 1084 33.17 33.38 -4.46
N GLY C 1085 34.04 33.60 -5.45
CA GLY C 1085 33.62 33.85 -6.81
C GLY C 1085 33.10 35.24 -7.06
N GLU C 1086 32.87 36.02 -6.01
CA GLU C 1086 32.29 37.36 -6.15
C GLU C 1086 33.39 38.32 -6.58
N THR C 1087 33.28 38.83 -7.80
CA THR C 1087 34.33 39.64 -8.40
C THR C 1087 33.94 41.09 -8.62
N SER C 1088 32.67 41.44 -8.46
CA SER C 1088 32.20 42.81 -8.64
C SER C 1088 32.41 43.67 -7.41
N ASN C 1089 33.21 43.21 -6.44
CA ASN C 1089 33.57 43.99 -5.27
C ASN C 1089 35.06 44.24 -5.18
N TYR C 1090 35.77 44.10 -6.30
CA TYR C 1090 37.22 44.28 -6.35
C TYR C 1090 37.51 45.59 -7.09
N SER C 1091 38.13 46.53 -6.38
CA SER C 1091 38.54 47.81 -6.95
C SER C 1091 40.05 47.79 -7.17
N PHE C 1092 40.49 48.22 -8.36
CA PHE C 1092 41.89 48.16 -8.75
C PHE C 1092 42.51 49.54 -8.60
N ASP C 1093 43.63 49.61 -7.89
CA ASP C 1093 44.35 50.86 -7.69
C ASP C 1093 45.54 50.96 -8.64
N SER D 79 -13.25 -0.39 -30.39
CA SER D 79 -13.04 0.89 -31.05
C SER D 79 -13.85 2.00 -30.39
N GLY D 80 -13.91 3.16 -31.04
CA GLY D 80 -14.63 4.29 -30.50
C GLY D 80 -13.74 5.51 -30.34
N TYR D 81 -12.50 5.39 -30.80
CA TYR D 81 -11.52 6.47 -30.67
C TYR D 81 -11.74 7.51 -31.77
N ILE D 82 -11.62 8.79 -31.40
CA ILE D 82 -11.84 9.87 -32.35
C ILE D 82 -10.71 9.89 -33.36
N LYS D 83 -11.07 9.89 -34.64
CA LYS D 83 -10.07 9.84 -35.70
C LYS D 83 -9.63 11.22 -36.15
N LYS D 84 -10.59 12.05 -36.59
CA LYS D 84 -10.28 13.35 -37.17
C LYS D 84 -11.14 14.42 -36.51
N VAL D 85 -10.60 15.63 -36.44
CA VAL D 85 -11.33 16.80 -35.95
C VAL D 85 -11.44 17.80 -37.09
N ILE D 86 -12.65 18.29 -37.34
CA ILE D 86 -12.94 19.20 -38.43
C ILE D 86 -13.49 20.49 -37.82
N LEU D 87 -12.84 21.61 -38.13
CA LEU D 87 -13.23 22.91 -37.60
C LEU D 87 -13.76 23.79 -38.72
N ARG D 88 -14.81 24.55 -38.42
CA ARG D 88 -15.38 25.50 -39.37
C ARG D 88 -15.79 26.76 -38.62
N ASN D 89 -14.97 27.80 -38.70
CA ASN D 89 -15.26 29.12 -38.15
C ASN D 89 -15.50 29.05 -36.64
N PHE D 90 -14.45 28.63 -35.92
CA PHE D 90 -14.54 28.43 -34.48
C PHE D 90 -13.31 29.02 -33.82
N MET D 91 -13.51 29.78 -32.74
CA MET D 91 -12.43 30.49 -32.05
C MET D 91 -11.60 31.35 -32.99
N CYS D 92 -10.45 30.85 -33.42
CA CYS D 92 -9.54 31.57 -34.31
C CYS D 92 -9.08 30.68 -35.45
N HIS D 93 -10.00 29.86 -35.97
CA HIS D 93 -9.69 28.97 -37.08
C HIS D 93 -10.89 28.96 -38.01
N GLU D 94 -10.66 29.28 -39.28
CA GLU D 94 -11.73 29.26 -40.26
C GLU D 94 -12.01 27.83 -40.75
N HIS D 95 -10.98 27.17 -41.28
CA HIS D 95 -11.14 25.79 -41.75
C HIS D 95 -9.76 25.12 -41.71
N PHE D 96 -9.54 24.28 -40.71
CA PHE D 96 -8.34 23.46 -40.61
C PHE D 96 -8.69 22.11 -40.03
N GLU D 97 -8.12 21.06 -40.60
CA GLU D 97 -8.42 19.69 -40.17
C GLU D 97 -7.13 18.94 -39.83
N ASN D 110 1.82 28.43 -29.37
CA ASN D 110 1.45 29.15 -28.16
C ASN D 110 -0.02 28.91 -27.83
N ASN D 111 -0.36 29.03 -26.55
CA ASN D 111 -1.74 28.80 -26.12
C ASN D 111 -2.65 29.89 -26.65
N GLY D 112 -3.92 29.53 -26.84
CA GLY D 112 -4.87 30.43 -27.47
C GLY D 112 -4.82 30.30 -28.96
N SER D 113 -3.62 30.08 -29.50
CA SER D 113 -3.43 29.88 -30.94
C SER D 113 -3.65 28.40 -31.31
N GLY D 114 -4.82 27.91 -30.94
CA GLY D 114 -5.22 26.56 -31.31
C GLY D 114 -4.86 25.48 -30.33
N LYS D 115 -4.89 25.77 -29.02
CA LYS D 115 -4.57 24.76 -28.02
C LYS D 115 -5.79 24.34 -27.21
N SER D 116 -6.48 25.28 -26.56
CA SER D 116 -7.68 24.95 -25.82
C SER D 116 -8.90 24.83 -26.72
N ALA D 117 -8.83 25.35 -27.94
CA ALA D 117 -9.99 25.30 -28.84
C ALA D 117 -10.34 23.86 -29.21
N ILE D 118 -9.33 23.04 -29.49
CA ILE D 118 -9.60 21.65 -29.85
C ILE D 118 -10.26 20.92 -28.68
N LEU D 119 -9.74 21.14 -27.46
CA LEU D 119 -10.32 20.50 -26.29
C LEU D 119 -11.76 20.95 -26.06
N THR D 120 -12.04 22.25 -26.21
CA THR D 120 -13.41 22.72 -26.07
C THR D 120 -14.32 22.15 -27.14
N ALA D 121 -13.82 22.01 -28.38
CA ALA D 121 -14.62 21.42 -29.44
C ALA D 121 -14.96 19.98 -29.13
N ILE D 122 -13.98 19.22 -28.61
CA ILE D 122 -14.25 17.86 -28.21
C ILE D 122 -15.27 17.82 -27.08
N THR D 123 -15.14 18.71 -26.10
CA THR D 123 -16.05 18.72 -24.96
C THR D 123 -17.48 19.05 -25.39
N ILE D 124 -17.66 20.04 -26.24
CA ILE D 124 -18.99 20.46 -26.66
C ILE D 124 -19.57 19.52 -27.70
N GLY D 125 -18.72 18.98 -28.58
CA GLY D 125 -19.19 18.08 -29.61
C GLY D 125 -19.47 16.69 -29.09
N LEU D 126 -19.40 16.53 -27.76
CA LEU D 126 -19.69 15.25 -27.11
C LEU D 126 -20.82 15.37 -26.09
N GLY D 127 -21.68 16.37 -26.24
CA GLY D 127 -22.84 16.51 -25.37
C GLY D 127 -22.56 17.21 -24.05
N ALA D 128 -22.07 18.44 -24.12
CA ALA D 128 -21.83 19.25 -22.93
C ALA D 128 -22.11 20.71 -23.27
N LYS D 129 -22.47 21.48 -22.25
CA LYS D 129 -22.78 22.88 -22.45
C LYS D 129 -21.53 23.74 -22.31
N ALA D 130 -21.63 24.98 -22.80
CA ALA D 130 -20.54 25.93 -22.70
C ALA D 130 -20.45 26.60 -21.33
N SER D 131 -21.48 26.46 -20.50
CA SER D 131 -21.43 27.03 -19.15
C SER D 131 -20.32 26.38 -18.33
N GLU D 132 -20.24 25.07 -18.36
CA GLU D 132 -19.16 24.34 -17.69
C GLU D 132 -17.97 24.15 -18.62
N THR D 133 -17.55 25.24 -19.27
CA THR D 133 -16.36 25.27 -20.09
C THR D 133 -15.46 26.46 -19.80
N ASN D 134 -16.01 27.58 -19.33
CA ASN D 134 -15.26 28.71 -18.81
C ASN D 134 -14.38 29.36 -19.88
N ARG D 135 -14.70 29.11 -21.15
CA ARG D 135 -14.06 29.79 -22.28
C ARG D 135 -15.16 30.30 -23.21
N GLY D 136 -16.13 30.99 -22.63
CA GLY D 136 -17.31 31.40 -23.35
C GLY D 136 -18.55 30.79 -22.73
N SER D 137 -19.35 31.60 -22.05
CA SER D 137 -20.49 31.12 -21.30
C SER D 137 -21.67 30.73 -22.19
N SER D 138 -21.60 31.00 -23.49
CA SER D 138 -22.70 30.70 -24.39
C SER D 138 -22.15 30.10 -25.67
N LEU D 139 -22.94 29.20 -26.28
CA LEU D 139 -22.53 28.58 -27.53
C LEU D 139 -22.35 29.62 -28.63
N LYS D 140 -23.28 30.58 -28.72
CA LYS D 140 -23.23 31.60 -29.76
C LYS D 140 -22.02 32.51 -29.63
N ASP D 141 -21.44 32.65 -28.44
CA ASP D 141 -20.20 33.41 -28.28
C ASP D 141 -18.99 32.65 -28.78
N LEU D 142 -19.06 31.32 -28.83
CA LEU D 142 -17.95 30.51 -29.31
C LEU D 142 -17.74 30.61 -30.81
N ILE D 143 -18.67 31.22 -31.53
CA ILE D 143 -18.56 31.32 -32.97
C ILE D 143 -17.48 32.33 -33.34
N ARG D 144 -16.74 32.02 -34.40
CA ARG D 144 -15.74 32.95 -34.92
C ARG D 144 -16.38 34.28 -35.28
N GLU D 145 -15.78 35.37 -34.81
CA GLU D 145 -16.28 36.71 -35.13
C GLU D 145 -15.93 37.01 -36.58
N GLY D 146 -16.95 37.08 -37.42
CA GLY D 146 -16.75 37.27 -38.85
C GLY D 146 -17.53 36.25 -39.66
N CYS D 147 -18.37 35.49 -38.96
CA CYS D 147 -19.22 34.49 -39.60
C CYS D 147 -20.55 34.45 -38.86
N TYR D 148 -21.39 33.50 -39.24
CA TYR D 148 -22.73 33.39 -38.65
C TYR D 148 -22.93 31.99 -38.08
N SER D 149 -22.43 30.98 -38.78
CA SER D 149 -22.66 29.59 -38.40
C SER D 149 -21.33 28.90 -38.19
N ALA D 150 -21.22 28.15 -37.10
CA ALA D 150 -20.03 27.37 -36.78
C ALA D 150 -20.42 25.91 -36.60
N LYS D 151 -19.62 25.02 -37.18
CA LYS D 151 -19.87 23.60 -37.09
C LYS D 151 -18.55 22.85 -36.93
N ILE D 152 -18.58 21.78 -36.13
CA ILE D 152 -17.44 20.91 -35.92
C ILE D 152 -17.87 19.48 -36.23
N ILE D 153 -17.06 18.78 -37.03
CA ILE D 153 -17.34 17.40 -37.40
C ILE D 153 -16.37 16.49 -36.67
N LEU D 154 -16.89 15.54 -35.92
CA LEU D 154 -16.09 14.61 -35.12
C LEU D 154 -16.27 13.20 -35.70
N HIS D 155 -15.15 12.57 -36.04
CA HIS D 155 -15.18 11.25 -36.68
C HIS D 155 -14.82 10.19 -35.63
N LEU D 156 -15.85 9.54 -35.07
CA LEU D 156 -15.62 8.38 -34.23
C LEU D 156 -15.18 7.21 -35.11
N ASP D 157 -14.71 6.14 -34.46
CA ASP D 157 -14.25 4.94 -35.16
C ASP D 157 -15.14 3.78 -34.74
N ASN D 158 -15.94 3.29 -35.67
CA ASN D 158 -16.83 2.15 -35.43
C ASN D 158 -16.41 1.02 -36.38
N SER D 159 -15.36 0.30 -36.00
CA SER D 159 -14.88 -0.78 -36.85
C SER D 159 -14.34 -1.98 -36.09
N LYS D 160 -14.54 -2.07 -34.78
CA LYS D 160 -13.88 -3.10 -33.98
C LYS D 160 -14.85 -3.51 -32.87
N TYR D 161 -14.35 -4.21 -31.87
CA TYR D 161 -15.20 -4.60 -30.74
C TYR D 161 -15.80 -3.37 -30.08
N GLY D 162 -17.00 -3.53 -29.53
CA GLY D 162 -17.65 -2.43 -28.86
C GLY D 162 -18.26 -1.40 -29.78
N ALA D 163 -18.33 -1.71 -31.07
CA ALA D 163 -18.97 -0.82 -32.03
C ALA D 163 -20.46 -0.72 -31.71
N TYR D 164 -21.05 0.43 -32.05
CA TYR D 164 -22.46 0.70 -31.80
C TYR D 164 -23.19 0.57 -33.13
N GLN D 165 -23.81 -0.59 -33.34
CA GLN D 165 -24.63 -0.85 -34.52
C GLN D 165 -23.84 -0.61 -35.81
N GLN D 166 -22.79 -1.42 -35.98
CA GLN D 166 -21.96 -1.33 -37.19
C GLN D 166 -22.74 -1.66 -38.45
N GLY D 167 -23.84 -2.42 -38.35
CA GLY D 167 -24.66 -2.70 -39.52
C GLY D 167 -25.54 -1.55 -39.96
N ILE D 168 -25.77 -0.58 -39.09
CA ILE D 168 -26.58 0.60 -39.40
C ILE D 168 -25.71 1.83 -39.57
N PHE D 169 -24.85 2.12 -38.59
CA PHE D 169 -23.99 3.29 -38.61
C PHE D 169 -22.76 3.12 -39.50
N GLY D 170 -22.72 2.08 -40.34
CA GLY D 170 -21.55 1.87 -41.18
C GLY D 170 -20.33 1.49 -40.37
N ASN D 171 -19.17 1.91 -40.88
CA ASN D 171 -17.89 1.57 -40.25
C ASN D 171 -17.18 2.78 -39.66
N GLU D 172 -17.84 3.94 -39.59
CA GLU D 172 -17.22 5.13 -39.01
C GLU D 172 -18.32 6.09 -38.58
N ILE D 173 -18.50 6.24 -37.27
CA ILE D 173 -19.48 7.20 -36.77
C ILE D 173 -18.98 8.62 -37.05
N ILE D 174 -19.86 9.44 -37.59
CA ILE D 174 -19.58 10.84 -37.89
C ILE D 174 -20.64 11.68 -37.19
N VAL D 175 -20.23 12.40 -36.15
CA VAL D 175 -21.14 13.23 -35.38
C VAL D 175 -20.68 14.68 -35.49
N GLU D 176 -21.62 15.58 -35.74
CA GLU D 176 -21.31 17.00 -35.87
C GLU D 176 -22.34 17.82 -35.12
N ARG D 177 -21.90 19.01 -34.69
CA ARG D 177 -22.77 19.98 -34.04
C ARG D 177 -22.56 21.33 -34.70
N ILE D 178 -23.64 21.94 -35.15
CA ILE D 178 -23.61 23.21 -35.88
C ILE D 178 -24.18 24.28 -34.96
N ILE D 179 -23.45 25.37 -34.77
CA ILE D 179 -23.86 26.45 -33.90
C ILE D 179 -23.96 27.73 -34.73
N LYS D 180 -25.09 28.43 -34.61
CA LYS D 180 -25.32 29.69 -35.28
C LYS D 180 -25.76 30.73 -34.27
N ARG D 181 -25.69 32.00 -34.67
CA ARG D 181 -25.90 33.12 -33.76
C ARG D 181 -27.34 33.25 -33.25
N ASP D 182 -28.30 32.53 -33.82
CA ASP D 182 -29.68 32.66 -33.38
C ASP D 182 -30.41 31.33 -33.54
N GLY D 183 -31.50 31.18 -32.80
CA GLY D 183 -32.31 29.99 -32.86
C GLY D 183 -31.67 28.81 -32.18
N PRO D 184 -32.30 27.63 -32.30
CA PRO D 184 -31.76 26.42 -31.67
C PRO D 184 -30.42 26.01 -32.24
N ALA D 185 -29.59 25.42 -31.39
CA ALA D 185 -28.34 24.82 -31.85
C ALA D 185 -28.63 23.58 -32.69
N SER D 186 -27.78 23.37 -33.70
CA SER D 186 -27.98 22.33 -34.70
C SER D 186 -27.12 21.13 -34.36
N PHE D 187 -27.71 19.93 -34.45
CA PHE D 187 -27.16 18.70 -33.88
C PHE D 187 -27.70 17.48 -34.62
N SER D 188 -26.80 16.67 -35.17
CA SER D 188 -27.18 15.60 -36.09
C SER D 188 -26.34 14.35 -35.88
N LEU D 189 -26.83 13.22 -36.40
CA LEU D 189 -26.04 12.00 -36.50
C LEU D 189 -25.83 11.64 -37.97
N ARG D 190 -24.57 11.43 -38.34
CA ARG D 190 -24.19 11.19 -39.73
C ARG D 190 -23.47 9.85 -39.82
N SER D 191 -23.71 9.13 -40.92
CA SER D 191 -23.12 7.81 -41.13
C SER D 191 -21.75 7.95 -41.79
N GLU D 192 -21.19 6.81 -42.21
CA GLU D 192 -19.89 6.81 -42.90
C GLU D 192 -19.98 7.47 -44.27
N ASN D 193 -20.95 7.04 -45.09
CA ASN D 193 -21.08 7.55 -46.44
C ASN D 193 -21.63 8.96 -46.46
N GLY D 194 -22.65 9.24 -45.65
CA GLY D 194 -23.23 10.57 -45.63
C GLY D 194 -24.73 10.67 -45.39
N LYS D 195 -25.45 9.54 -45.39
CA LYS D 195 -26.88 9.61 -45.11
C LYS D 195 -27.10 9.95 -43.64
N GLU D 196 -27.99 10.91 -43.39
CA GLU D 196 -28.25 11.40 -42.05
C GLU D 196 -28.99 10.35 -41.22
N ILE D 197 -28.56 10.18 -39.97
CA ILE D 197 -29.14 9.15 -39.11
C ILE D 197 -30.29 9.71 -38.30
N SER D 198 -30.01 10.69 -37.45
CA SER D 198 -30.99 11.20 -36.50
C SER D 198 -30.57 12.59 -36.02
N ASN D 199 -31.52 13.53 -36.05
CA ASN D 199 -31.30 14.89 -35.56
C ASN D 199 -31.81 15.01 -34.12
N LYS D 200 -31.32 14.10 -33.28
CA LYS D 200 -31.73 14.01 -31.89
C LYS D 200 -30.52 14.14 -30.98
N LYS D 201 -30.66 14.98 -29.96
CA LYS D 201 -29.59 15.27 -29.01
C LYS D 201 -29.35 14.13 -28.04
N LYS D 202 -30.39 13.35 -27.75
CA LYS D 202 -30.26 12.11 -27.01
C LYS D 202 -29.42 11.08 -27.75
N ASP D 203 -29.44 11.10 -29.08
CA ASP D 203 -28.63 10.17 -29.86
C ASP D 203 -27.15 10.40 -29.61
N ILE D 204 -26.71 11.66 -29.54
CA ILE D 204 -25.33 11.94 -29.19
C ILE D 204 -25.03 11.42 -27.80
N GLN D 205 -25.95 11.64 -26.86
CA GLN D 205 -25.73 11.26 -25.46
C GLN D 205 -25.87 9.76 -25.23
N THR D 206 -26.36 8.98 -26.20
CA THR D 206 -26.36 7.52 -26.08
C THR D 206 -25.25 6.86 -26.87
N VAL D 207 -24.83 7.44 -28.00
CA VAL D 207 -23.69 6.88 -28.73
C VAL D 207 -22.43 6.90 -27.86
N VAL D 208 -22.19 8.02 -27.18
CA VAL D 208 -21.01 8.11 -26.32
C VAL D 208 -21.21 7.30 -25.04
N ASP D 209 -22.42 7.26 -24.50
CA ASP D 209 -22.67 6.49 -23.28
C ASP D 209 -22.57 4.99 -23.54
N TYR D 210 -22.82 4.55 -24.77
CA TYR D 210 -22.69 3.16 -25.15
C TYR D 210 -21.24 2.70 -25.01
N SER D 216 -17.57 10.52 -22.68
CA SER D 216 -18.28 11.22 -21.61
C SER D 216 -17.36 11.49 -20.43
N ASN D 217 -16.30 10.69 -20.33
CA ASN D 217 -15.34 10.87 -19.25
C ASN D 217 -14.59 12.20 -19.44
N PRO D 218 -14.52 13.04 -18.41
CA PRO D 218 -13.87 14.35 -18.57
C PRO D 218 -12.36 14.27 -18.56
N MET D 219 -11.80 13.39 -17.73
CA MET D 219 -10.35 13.35 -17.56
C MET D 219 -9.66 12.82 -18.81
N CYS D 220 -10.27 11.86 -19.49
CA CYS D 220 -9.68 11.22 -20.67
C CYS D 220 -9.29 12.25 -21.72
N PHE D 221 -10.17 13.22 -21.97
CA PHE D 221 -9.93 14.21 -23.02
C PHE D 221 -9.61 15.57 -22.42
N GLN D 224 -7.27 21.41 -21.47
CA GLN D 224 -5.98 21.89 -20.98
C GLN D 224 -6.03 22.21 -19.49
N ASP D 225 -6.97 23.09 -19.11
CA ASP D 225 -7.14 23.46 -17.71
C ASP D 225 -7.61 22.31 -16.84
N ALA D 226 -8.39 21.37 -17.40
CA ALA D 226 -8.72 20.16 -16.67
C ALA D 226 -7.46 19.39 -16.31
N ALA D 227 -6.51 19.32 -17.23
CA ALA D 227 -5.22 18.71 -16.92
C ALA D 227 -4.44 19.54 -15.90
N ARG D 228 -4.40 20.85 -16.07
CA ARG D 228 -3.61 21.68 -15.16
C ARG D 228 -4.14 21.62 -13.74
N SER D 229 -5.44 21.40 -13.56
CA SER D 229 -5.98 21.24 -12.21
C SER D 229 -5.38 20.02 -11.53
N PHE D 230 -5.22 18.92 -12.27
CA PHE D 230 -4.48 17.76 -11.77
C PHE D 230 -2.98 18.04 -11.80
N LEU D 231 -2.51 18.63 -12.89
CA LEU D 231 -1.08 18.80 -13.17
C LEU D 231 -0.61 20.12 -12.54
N THR D 232 -0.66 20.16 -11.22
CA THR D 232 -0.25 21.33 -10.48
C THR D 232 0.10 20.89 -9.06
N ALA D 233 0.37 21.88 -8.20
CA ALA D 233 0.62 21.61 -6.79
C ALA D 233 -0.64 21.08 -6.12
N SER D 234 -0.52 19.92 -5.48
CA SER D 234 -1.63 19.31 -4.77
C SER D 234 -1.14 18.75 -3.44
N THR D 235 -2.08 18.50 -2.54
CA THR D 235 -1.79 17.99 -1.22
C THR D 235 -2.11 16.50 -1.15
N SER D 236 -1.93 15.93 0.04
CA SER D 236 -2.18 14.50 0.23
C SER D 236 -3.64 14.17 -0.03
N GLN D 237 -4.56 14.93 0.57
CA GLN D 237 -5.99 14.70 0.36
C GLN D 237 -6.53 15.56 -0.79
N ASP D 238 -5.80 15.57 -1.88
CA ASP D 238 -6.28 16.16 -3.13
C ASP D 238 -6.12 15.20 -4.30
N LYS D 239 -4.98 14.52 -4.40
CA LYS D 239 -4.77 13.58 -5.48
C LYS D 239 -5.64 12.33 -5.31
N TYR D 240 -6.00 11.99 -4.08
CA TYR D 240 -6.94 10.90 -3.86
C TYR D 240 -8.29 11.21 -4.50
N SER D 241 -8.81 12.43 -4.25
CA SER D 241 -10.05 12.84 -4.89
C SER D 241 -9.88 12.93 -6.41
N HIS D 242 -8.74 13.44 -6.85
CA HIS D 242 -8.47 13.53 -8.29
C HIS D 242 -8.55 12.16 -8.96
N PHE D 243 -7.89 11.17 -8.39
CA PHE D 243 -7.90 9.83 -8.96
C PHE D 243 -9.28 9.18 -8.85
N MET D 244 -9.96 9.37 -7.72
CA MET D 244 -11.28 8.78 -7.54
C MET D 244 -12.27 9.32 -8.57
N LYS D 245 -12.23 10.64 -8.81
CA LYS D 245 -13.07 11.23 -9.83
C LYS D 245 -12.63 10.84 -11.23
N GLY D 246 -11.32 10.66 -11.45
CA GLY D 246 -10.85 10.20 -12.74
C GLY D 246 -11.41 8.84 -13.11
N THR D 247 -11.47 7.93 -12.13
CA THR D 247 -12.04 6.61 -12.34
C THR D 247 -13.55 6.59 -12.11
N LEU D 248 -14.15 7.76 -11.88
CA LEU D 248 -15.57 7.88 -11.56
C LEU D 248 -15.93 7.00 -10.36
N LEU D 249 -14.94 6.74 -9.52
CA LEU D 249 -15.13 5.91 -8.33
C LEU D 249 -15.84 6.67 -7.24
N GLN D 250 -15.52 7.96 -7.07
CA GLN D 250 -16.19 8.78 -6.07
C GLN D 250 -17.69 8.84 -6.34
N GLU D 251 -18.07 9.06 -7.60
CA GLU D 251 -19.48 9.07 -7.97
C GLU D 251 -20.12 7.71 -7.72
N ILE D 252 -19.40 6.64 -8.06
CA ILE D 252 -19.92 5.29 -7.83
C ILE D 252 -20.14 5.06 -6.33
N THR D 253 -19.13 5.42 -5.53
CA THR D 253 -19.28 5.29 -4.09
C THR D 253 -20.35 6.21 -3.54
N GLU D 254 -20.42 7.44 -4.07
CA GLU D 254 -21.41 8.40 -3.58
C GLU D 254 -22.83 7.90 -3.83
N ASN D 255 -23.09 7.35 -5.02
CA ASN D 255 -24.40 6.79 -5.31
C ASN D 255 -24.72 5.65 -4.35
N LEU D 256 -23.72 4.81 -4.06
CA LEU D 256 -23.92 3.73 -3.09
C LEU D 256 -24.27 4.28 -1.72
N LEU D 257 -23.60 5.36 -1.31
CA LEU D 257 -23.91 5.99 -0.04
C LEU D 257 -25.35 6.51 -0.02
N TYR D 258 -25.77 7.12 -1.13
CA TYR D 258 -27.14 7.61 -1.23
C TYR D 258 -28.13 6.47 -1.10
N ALA D 259 -27.93 5.40 -1.88
CA ALA D 259 -28.83 4.25 -1.80
C ALA D 259 -28.78 3.62 -0.42
N SER D 260 -27.59 3.61 0.21
CA SER D 260 -27.47 3.11 1.57
C SER D 260 -28.36 3.91 2.52
N ALA D 261 -28.38 5.24 2.36
CA ALA D 261 -29.27 6.07 3.15
C ALA D 261 -30.72 5.73 2.89
N ILE D 262 -31.04 5.38 1.64
CA ILE D 262 -32.42 4.99 1.30
C ILE D 262 -32.81 3.74 2.06
N HIS D 263 -31.89 2.77 2.15
CA HIS D 263 -32.15 1.57 2.93
C HIS D 263 -32.43 1.91 4.38
N ASP D 264 -31.63 2.82 4.95
CA ASP D 264 -31.89 3.29 6.30
C ASP D 264 -33.25 3.99 6.38
N SER D 265 -33.53 4.86 5.41
CA SER D 265 -34.82 5.54 5.37
C SER D 265 -35.97 4.54 5.24
N ALA D 266 -35.79 3.55 4.36
CA ALA D 266 -36.80 2.48 4.25
C ALA D 266 -36.93 1.70 5.54
N GLN D 267 -35.79 1.43 6.20
CA GLN D 267 -35.83 0.74 7.49
C GLN D 267 -36.56 1.58 8.54
N GLU D 268 -36.40 2.90 8.50
CA GLU D 268 -37.15 3.75 9.42
C GLU D 268 -38.65 3.71 9.13
N ASN D 269 -39.02 3.74 7.86
CA ASN D 269 -40.43 3.75 7.50
C ASN D 269 -41.13 2.46 7.93
N MET D 270 -40.48 1.31 7.71
CA MET D 270 -41.11 0.05 8.08
C MET D 270 -41.29 -0.05 9.59
N ALA D 271 -40.37 0.57 10.36
CA ALA D 271 -40.57 0.67 11.80
C ALA D 271 -41.80 1.48 12.12
N LEU D 272 -42.00 2.59 11.39
CA LEU D 272 -43.23 3.38 11.58
C LEU D 272 -44.45 2.58 11.16
N HIS D 273 -44.36 1.86 10.04
CA HIS D 273 -45.48 1.03 9.59
C HIS D 273 -45.81 -0.04 10.62
N LEU D 274 -44.78 -0.69 11.17
CA LEU D 274 -44.99 -1.74 12.16
C LEU D 274 -45.68 -1.18 13.40
N GLU D 275 -45.31 0.02 13.82
CA GLU D 275 -45.99 0.67 14.93
C GLU D 275 -47.45 0.94 14.58
N ASN D 276 -47.71 1.37 13.34
CA ASN D 276 -49.08 1.63 12.92
C ASN D 276 -49.94 0.37 12.98
N LEU D 277 -49.34 -0.80 12.77
CA LEU D 277 -50.05 -2.06 12.96
C LEU D 277 -50.54 -2.18 14.40
N LYS D 278 -49.68 -1.87 15.37
CA LYS D 278 -50.04 -2.02 16.77
C LYS D 278 -51.18 -1.07 17.14
N SER D 279 -51.10 0.19 16.70
CA SER D 279 -52.15 1.16 17.02
C SER D 279 -53.48 0.77 16.39
N LEU D 280 -53.46 0.34 15.13
CA LEU D 280 -54.68 -0.12 14.48
C LEU D 280 -55.20 -1.39 15.14
N LYS D 281 -54.30 -2.28 15.57
CA LYS D 281 -54.71 -3.41 16.39
C LYS D 281 -55.19 -2.94 17.75
N ALA D 282 -54.57 -1.90 18.30
CA ALA D 282 -55.04 -1.33 19.56
C ALA D 282 -56.44 -0.73 19.41
N GLU D 283 -56.67 0.00 18.32
CA GLU D 283 -58.00 0.51 18.06
C GLU D 283 -58.99 -0.62 17.77
N TYR D 284 -58.49 -1.73 17.22
CA TYR D 284 -59.32 -2.93 17.10
C TYR D 284 -59.78 -3.42 18.47
N GLU D 285 -58.92 -3.27 19.48
CA GLU D 285 -59.33 -3.62 20.84
C GLU D 285 -60.27 -2.60 21.44
N ASP D 286 -60.15 -1.33 21.04
CA ASP D 286 -60.99 -0.28 21.59
C ASP D 286 -62.47 -0.53 21.29
N ALA D 287 -62.77 -0.91 20.06
CA ALA D 287 -64.15 -1.13 19.63
C ALA D 287 -64.58 -2.57 19.78
N LYS D 288 -63.76 -3.41 20.40
CA LYS D 288 -64.11 -4.82 20.61
C LYS D 288 -64.97 -4.99 21.86
N GLU D 923 -75.22 -1.56 16.95
CA GLU D 923 -74.71 -2.18 15.74
C GLU D 923 -73.80 -1.24 14.96
N GLU D 924 -73.99 0.07 15.18
CA GLU D 924 -73.15 1.05 14.49
C GLU D 924 -71.72 0.99 14.99
N VAL D 925 -71.51 0.71 16.28
CA VAL D 925 -70.17 0.55 16.81
C VAL D 925 -69.49 -0.68 16.19
N ILE D 926 -70.27 -1.73 15.92
CA ILE D 926 -69.73 -2.90 15.25
C ILE D 926 -69.21 -2.53 13.86
N ALA D 927 -69.98 -1.71 13.14
CA ALA D 927 -69.49 -1.20 11.85
C ALA D 927 -68.23 -0.38 12.05
N LEU D 928 -68.18 0.46 13.08
CA LEU D 928 -66.95 1.16 13.43
C LEU D 928 -65.89 0.15 13.87
N PHE D 929 -66.31 -0.92 14.55
CA PHE D 929 -65.36 -1.94 14.99
C PHE D 929 -64.70 -2.63 13.81
N GLU D 930 -65.48 -2.97 12.78
CA GLU D 930 -64.92 -3.65 11.62
C GLU D 930 -64.03 -2.72 10.80
N LYS D 931 -64.44 -1.46 10.64
CA LYS D 931 -63.68 -0.56 9.77
C LYS D 931 -62.29 -0.26 10.32
N CYS D 932 -62.08 -0.42 11.63
CA CYS D 932 -60.73 -0.28 12.16
C CYS D 932 -59.81 -1.39 11.62
N ARG D 933 -60.35 -2.60 11.50
CA ARG D 933 -59.53 -3.73 11.07
C ARG D 933 -59.13 -3.61 9.61
N ASN D 934 -59.99 -3.02 8.77
CA ASN D 934 -59.63 -2.88 7.37
C ASN D 934 -58.45 -1.93 7.21
N LYS D 935 -58.42 -0.85 8.00
CA LYS D 935 -57.23 -0.01 8.07
C LYS D 935 -56.03 -0.80 8.54
N TYR D 936 -56.24 -1.68 9.53
CA TYR D 936 -55.19 -2.58 9.98
C TYR D 936 -54.69 -3.44 8.83
N LYS D 937 -55.60 -3.95 8.00
CA LYS D 937 -55.19 -4.73 6.84
C LYS D 937 -54.43 -3.87 5.83
N GLU D 938 -54.87 -2.62 5.63
CA GLU D 938 -54.09 -1.71 4.80
C GLU D 938 -52.72 -1.48 5.40
N GLY D 939 -52.65 -1.28 6.72
CA GLY D 939 -51.36 -1.20 7.38
C GLY D 939 -50.54 -2.47 7.18
N GLN D 940 -51.18 -3.63 7.29
CA GLN D 940 -50.52 -4.88 6.97
C GLN D 940 -49.99 -4.86 5.54
N LYS D 941 -50.89 -4.68 4.57
CA LYS D 941 -50.51 -4.82 3.17
C LYS D 941 -49.41 -3.85 2.78
N LYS D 942 -49.51 -2.60 3.25
CA LYS D 942 -48.43 -1.65 3.02
C LYS D 942 -47.13 -2.11 3.67
N TYR D 943 -47.23 -2.74 4.84
CA TYR D 943 -46.03 -3.14 5.57
C TYR D 943 -45.22 -4.17 4.80
N MET D 944 -45.87 -5.25 4.34
CA MET D 944 -45.14 -6.26 3.59
C MET D 944 -44.55 -5.71 2.30
N GLU D 945 -45.24 -4.75 1.68
CA GLU D 945 -44.67 -4.11 0.49
C GLU D 945 -43.37 -3.40 0.82
N ILE D 946 -43.32 -2.72 1.95
CA ILE D 946 -42.08 -2.05 2.36
C ILE D 946 -40.98 -3.07 2.61
N ASP D 947 -41.30 -4.14 3.35
CA ASP D 947 -40.30 -5.15 3.66
C ASP D 947 -39.79 -5.82 2.38
N GLU D 948 -40.69 -6.14 1.46
CA GLU D 948 -40.31 -6.77 0.21
C GLU D 948 -39.39 -5.85 -0.59
N ALA D 949 -39.79 -4.58 -0.75
CA ALA D 949 -38.97 -3.62 -1.46
C ALA D 949 -37.64 -3.39 -0.75
N LEU D 950 -37.69 -3.21 0.57
CA LEU D 950 -36.49 -2.94 1.35
C LEU D 950 -35.52 -4.12 1.29
N ASN D 951 -36.04 -5.34 1.45
CA ASN D 951 -35.19 -6.52 1.44
C ASN D 951 -34.45 -6.65 0.11
N ARG D 952 -35.17 -6.53 -1.00
CA ARG D 952 -34.54 -6.56 -2.31
C ARG D 952 -33.53 -5.43 -2.44
N LEU D 953 -33.89 -4.23 -1.99
CA LEU D 953 -32.97 -3.11 -2.01
C LEU D 953 -31.79 -3.36 -1.09
N HIS D 954 -32.06 -3.85 0.13
CA HIS D 954 -30.98 -4.15 1.07
C HIS D 954 -30.06 -5.24 0.53
N ASN D 955 -30.65 -6.28 -0.08
CA ASN D 955 -29.85 -7.33 -0.70
C ASN D 955 -29.01 -6.75 -1.84
N SER D 956 -29.60 -5.86 -2.64
CA SER D 956 -28.86 -5.23 -3.73
C SER D 956 -27.67 -4.46 -3.20
N LEU D 957 -27.87 -3.65 -2.16
CA LEU D 957 -26.79 -2.82 -1.62
C LEU D 957 -25.66 -3.67 -1.07
N LYS D 958 -26.00 -4.72 -0.32
CA LYS D 958 -24.98 -5.63 0.19
C LYS D 958 -24.17 -6.21 -0.96
N ALA D 959 -24.84 -6.56 -2.06
CA ALA D 959 -24.13 -6.91 -3.28
C ALA D 959 -23.35 -5.71 -3.82
N ARG D 960 -23.98 -4.53 -3.82
CA ARG D 960 -23.32 -3.34 -4.35
C ARG D 960 -22.08 -2.98 -3.55
N ASP D 961 -22.16 -3.04 -2.22
CA ASP D 961 -20.95 -2.87 -1.41
C ASP D 961 -19.91 -3.90 -1.81
N GLN D 962 -20.32 -5.16 -1.92
CA GLN D 962 -19.43 -6.21 -2.39
C GLN D 962 -18.98 -5.95 -3.82
N ASN D 963 -19.89 -5.48 -4.68
CA ASN D 963 -19.54 -5.19 -6.07
C ASN D 963 -18.81 -3.87 -6.23
N TYR D 964 -18.75 -3.05 -5.19
CA TYR D 964 -17.96 -1.82 -5.22
C TYR D 964 -16.55 -2.03 -4.67
N LYS D 965 -16.40 -2.88 -3.65
CA LYS D 965 -15.07 -3.12 -3.11
C LYS D 965 -14.19 -3.95 -4.03
N ASN D 966 -14.74 -4.92 -4.75
CA ASN D 966 -13.97 -5.70 -5.70
C ASN D 966 -13.78 -4.98 -7.02
N ALA D 967 -14.54 -3.90 -7.25
CA ALA D 967 -14.28 -2.98 -8.35
C ALA D 967 -13.40 -1.83 -7.88
N GLU D 968 -13.03 -1.81 -6.61
CA GLU D 968 -12.06 -0.87 -6.08
C GLU D 968 -10.75 -1.57 -5.71
N LYS D 969 -10.76 -2.90 -5.64
CA LYS D 969 -9.56 -3.72 -5.49
C LYS D 969 -9.45 -4.56 -6.76
N GLY D 970 -8.51 -4.19 -7.61
CA GLY D 970 -8.41 -4.75 -8.94
C GLY D 970 -8.45 -3.62 -9.95
N THR D 971 -8.95 -2.48 -9.49
CA THR D 971 -8.93 -1.24 -10.27
C THR D 971 -7.89 -0.25 -9.79
N CYS D 972 -7.88 0.11 -8.50
CA CYS D 972 -6.81 0.91 -7.95
C CYS D 972 -5.49 0.15 -7.95
N PHE D 973 -5.53 -1.17 -7.94
CA PHE D 973 -4.32 -1.97 -7.97
C PHE D 973 -3.60 -1.88 -9.31
N ASP D 974 -4.33 -1.88 -10.42
CA ASP D 974 -3.69 -1.73 -11.72
C ASP D 974 -3.01 -0.38 -11.84
N ALA D 975 -3.50 0.63 -11.14
CA ALA D 975 -2.83 1.91 -11.04
C ALA D 975 -1.56 1.84 -10.20
N ASP D 976 -1.44 0.84 -9.33
CA ASP D 976 -0.26 0.71 -8.48
C ASP D 976 0.97 0.20 -9.21
N MET D 977 0.80 -0.79 -10.11
CA MET D 977 1.96 -1.34 -10.80
C MET D 977 2.56 -0.34 -11.78
N ASP D 978 1.71 0.31 -12.57
CA ASP D 978 2.16 1.27 -13.57
C ASP D 978 2.72 2.54 -12.94
N PHE D 979 2.71 2.64 -11.62
CA PHE D 979 3.50 3.62 -10.89
C PHE D 979 4.88 3.13 -10.52
N ARG D 980 5.02 1.83 -10.23
CA ARG D 980 6.32 1.27 -9.89
C ARG D 980 7.09 0.82 -11.11
N ALA D 981 6.43 0.36 -12.16
CA ALA D 981 7.09 0.03 -13.41
C ALA D 981 7.40 1.26 -14.24
N SER D 982 6.85 2.42 -13.87
CA SER D 982 7.18 3.68 -14.50
C SER D 982 8.20 4.48 -13.71
N LEU D 983 8.38 4.18 -12.43
CA LEU D 983 9.34 4.88 -11.58
C LEU D 983 10.75 4.31 -11.70
N LYS D 984 10.94 3.28 -12.51
CA LYS D 984 12.21 2.60 -12.66
C LYS D 984 13.04 3.16 -13.82
N VAL D 985 12.57 4.22 -14.47
CA VAL D 985 13.27 4.79 -15.61
C VAL D 985 14.20 5.92 -15.21
N ARG D 986 14.07 6.43 -13.99
CA ARG D 986 15.11 7.26 -13.39
C ARG D 986 15.87 6.50 -12.31
N LYS D 987 15.78 5.17 -12.32
CA LYS D 987 16.40 4.32 -11.30
C LYS D 987 15.91 4.72 -9.90
N PHE D 988 14.63 5.01 -9.81
CA PHE D 988 13.95 5.31 -8.56
C PHE D 988 13.13 4.10 -8.12
N SER D 989 12.56 4.18 -6.93
CA SER D 989 11.69 3.12 -6.44
C SER D 989 10.70 3.75 -5.46
N GLY D 990 9.54 3.11 -5.35
CA GLY D 990 8.47 3.66 -4.53
C GLY D 990 7.15 3.04 -4.91
N ASN D 991 6.09 3.60 -4.33
CA ASN D 991 4.72 3.12 -4.54
C ASN D 991 3.77 4.23 -4.13
N LEU D 992 2.47 3.95 -4.18
CA LEU D 992 1.45 4.90 -3.74
C LEU D 992 0.37 4.15 -2.98
N SER D 993 0.05 4.65 -1.79
CA SER D 993 -0.91 3.99 -0.91
C SER D 993 -2.32 4.52 -1.15
N PHE D 994 -3.30 3.78 -0.64
CA PHE D 994 -4.71 4.12 -0.76
C PHE D 994 -5.38 4.02 0.60
N ILE D 995 -4.78 4.66 1.61
CA ILE D 995 -5.37 4.72 2.95
C ILE D 995 -6.77 5.29 2.88
N LYS D 996 -7.75 4.55 3.41
CA LYS D 996 -9.15 4.87 3.20
C LYS D 996 -9.82 5.53 4.40
N ASP D 997 -9.13 5.68 5.53
CA ASP D 997 -9.76 6.31 6.68
C ASP D 997 -9.49 7.81 6.76
N THR D 998 -8.36 8.24 6.21
CA THR D 998 -8.05 9.67 6.12
C THR D 998 -8.12 10.19 4.69
N LYS D 999 -8.27 9.31 3.69
CA LYS D 999 -8.53 9.67 2.31
C LYS D 999 -7.41 10.53 1.73
N SER D 1000 -6.23 9.93 1.65
CA SER D 1000 -5.06 10.56 1.05
C SER D 1000 -4.48 9.64 -0.03
N LEU D 1001 -3.59 10.20 -0.84
CA LEU D 1001 -2.91 9.47 -1.91
C LEU D 1001 -1.42 9.77 -1.83
N GLU D 1002 -0.85 9.59 -0.63
CA GLU D 1002 0.55 9.91 -0.38
C GLU D 1002 1.45 9.19 -1.38
N ILE D 1003 2.44 9.91 -1.90
CA ILE D 1003 3.36 9.36 -2.89
C ILE D 1003 4.69 9.15 -2.17
N TYR D 1004 5.00 7.89 -1.86
CA TYR D 1004 6.29 7.54 -1.25
C TYR D 1004 7.25 7.16 -2.36
N ILE D 1005 8.05 8.13 -2.80
CA ILE D 1005 9.05 7.92 -3.84
C ILE D 1005 10.43 8.04 -3.22
N LEU D 1006 11.36 7.24 -3.72
CA LEU D 1006 12.72 7.23 -3.23
C LEU D 1006 13.69 7.41 -4.39
N THR D 1007 14.83 8.02 -4.07
CA THR D 1007 15.88 8.32 -5.03
C THR D 1007 16.94 7.23 -4.98
N THR D 1008 18.06 7.44 -5.69
CA THR D 1008 19.12 6.45 -5.81
C THR D 1008 20.09 6.48 -4.64
N ASN D 1009 19.97 7.45 -3.74
CA ASN D 1009 20.85 7.55 -2.59
C ASN D 1009 20.03 7.79 -1.31
N ASP D 1010 18.99 6.99 -1.13
CA ASP D 1010 18.17 7.05 0.09
C ASP D 1010 17.91 5.67 0.66
N GLU D 1011 17.51 5.59 1.92
CA GLU D 1011 17.28 4.31 2.56
C GLU D 1011 15.84 4.15 3.04
N LYS D 1012 15.27 5.22 3.60
CA LYS D 1012 13.94 5.14 4.19
C LYS D 1012 12.91 5.76 3.26
N ALA D 1013 11.67 5.30 3.38
CA ALA D 1013 10.57 5.80 2.57
C ALA D 1013 10.41 7.30 2.81
N ARG D 1014 10.72 8.09 1.79
CA ARG D 1014 10.75 9.54 1.91
C ARG D 1014 9.34 10.12 1.76
N ASN D 1015 9.18 11.35 2.25
CA ASN D 1015 7.90 12.04 2.17
C ASN D 1015 7.67 12.60 0.77
N VAL D 1016 6.48 13.16 0.55
CA VAL D 1016 6.14 13.71 -0.75
C VAL D 1016 6.59 15.16 -0.92
N ASP D 1017 6.77 15.90 0.17
CA ASP D 1017 7.09 17.31 0.11
C ASP D 1017 8.58 17.63 0.21
N THR D 1018 9.38 16.71 0.76
CA THR D 1018 10.82 16.94 0.87
C THR D 1018 11.47 17.03 -0.50
N LEU D 1019 11.07 16.17 -1.42
CA LEU D 1019 11.62 16.18 -2.76
C LEU D 1019 11.22 17.45 -3.51
N SER D 1020 12.05 17.86 -4.46
CA SER D 1020 11.81 19.05 -5.26
C SER D 1020 12.31 18.82 -6.67
N GLY D 1021 11.83 19.65 -7.59
CA GLY D 1021 12.30 19.67 -8.97
C GLY D 1021 12.10 18.38 -9.75
N GLY D 1022 13.20 17.67 -10.03
CA GLY D 1022 13.10 16.45 -10.81
C GLY D 1022 12.30 15.37 -10.11
N GLU D 1023 12.42 15.30 -8.78
CA GLU D 1023 11.68 14.33 -7.99
C GLU D 1023 10.27 14.82 -7.64
N LYS D 1024 9.85 15.95 -8.20
CA LYS D 1024 8.47 16.37 -8.08
C LYS D 1024 7.77 16.24 -9.43
N SER D 1025 8.43 16.68 -10.50
CA SER D 1025 7.84 16.55 -11.83
C SER D 1025 7.68 15.10 -12.27
N PHE D 1026 8.69 14.28 -12.00
CA PHE D 1026 8.66 12.87 -12.41
C PHE D 1026 7.68 12.06 -11.58
N SER D 1027 7.46 12.43 -10.32
CA SER D 1027 6.37 11.87 -9.53
C SER D 1027 5.01 12.35 -10.00
N GLN D 1028 4.90 13.64 -10.33
CA GLN D 1028 3.69 14.20 -10.92
C GLN D 1028 3.24 13.42 -12.15
N MET D 1029 4.16 13.26 -13.11
CA MET D 1029 3.75 12.71 -14.40
C MET D 1029 3.53 11.20 -14.30
N ALA D 1030 4.24 10.56 -13.37
CA ALA D 1030 3.94 9.17 -13.05
C ALA D 1030 2.56 9.04 -12.43
N LEU D 1031 2.20 9.93 -11.52
CA LEU D 1031 0.87 9.92 -10.94
C LEU D 1031 -0.18 10.12 -12.03
N LEU D 1032 0.16 10.94 -13.04
CA LEU D 1032 -0.68 11.04 -14.22
C LEU D 1032 -0.88 9.68 -14.87
N LEU D 1033 0.20 9.09 -15.40
CA LEU D 1033 0.07 7.95 -16.29
C LEU D 1033 -0.66 6.78 -15.64
N ALA D 1034 -0.51 6.62 -14.33
CA ALA D 1034 -1.15 5.51 -13.66
C ALA D 1034 -2.67 5.63 -13.67
N THR D 1035 -3.18 6.85 -13.68
CA THR D 1035 -4.62 7.06 -13.49
C THR D 1035 -5.43 6.49 -14.65
N TRP D 1036 -4.97 6.66 -15.89
CA TRP D 1036 -5.77 6.23 -17.01
C TRP D 1036 -5.64 4.73 -17.30
N LYS D 1037 -4.68 4.06 -16.68
CA LYS D 1037 -4.48 2.64 -16.94
C LYS D 1037 -5.69 1.77 -16.60
N PRO D 1038 -6.29 1.86 -15.40
CA PRO D 1038 -7.38 0.92 -15.08
C PRO D 1038 -8.58 1.03 -16.01
N MET D 1039 -8.88 2.22 -16.53
CA MET D 1039 -10.01 2.41 -17.41
C MET D 1039 -9.61 1.97 -18.81
N ARG D 1040 -10.36 1.02 -19.37
CA ARG D 1040 -10.07 0.55 -20.72
C ARG D 1040 -10.71 1.52 -21.70
N SER D 1041 -9.88 2.39 -22.26
CA SER D 1041 -10.29 3.30 -23.33
C SER D 1041 -9.56 2.90 -24.60
N ARG D 1042 -9.77 3.64 -25.68
CA ARG D 1042 -9.08 3.40 -26.93
C ARG D 1042 -8.31 4.59 -27.47
N ILE D 1043 -8.52 5.80 -26.93
CA ILE D 1043 -7.74 6.97 -27.29
C ILE D 1043 -7.52 7.80 -26.03
N ILE D 1044 -6.34 8.38 -25.90
CA ILE D 1044 -6.00 9.28 -24.81
C ILE D 1044 -5.46 10.58 -25.40
N ALA D 1045 -5.86 11.69 -24.81
CA ALA D 1045 -5.43 13.01 -25.25
C ALA D 1045 -4.90 13.80 -24.05
N LEU D 1046 -3.97 14.70 -24.32
CA LEU D 1046 -3.37 15.53 -23.28
C LEU D 1046 -2.85 16.79 -23.93
N ASP D 1047 -2.93 17.90 -23.19
CA ASP D 1047 -2.52 19.20 -23.70
C ASP D 1047 -1.77 19.96 -22.63
N GLN D 1048 -0.63 20.53 -23.00
CA GLN D 1048 0.13 21.46 -22.17
C GLN D 1048 0.52 20.84 -20.83
N PHE D 1049 1.39 19.83 -20.92
CA PHE D 1049 1.94 19.19 -19.73
C PHE D 1049 3.16 19.91 -19.18
N ASP D 1050 3.51 21.07 -19.75
CA ASP D 1050 4.69 21.84 -19.37
C ASP D 1050 4.35 23.00 -18.45
N VAL D 1051 3.40 22.79 -17.52
CA VAL D 1051 2.88 23.89 -16.71
C VAL D 1051 3.95 24.44 -15.77
N PHE D 1052 4.69 23.55 -15.10
CA PHE D 1052 5.82 24.01 -14.30
C PHE D 1052 7.00 23.05 -14.31
N MET D 1053 7.01 22.03 -15.17
CA MET D 1053 8.18 21.20 -15.36
C MET D 1053 9.14 21.87 -16.33
N ASP D 1054 10.42 21.90 -15.96
CA ASP D 1054 11.43 22.52 -16.82
C ASP D 1054 11.67 21.66 -18.05
N GLN D 1055 12.22 22.30 -19.10
CA GLN D 1055 12.47 21.60 -20.35
C GLN D 1055 13.47 20.47 -20.16
N VAL D 1056 14.46 20.68 -19.30
CA VAL D 1056 15.43 19.62 -19.01
C VAL D 1056 14.74 18.39 -18.44
N ASN D 1057 13.77 18.60 -17.54
CA ASN D 1057 12.95 17.51 -17.06
C ASN D 1057 11.81 17.18 -18.00
N ARG D 1058 11.40 18.13 -18.86
CA ARG D 1058 10.35 17.84 -19.82
C ARG D 1058 10.80 16.79 -20.83
N LYS D 1059 12.07 16.80 -21.21
CA LYS D 1059 12.58 15.76 -22.11
C LYS D 1059 12.50 14.39 -21.46
N ILE D 1060 12.85 14.29 -20.18
CA ILE D 1060 12.76 13.01 -19.48
C ILE D 1060 11.31 12.56 -19.38
N GLY D 1061 10.41 13.50 -19.09
CA GLY D 1061 9.00 13.16 -19.08
C GLY D 1061 8.51 12.66 -20.43
N THR D 1062 9.00 13.28 -21.51
CA THR D 1062 8.63 12.85 -22.86
C THR D 1062 9.14 11.44 -23.13
N THR D 1063 10.36 11.14 -22.69
CA THR D 1063 10.89 9.78 -22.83
C THR D 1063 10.02 8.78 -22.08
N LEU D 1064 9.62 9.12 -20.85
CA LEU D 1064 8.74 8.22 -20.10
C LEU D 1064 7.41 8.02 -20.82
N ILE D 1065 6.84 9.09 -21.36
CA ILE D 1065 5.59 8.99 -22.10
C ILE D 1065 5.74 8.07 -23.31
N VAL D 1066 6.79 8.26 -24.10
CA VAL D 1066 6.92 7.48 -25.32
C VAL D 1066 7.16 6.01 -25.01
N LYS D 1067 7.95 5.73 -23.96
CA LYS D 1067 8.19 4.33 -23.62
C LYS D 1067 6.95 3.69 -23.02
N LYS D 1068 6.14 4.44 -22.27
CA LYS D 1068 4.96 3.85 -21.64
C LYS D 1068 3.82 3.68 -22.64
N LEU D 1069 3.72 4.56 -23.64
CA LEU D 1069 2.53 4.59 -24.47
C LEU D 1069 2.75 4.11 -25.90
N LYS D 1070 3.96 4.27 -26.45
CA LYS D 1070 4.18 3.89 -27.85
C LYS D 1070 4.02 2.39 -28.04
N ASP D 1071 4.40 1.59 -27.04
CA ASP D 1071 4.29 0.14 -27.16
C ASP D 1071 2.84 -0.33 -27.16
N ILE D 1072 1.91 0.43 -26.61
CA ILE D 1072 0.52 0.02 -26.57
C ILE D 1072 -0.06 0.08 -27.98
N ALA D 1073 -0.62 -1.04 -28.43
CA ALA D 1073 -1.27 -1.12 -29.73
C ALA D 1073 -2.79 -1.06 -29.62
N ARG D 1074 -3.32 -0.76 -28.44
CA ARG D 1074 -4.76 -0.68 -28.23
C ARG D 1074 -5.15 0.62 -27.55
N THR D 1075 -4.28 1.64 -27.63
CA THR D 1075 -4.57 2.95 -27.05
C THR D 1075 -3.80 3.97 -27.88
N GLN D 1076 -4.54 4.80 -28.63
CA GLN D 1076 -3.94 5.83 -29.49
C GLN D 1076 -3.78 7.09 -28.67
N THR D 1077 -2.55 7.58 -28.57
CA THR D 1077 -2.26 8.80 -27.82
C THR D 1077 -2.33 10.01 -28.73
N ILE D 1078 -3.13 11.00 -28.32
CA ILE D 1078 -3.35 12.20 -29.12
C ILE D 1078 -2.85 13.42 -28.35
N ILE D 1079 -1.79 13.24 -27.58
CA ILE D 1079 -1.20 14.36 -26.85
C ILE D 1079 -0.77 15.45 -27.84
N ILE D 1080 -0.95 16.71 -27.45
CA ILE D 1080 -0.59 17.86 -28.27
C ILE D 1080 0.33 18.75 -27.46
N THR D 1081 1.36 19.28 -28.12
CA THR D 1081 2.38 20.09 -27.46
C THR D 1081 3.01 21.05 -28.49
N PRO D 1082 3.20 22.32 -28.13
CA PRO D 1082 3.77 23.27 -29.10
C PRO D 1082 5.18 22.93 -29.56
N GLN D 1083 6.10 22.75 -28.61
CA GLN D 1083 7.50 22.53 -28.94
C GLN D 1083 7.69 21.17 -29.61
N ASP D 1084 8.65 21.12 -30.54
CA ASP D 1084 8.97 19.90 -31.25
C ASP D 1084 9.97 19.05 -30.48
N THR E 285 19.02 22.96 -29.56
CA THR E 285 19.65 22.08 -28.59
C THR E 285 19.33 22.50 -27.16
N PRO E 286 18.13 22.17 -26.70
CA PRO E 286 17.73 22.57 -25.34
C PRO E 286 18.54 21.90 -24.25
N GLU E 287 18.56 20.57 -24.24
CA GLU E 287 19.24 19.83 -23.19
C GLU E 287 20.75 19.95 -23.35
N GLN E 288 21.27 19.41 -24.45
CA GLN E 288 22.65 19.59 -24.91
C GLN E 288 23.63 19.33 -23.76
N VAL E 289 23.22 18.52 -22.79
CA VAL E 289 24.10 18.19 -21.67
C VAL E 289 25.23 17.27 -22.10
N LYS E 290 24.93 16.27 -22.94
CA LYS E 290 25.93 15.30 -23.35
C LYS E 290 26.94 15.87 -24.34
N LYS E 291 26.64 17.01 -24.98
CA LYS E 291 27.60 17.61 -25.90
C LYS E 291 28.86 18.05 -25.17
N CYS E 292 28.71 18.58 -23.95
CA CYS E 292 29.89 18.92 -23.15
C CYS E 292 30.71 17.67 -22.85
N PHE E 293 30.07 16.56 -22.53
CA PHE E 293 30.80 15.33 -22.26
C PHE E 293 31.51 14.83 -23.51
N LYS E 294 30.86 14.92 -24.68
CA LYS E 294 31.47 14.47 -25.92
C LYS E 294 32.59 15.39 -26.40
N LYS E 295 32.55 16.67 -26.07
CA LYS E 295 33.71 17.50 -26.37
C LYS E 295 34.84 17.23 -25.38
N LEU E 296 34.50 17.03 -24.10
CA LEU E 296 35.51 16.78 -23.08
C LEU E 296 36.28 15.50 -23.37
N SER E 297 35.58 14.36 -23.35
CA SER E 297 36.27 13.10 -23.64
C SER E 297 36.31 12.81 -25.13
N LYS E 298 36.63 13.82 -25.92
CA LYS E 298 37.17 13.65 -27.27
C LYS E 298 38.28 14.64 -27.59
N LYS E 299 38.36 15.78 -26.90
CA LYS E 299 39.41 16.77 -27.14
C LYS E 299 40.33 16.95 -25.94
N LEU E 300 39.79 16.98 -24.72
CA LEU E 300 40.62 17.21 -23.55
C LEU E 300 41.41 15.96 -23.17
N GLY E 301 40.73 14.82 -23.07
CA GLY E 301 41.35 13.59 -22.66
C GLY E 301 40.64 12.96 -21.48
N PRO E 302 40.76 11.65 -21.33
CA PRO E 302 40.07 10.96 -20.23
C PRO E 302 40.47 11.44 -18.84
N GLU E 303 41.66 12.01 -18.68
CA GLU E 303 42.13 12.47 -17.38
C GLU E 303 42.71 13.89 -17.49
N GLY E 304 42.11 14.72 -18.34
CA GLY E 304 42.57 16.08 -18.51
C GLY E 304 41.94 17.04 -17.51
N SER E 305 42.58 18.19 -17.34
CA SER E 305 42.14 19.19 -16.37
C SER E 305 42.14 20.58 -17.00
N ILE E 306 41.00 21.27 -16.89
CA ILE E 306 40.86 22.65 -17.32
C ILE E 306 40.08 23.41 -16.24
N ASN E 307 40.00 24.73 -16.39
CA ASN E 307 39.59 25.61 -15.31
C ASN E 307 38.48 26.56 -15.78
N LEU E 308 37.99 27.39 -14.85
CA LEU E 308 37.24 28.58 -15.21
C LEU E 308 38.03 29.46 -16.15
N PHE E 309 39.35 29.48 -16.00
CA PHE E 309 40.21 30.28 -16.86
C PHE E 309 40.22 29.78 -18.29
N LYS E 310 39.58 28.65 -18.58
CA LYS E 310 39.66 28.03 -19.90
C LYS E 310 38.32 27.70 -20.53
N PHE E 311 37.28 27.33 -19.77
CA PHE E 311 36.09 26.74 -20.35
C PHE E 311 34.84 27.60 -20.19
N ILE E 312 34.48 27.98 -18.95
CA ILE E 312 33.27 28.77 -18.73
C ILE E 312 33.32 30.09 -19.47
N ILE E 313 34.53 30.60 -19.73
CA ILE E 313 34.69 31.88 -20.40
C ILE E 313 34.12 31.84 -21.81
N ASP E 314 33.90 33.04 -22.37
CA ASP E 314 33.55 33.20 -23.76
C ASP E 314 34.00 34.59 -24.15
N PRO E 315 34.74 34.75 -25.25
CA PRO E 315 35.34 36.05 -25.56
C PRO E 315 34.40 37.06 -26.22
N ASN E 316 33.22 36.65 -26.65
CA ASN E 316 32.34 37.58 -27.37
C ASN E 316 30.96 37.73 -26.75
N SER E 317 30.39 36.66 -26.19
CA SER E 317 29.05 36.69 -25.64
C SER E 317 29.06 36.40 -24.15
N PHE E 318 28.01 36.86 -23.47
CA PHE E 318 27.78 36.56 -22.07
C PHE E 318 26.80 35.43 -21.85
N SER E 319 25.85 35.23 -22.76
CA SER E 319 24.92 34.10 -22.64
C SER E 319 25.67 32.77 -22.68
N ARG E 320 26.45 32.56 -23.73
CA ARG E 320 27.25 31.34 -23.85
C ARG E 320 28.28 31.21 -22.74
N SER E 321 28.62 32.30 -22.07
CA SER E 321 29.55 32.28 -20.95
C SER E 321 28.90 31.82 -19.65
N ILE E 322 27.57 31.75 -19.60
CA ILE E 322 26.88 31.26 -18.41
C ILE E 322 26.12 29.96 -18.69
N GLU E 323 25.73 29.70 -19.94
CA GLU E 323 25.15 28.41 -20.26
C GLU E 323 26.17 27.30 -20.05
N ASN E 324 27.44 27.55 -20.35
CA ASN E 324 28.48 26.56 -20.10
C ASN E 324 28.58 26.25 -18.61
N LEU E 325 28.51 27.28 -17.77
CA LEU E 325 28.50 27.08 -16.32
C LEU E 325 27.29 26.27 -15.88
N PHE E 326 26.12 26.56 -16.46
CA PHE E 326 24.89 25.87 -16.08
C PHE E 326 24.94 24.40 -16.50
N TYR E 327 25.50 24.12 -17.68
CA TYR E 327 25.67 22.75 -18.14
C TYR E 327 26.70 22.02 -17.28
N THR E 328 27.74 22.73 -16.83
CA THR E 328 28.69 22.15 -15.89
C THR E 328 28.01 21.80 -14.57
N SER E 329 27.07 22.65 -14.14
CA SER E 329 26.27 22.33 -12.96
C SER E 329 25.50 21.03 -13.15
N PHE E 330 24.87 20.86 -14.32
CA PHE E 330 24.24 19.57 -14.62
C PHE E 330 25.25 18.42 -14.57
N LEU E 331 26.41 18.61 -15.19
CA LEU E 331 27.39 17.53 -15.27
C LEU E 331 27.87 17.11 -13.89
N ILE E 332 28.17 18.08 -13.03
CA ILE E 332 28.63 17.76 -11.68
C ILE E 332 27.50 17.20 -10.82
N LYS E 333 26.25 17.62 -11.07
CA LYS E 333 25.13 16.97 -10.40
C LYS E 333 25.01 15.51 -10.83
N GLU E 334 25.33 15.22 -12.09
CA GLU E 334 25.36 13.85 -12.58
C GLU E 334 26.55 13.05 -12.07
N GLY E 335 27.51 13.71 -11.41
CA GLY E 335 28.67 13.04 -10.87
C GLY E 335 29.59 12.45 -11.92
N LYS E 336 29.86 13.22 -12.98
CA LYS E 336 30.74 12.79 -14.05
C LYS E 336 31.98 13.67 -14.19
N LEU E 337 32.18 14.64 -13.30
CA LEU E 337 33.32 15.54 -13.36
C LEU E 337 33.94 15.65 -11.97
N LEU E 338 35.26 15.53 -11.90
CA LEU E 338 35.97 15.67 -10.64
C LEU E 338 36.46 17.11 -10.49
N MET E 339 36.05 17.74 -9.40
CA MET E 339 36.19 19.19 -9.14
C MET E 339 36.69 19.43 -7.72
N GLU E 340 37.99 19.49 -7.52
CA GLU E 340 38.51 19.86 -6.22
C GLU E 340 39.44 21.07 -6.36
N HIS E 341 39.13 22.13 -5.62
CA HIS E 341 39.90 23.36 -5.68
C HIS E 341 41.27 23.15 -5.05
N ASP E 342 42.32 23.26 -5.85
CA ASP E 342 43.66 23.33 -5.31
C ASP E 342 43.90 24.72 -4.71
N GLU E 343 44.96 24.83 -3.90
CA GLU E 343 45.22 26.06 -3.17
C GLU E 343 45.83 27.16 -4.05
N GLU E 344 46.10 26.88 -5.32
CA GLU E 344 46.56 27.92 -6.23
C GLU E 344 45.48 28.99 -6.42
N GLY E 345 44.21 28.60 -6.43
CA GLY E 345 43.13 29.53 -6.59
C GLY E 345 42.26 29.17 -7.78
N LEU E 346 42.88 28.63 -8.83
CA LEU E 346 42.14 28.27 -10.02
C LEU E 346 41.29 27.02 -9.79
N PRO E 347 40.08 26.99 -10.33
CA PRO E 347 39.26 25.77 -10.24
C PRO E 347 39.77 24.69 -11.16
N THR E 348 39.39 23.45 -10.85
CA THR E 348 39.85 22.27 -11.60
C THR E 348 38.68 21.36 -11.91
N ILE E 349 38.15 21.43 -13.13
CA ILE E 349 37.22 20.42 -13.65
C ILE E 349 38.04 19.38 -14.40
N LYS E 350 38.07 18.16 -13.88
CA LYS E 350 38.66 17.04 -14.58
C LYS E 350 37.62 15.93 -14.72
N ILE E 351 37.68 15.21 -15.83
CA ILE E 351 36.68 14.18 -16.13
C ILE E 351 36.87 13.04 -15.13
N LYS E 352 35.88 12.86 -14.25
CA LYS E 352 35.92 11.77 -13.29
C LYS E 352 35.81 10.45 -14.04
N GLN E 353 36.93 9.77 -14.20
CA GLN E 353 37.01 8.54 -15.00
C GLN E 353 37.29 7.38 -14.06
N SER E 354 36.21 6.77 -13.56
CA SER E 354 36.35 5.52 -12.82
C SER E 354 36.77 4.43 -13.79
N ILE E 355 37.81 3.67 -13.42
CA ILE E 355 38.26 2.57 -14.25
C ILE E 355 37.12 1.58 -14.42
N SER E 356 36.97 1.05 -15.64
CA SER E 356 35.75 0.33 -16.00
C SER E 356 35.55 -0.93 -15.16
N HIS E 357 34.62 -0.85 -14.21
CA HIS E 357 34.21 -1.98 -13.39
C HIS E 357 32.70 -1.89 -13.21
N THR E 358 31.97 -2.83 -13.81
CA THR E 358 30.52 -2.79 -13.74
C THR E 358 29.96 -3.29 -12.42
N ASP E 359 30.78 -3.87 -11.55
CA ASP E 359 30.31 -4.32 -10.25
C ASP E 359 29.92 -3.12 -9.39
N SER E 360 28.77 -3.20 -8.74
CA SER E 360 28.26 -2.13 -7.91
C SER E 360 27.82 -2.58 -6.53
N ARG E 361 28.24 -3.76 -6.07
CA ARG E 361 27.88 -4.21 -4.73
C ARG E 361 28.45 -3.30 -3.66
N SER E 362 29.62 -2.71 -3.89
CA SER E 362 30.16 -1.69 -2.99
C SER E 362 30.50 -0.37 -3.68
N LYS E 363 30.58 -0.35 -5.01
CA LYS E 363 30.74 0.93 -5.70
C LYS E 363 29.53 1.83 -5.50
N GLU E 364 28.33 1.25 -5.55
CA GLU E 364 27.12 2.04 -5.32
C GLU E 364 27.12 2.64 -3.91
N ILE E 365 27.41 1.83 -2.90
CA ILE E 365 27.43 2.35 -1.54
C ILE E 365 28.63 3.27 -1.33
N GLU E 366 29.74 3.04 -2.04
CA GLU E 366 30.87 3.96 -1.96
C GLU E 366 30.47 5.34 -2.45
N ARG E 367 29.82 5.41 -3.61
CA ARG E 367 29.36 6.70 -4.13
C ARG E 367 28.28 7.29 -3.22
N GLN E 368 27.42 6.43 -2.65
CA GLN E 368 26.31 6.90 -1.84
C GLN E 368 26.79 7.48 -0.50
N ARG E 369 27.86 6.91 0.07
CA ARG E 369 28.52 7.52 1.22
C ARG E 369 29.37 8.73 0.85
N ARG E 370 29.98 8.75 -0.34
CA ARG E 370 30.69 9.94 -0.76
C ARG E 370 29.73 11.12 -0.90
N ARG E 371 28.52 10.86 -1.40
CA ARG E 371 27.47 11.87 -1.40
C ARG E 371 26.87 12.06 -0.01
N ALA E 372 26.96 11.05 0.85
CA ALA E 372 26.60 11.23 2.25
C ALA E 372 27.66 11.97 3.03
N ALA E 373 28.92 11.94 2.57
CA ALA E 373 29.95 12.83 3.07
C ALA E 373 29.63 14.21 2.51
N HIS E 374 28.81 14.94 3.26
CA HIS E 374 28.04 16.05 2.72
C HIS E 374 28.94 17.07 2.03
N GLN E 375 28.51 17.46 0.83
CA GLN E 375 29.35 18.13 -0.16
C GLN E 375 28.89 19.59 -0.23
N ASN E 376 29.44 20.41 0.66
CA ASN E 376 29.04 21.81 0.73
C ASN E 376 29.05 22.46 -0.65
N HIS E 377 28.01 23.24 -0.93
CA HIS E 377 27.59 23.46 -2.30
C HIS E 377 28.07 24.81 -2.82
N ILE E 378 28.92 24.74 -3.85
CA ILE E 378 29.71 25.89 -4.31
C ILE E 378 28.76 26.97 -4.81
N ILE E 379 28.99 28.21 -4.36
CA ILE E 379 28.37 29.37 -4.97
C ILE E 379 29.31 29.97 -6.00
N PHE E 380 29.19 29.50 -7.25
CA PHE E 380 30.12 29.88 -8.31
C PHE E 380 29.61 31.14 -9.00
N GLN E 381 29.63 32.24 -8.25
CA GLN E 381 29.12 33.51 -8.74
C GLN E 381 30.02 34.05 -9.84
N MET E 382 29.41 34.46 -10.95
CA MET E 382 30.12 35.07 -12.06
C MET E 382 29.29 36.25 -12.55
N ASP E 383 29.90 37.41 -12.63
CA ASP E 383 29.17 38.66 -12.82
C ASP E 383 29.35 39.18 -14.24
N MET E 384 28.58 40.22 -14.56
CA MET E 384 28.59 40.84 -15.89
C MET E 384 29.84 41.70 -16.11
N PRO E 385 30.14 42.68 -15.25
CA PRO E 385 31.31 43.54 -15.56
C PRO E 385 32.62 42.79 -15.52
N THR E 386 32.77 41.82 -14.62
CA THR E 386 34.02 41.10 -14.46
C THR E 386 34.13 39.88 -15.37
N TRP E 387 33.12 39.63 -16.20
CA TRP E 387 33.23 38.59 -17.21
C TRP E 387 34.38 38.88 -18.17
N ARG E 388 34.76 40.15 -18.30
CA ARG E 388 35.93 40.54 -19.07
C ARG E 388 37.20 40.63 -18.24
N LYS E 389 37.11 40.39 -16.92
CA LYS E 389 38.28 40.49 -16.07
C LYS E 389 39.01 39.16 -15.94
N LEU E 390 38.26 38.06 -15.92
CA LEU E 390 38.83 36.71 -15.79
C LEU E 390 38.83 35.96 -17.10
N ILE E 391 39.15 36.63 -18.22
CA ILE E 391 39.13 36.00 -19.53
C ILE E 391 40.00 34.76 -19.50
N LYS E 392 41.31 34.90 -19.28
CA LYS E 392 42.12 33.79 -18.79
C LYS E 392 42.71 34.13 -17.42
N LYS E 393 43.60 35.11 -17.35
CA LYS E 393 43.85 35.87 -16.12
C LYS E 393 44.08 37.35 -16.38
N TYR E 394 44.50 37.73 -17.59
CA TYR E 394 44.80 39.11 -17.95
C TYR E 394 44.21 39.43 -19.31
N ASN E 395 42.97 38.98 -19.52
CA ASN E 395 42.13 39.39 -20.65
C ASN E 395 42.59 38.83 -21.98
N ILE E 396 43.23 37.65 -22.00
CA ILE E 396 43.69 37.06 -23.26
C ILE E 396 43.38 35.57 -23.35
N THR E 397 42.29 35.22 -24.05
CA THR E 397 42.12 33.87 -24.60
C THR E 397 41.98 33.89 -26.11
N SER E 398 40.98 34.57 -26.65
CA SER E 398 40.76 34.68 -28.08
C SER E 398 39.79 35.82 -28.38
N PRO E 399 40.17 37.08 -28.12
CA PRO E 399 39.24 38.20 -28.33
C PRO E 399 38.88 38.40 -29.79
#